data_3DW7
# 
_entry.id   3DW7 
# 
_audit_conform.dict_name       mmcif_pdbx.dic 
_audit_conform.dict_version    5.387 
_audit_conform.dict_location   http://mmcif.pdb.org/dictionaries/ascii/mmcif_pdbx.dic 
# 
loop_
_database_2.database_id 
_database_2.database_code 
_database_2.pdbx_database_accession 
_database_2.pdbx_DOI 
PDB   3DW7         pdb_00003dw7 10.2210/pdb3dw7/pdb 
NDB   UR0165       ?            ?                   
RCSB  RCSB048565   ?            ?                   
WWPDB D_1000048565 ?            ?                   
# 
loop_
_pdbx_audit_revision_history.ordinal 
_pdbx_audit_revision_history.data_content_type 
_pdbx_audit_revision_history.major_revision 
_pdbx_audit_revision_history.minor_revision 
_pdbx_audit_revision_history.revision_date 
1 'Structure model' 1 0 2009-03-24 
2 'Structure model' 1 1 2011-07-13 
3 'Structure model' 1 2 2024-02-21 
# 
_pdbx_audit_revision_details.ordinal             1 
_pdbx_audit_revision_details.revision_ordinal    1 
_pdbx_audit_revision_details.data_content_type   'Structure model' 
_pdbx_audit_revision_details.provider            repository 
_pdbx_audit_revision_details.type                'Initial release' 
_pdbx_audit_revision_details.description         ? 
_pdbx_audit_revision_details.details             ? 
# 
loop_
_pdbx_audit_revision_group.ordinal 
_pdbx_audit_revision_group.revision_ordinal 
_pdbx_audit_revision_group.data_content_type 
_pdbx_audit_revision_group.group 
1 2 'Structure model' 'Version format compliance' 
2 3 'Structure model' 'Data collection'           
3 3 'Structure model' 'Database references'       
4 3 'Structure model' 'Derived calculations'      
# 
loop_
_pdbx_audit_revision_category.ordinal 
_pdbx_audit_revision_category.revision_ordinal 
_pdbx_audit_revision_category.data_content_type 
_pdbx_audit_revision_category.category 
1 3 'Structure model' chem_comp_atom 
2 3 'Structure model' chem_comp_bond 
3 3 'Structure model' database_2     
4 3 'Structure model' struct_conn    
# 
loop_
_pdbx_audit_revision_item.ordinal 
_pdbx_audit_revision_item.revision_ordinal 
_pdbx_audit_revision_item.data_content_type 
_pdbx_audit_revision_item.item 
1 3 'Structure model' '_database_2.pdbx_DOI'                
2 3 'Structure model' '_database_2.pdbx_database_accession' 
3 3 'Structure model' '_struct_conn.pdbx_leaving_atom_flag' 
# 
_pdbx_database_status.entry_id                        3DW7 
_pdbx_database_status.deposit_site                    RCSB 
_pdbx_database_status.process_site                    RCSB 
_pdbx_database_status.recvd_initial_deposition_date   2008-07-21 
_pdbx_database_status.status_code                     REL 
_pdbx_database_status.status_code_sf                  REL 
_pdbx_database_status.status_code_mr                  ? 
_pdbx_database_status.SG_entry                        ? 
_pdbx_database_status.pdb_format_compatible           Y 
_pdbx_database_status.status_code_cs                  ? 
_pdbx_database_status.status_code_nmr_data            ? 
_pdbx_database_status.methods_development_category    ? 
# 
loop_
_pdbx_database_related.db_name 
_pdbx_database_related.db_id 
_pdbx_database_related.details 
_pdbx_database_related.content_type 
PDB 1q9a 'Crystal structure of the sarcin/ricin domain from E.coli 23S rRNA at 1.04 resolution' unspecified 
PDB 3DVZ .                                                                                      unspecified 
PDB 3DW4 .                                                                                      unspecified 
PDB 3DW5 .                                                                                      unspecified 
PDB 3DW6 .                                                                                      unspecified 
PDB 483D .                                                                                      unspecified 
# 
loop_
_audit_author.name 
_audit_author.pdbx_ordinal 
'Olieric, V.'        1 
'Rieder, U.'         2 
'Lang, K.'           3 
'Serganov, A.'       4 
'Schulze-Briese, C.' 5 
'Micura, R.'         6 
'Dumas, P.'          7 
'Ennifar, E.'        8 
# 
_citation.id                        primary 
_citation.title                     'A fast selenium derivatization strategy for crystallization and phasing of RNA structures.' 
_citation.journal_abbrev            Rna 
_citation.journal_volume            15 
_citation.page_first                707 
_citation.page_last                 715 
_citation.year                      2009 
_citation.journal_id_ASTM           RNARFU 
_citation.country                   UK 
_citation.journal_id_ISSN           1355-8382 
_citation.journal_id_CSD            2122 
_citation.book_publisher            ? 
_citation.pdbx_database_id_PubMed   19228585 
_citation.pdbx_database_id_DOI      10.1261/rna.1499309 
# 
loop_
_citation_author.citation_id 
_citation_author.name 
_citation_author.ordinal 
_citation_author.identifier_ORCID 
primary 'Olieric, V.'        1 ? 
primary 'Rieder, U.'         2 ? 
primary 'Lang, K.'           3 ? 
primary 'Serganov, A.'       4 ? 
primary 'Schulze-Briese, C.' 5 ? 
primary 'Micura, R.'         6 ? 
primary 'Dumas, P.'          7 ? 
primary 'Ennifar, E.'        8 ? 
# 
loop_
_entity.id 
_entity.type 
_entity.src_method 
_entity.pdbx_description 
_entity.formula_weight 
_entity.pdbx_number_of_molecules 
_entity.pdbx_ec 
_entity.pdbx_mutation 
_entity.pdbx_fragment 
_entity.details 
1 polymer syn 'Sarcin/Ricin Domain from E. Coli 23 S rRNA' 8821.242 1   ? ? ? ? 
2 water   nat water                                        18.015   156 ? ? ? ? 
# 
_entity_poly.entity_id                      1 
_entity_poly.type                           polyribonucleotide 
_entity_poly.nstd_linkage                   no 
_entity_poly.nstd_monomer                   yes 
_entity_poly.pdbx_seq_one_letter_code       'UGCUCCUAG(UMS)ACGAGAGGACCGGAGUG' 
_entity_poly.pdbx_seq_one_letter_code_can   UGCUCCUAGUACGAGAGGACCGGAGUG 
_entity_poly.pdbx_strand_id                 A 
_entity_poly.pdbx_target_identifier         ? 
# 
_pdbx_entity_nonpoly.entity_id   2 
_pdbx_entity_nonpoly.name        water 
_pdbx_entity_nonpoly.comp_id     HOH 
# 
loop_
_entity_poly_seq.entity_id 
_entity_poly_seq.num 
_entity_poly_seq.mon_id 
_entity_poly_seq.hetero 
1 1  U   n 
1 2  G   n 
1 3  C   n 
1 4  U   n 
1 5  C   n 
1 6  C   n 
1 7  U   n 
1 8  A   n 
1 9  G   n 
1 10 UMS n 
1 11 A   n 
1 12 C   n 
1 13 G   n 
1 14 A   n 
1 15 G   n 
1 16 A   n 
1 17 G   n 
1 18 G   n 
1 19 A   n 
1 20 C   n 
1 21 C   n 
1 22 G   n 
1 23 G   n 
1 24 A   n 
1 25 G   n 
1 26 U   n 
1 27 G   n 
# 
loop_
_chem_comp.id 
_chem_comp.type 
_chem_comp.mon_nstd_flag 
_chem_comp.name 
_chem_comp.pdbx_synonyms 
_chem_comp.formula 
_chem_comp.formula_weight 
A   'RNA linking' y "ADENOSINE-5'-MONOPHOSPHATE"                    ? 'C10 H14 N5 O7 P'    347.221 
C   'RNA linking' y "CYTIDINE-5'-MONOPHOSPHATE"                     ? 'C9 H14 N3 O8 P'     323.197 
G   'RNA linking' y "GUANOSINE-5'-MONOPHOSPHATE"                    ? 'C10 H14 N5 O8 P'    363.221 
HOH non-polymer   . WATER                                           ? 'H2 O'               18.015  
U   'RNA linking' y "URIDINE-5'-MONOPHOSPHATE"                      ? 'C9 H13 N2 O9 P'     324.181 
UMS 'DNA linking' n "2'-METHYLSELENYL-2'-DEOXYURIDINE-5'-PHOSPHATE" ? 'C10 H15 N2 O8 P Se' 401.168 
# 
loop_
_pdbx_poly_seq_scheme.asym_id 
_pdbx_poly_seq_scheme.entity_id 
_pdbx_poly_seq_scheme.seq_id 
_pdbx_poly_seq_scheme.mon_id 
_pdbx_poly_seq_scheme.ndb_seq_num 
_pdbx_poly_seq_scheme.pdb_seq_num 
_pdbx_poly_seq_scheme.auth_seq_num 
_pdbx_poly_seq_scheme.pdb_mon_id 
_pdbx_poly_seq_scheme.auth_mon_id 
_pdbx_poly_seq_scheme.pdb_strand_id 
_pdbx_poly_seq_scheme.pdb_ins_code 
_pdbx_poly_seq_scheme.hetero 
A 1 1  U   1  2647 2647 U   U   A . n 
A 1 2  G   2  2648 2648 G   G   A . n 
A 1 3  C   3  2649 2649 C   C   A . n 
A 1 4  U   4  2650 2650 U   U   A . n 
A 1 5  C   5  2651 2651 C   C   A . n 
A 1 6  C   6  2652 2652 C   C   A . n 
A 1 7  U   7  2653 2653 U   U   A . n 
A 1 8  A   8  2654 2654 A   A   A . n 
A 1 9  G   9  2655 2655 G   G   A . n 
A 1 10 UMS 10 2656 2656 UMS UMS A . n 
A 1 11 A   11 2657 2657 A   A   A . n 
A 1 12 C   12 2658 2658 C   C   A . n 
A 1 13 G   13 2659 2659 G   G   A . n 
A 1 14 A   14 2660 2660 A   A   A . n 
A 1 15 G   15 2661 2661 G   G   A . n 
A 1 16 A   16 2662 2662 A   A   A . n 
A 1 17 G   17 2663 2663 G   G   A . n 
A 1 18 G   18 2664 2664 G   G   A . n 
A 1 19 A   19 2665 2665 A   A   A . n 
A 1 20 C   20 2666 2666 C   C   A . n 
A 1 21 C   21 2667 2667 C   C   A . n 
A 1 22 G   22 2668 2668 G   G   A . n 
A 1 23 G   23 2669 2669 G   G   A . n 
A 1 24 A   24 2670 2670 A   A   A . n 
A 1 25 G   25 2671 2671 G   G   A . n 
A 1 26 U   26 2672 2672 U   U   A . n 
A 1 27 G   27 2673 2673 G   G   A . n 
# 
loop_
_pdbx_nonpoly_scheme.asym_id 
_pdbx_nonpoly_scheme.entity_id 
_pdbx_nonpoly_scheme.mon_id 
_pdbx_nonpoly_scheme.ndb_seq_num 
_pdbx_nonpoly_scheme.pdb_seq_num 
_pdbx_nonpoly_scheme.auth_seq_num 
_pdbx_nonpoly_scheme.pdb_mon_id 
_pdbx_nonpoly_scheme.auth_mon_id 
_pdbx_nonpoly_scheme.pdb_strand_id 
_pdbx_nonpoly_scheme.pdb_ins_code 
B 2 HOH 1   1   1   HOH HOH A . 
B 2 HOH 2   2   2   HOH HOH A . 
B 2 HOH 3   3   3   HOH HOH A . 
B 2 HOH 4   4   4   HOH HOH A . 
B 2 HOH 5   5   5   HOH HOH A . 
B 2 HOH 6   6   6   HOH HOH A . 
B 2 HOH 7   7   7   HOH HOH A . 
B 2 HOH 8   8   8   HOH HOH A . 
B 2 HOH 9   9   9   HOH HOH A . 
B 2 HOH 10  10  10  HOH HOH A . 
B 2 HOH 11  11  11  HOH HOH A . 
B 2 HOH 12  12  12  HOH HOH A . 
B 2 HOH 13  13  13  HOH HOH A . 
B 2 HOH 14  14  14  HOH HOH A . 
B 2 HOH 15  15  15  HOH HOH A . 
B 2 HOH 16  16  16  HOH HOH A . 
B 2 HOH 17  17  17  HOH HOH A . 
B 2 HOH 18  18  18  HOH HOH A . 
B 2 HOH 19  19  19  HOH HOH A . 
B 2 HOH 20  20  20  HOH HOH A . 
B 2 HOH 21  21  21  HOH HOH A . 
B 2 HOH 22  22  22  HOH HOH A . 
B 2 HOH 23  23  23  HOH HOH A . 
B 2 HOH 24  24  24  HOH HOH A . 
B 2 HOH 25  25  25  HOH HOH A . 
B 2 HOH 26  26  26  HOH HOH A . 
B 2 HOH 27  27  27  HOH HOH A . 
B 2 HOH 28  28  28  HOH HOH A . 
B 2 HOH 29  29  29  HOH HOH A . 
B 2 HOH 30  30  30  HOH HOH A . 
B 2 HOH 31  31  31  HOH HOH A . 
B 2 HOH 32  32  32  HOH HOH A . 
B 2 HOH 33  33  33  HOH HOH A . 
B 2 HOH 34  34  34  HOH HOH A . 
B 2 HOH 35  35  35  HOH HOH A . 
B 2 HOH 36  36  36  HOH HOH A . 
B 2 HOH 37  37  37  HOH HOH A . 
B 2 HOH 38  38  38  HOH HOH A . 
B 2 HOH 39  39  39  HOH HOH A . 
B 2 HOH 40  40  40  HOH HOH A . 
B 2 HOH 41  41  41  HOH HOH A . 
B 2 HOH 42  42  42  HOH HOH A . 
B 2 HOH 43  43  43  HOH HOH A . 
B 2 HOH 44  44  44  HOH HOH A . 
B 2 HOH 45  45  45  HOH HOH A . 
B 2 HOH 46  46  46  HOH HOH A . 
B 2 HOH 47  47  47  HOH HOH A . 
B 2 HOH 48  48  48  HOH HOH A . 
B 2 HOH 49  49  49  HOH HOH A . 
B 2 HOH 50  50  50  HOH HOH A . 
B 2 HOH 51  51  51  HOH HOH A . 
B 2 HOH 52  52  52  HOH HOH A . 
B 2 HOH 53  53  53  HOH HOH A . 
B 2 HOH 54  54  54  HOH HOH A . 
B 2 HOH 55  55  55  HOH HOH A . 
B 2 HOH 56  56  56  HOH HOH A . 
B 2 HOH 57  57  57  HOH HOH A . 
B 2 HOH 58  58  58  HOH HOH A . 
B 2 HOH 59  59  59  HOH HOH A . 
B 2 HOH 60  60  60  HOH HOH A . 
B 2 HOH 61  61  61  HOH HOH A . 
B 2 HOH 62  62  62  HOH HOH A . 
B 2 HOH 63  63  63  HOH HOH A . 
B 2 HOH 64  64  64  HOH HOH A . 
B 2 HOH 65  65  65  HOH HOH A . 
B 2 HOH 66  66  66  HOH HOH A . 
B 2 HOH 67  67  67  HOH HOH A . 
B 2 HOH 68  68  68  HOH HOH A . 
B 2 HOH 69  69  69  HOH HOH A . 
B 2 HOH 70  70  70  HOH HOH A . 
B 2 HOH 71  71  71  HOH HOH A . 
B 2 HOH 72  72  72  HOH HOH A . 
B 2 HOH 73  73  73  HOH HOH A . 
B 2 HOH 74  74  74  HOH HOH A . 
B 2 HOH 75  75  75  HOH HOH A . 
B 2 HOH 76  76  76  HOH HOH A . 
B 2 HOH 77  77  77  HOH HOH A . 
B 2 HOH 78  78  78  HOH HOH A . 
B 2 HOH 79  79  79  HOH HOH A . 
B 2 HOH 80  80  80  HOH HOH A . 
B 2 HOH 81  81  81  HOH HOH A . 
B 2 HOH 82  83  83  HOH HOH A . 
B 2 HOH 83  84  84  HOH HOH A . 
B 2 HOH 84  85  85  HOH HOH A . 
B 2 HOH 85  86  86  HOH HOH A . 
B 2 HOH 86  87  87  HOH HOH A . 
B 2 HOH 87  88  88  HOH HOH A . 
B 2 HOH 88  89  89  HOH HOH A . 
B 2 HOH 89  90  90  HOH HOH A . 
B 2 HOH 90  91  91  HOH HOH A . 
B 2 HOH 91  92  92  HOH HOH A . 
B 2 HOH 92  93  93  HOH HOH A . 
B 2 HOH 93  94  94  HOH HOH A . 
B 2 HOH 94  95  95  HOH HOH A . 
B 2 HOH 95  96  96  HOH HOH A . 
B 2 HOH 96  97  97  HOH HOH A . 
B 2 HOH 97  98  98  HOH HOH A . 
B 2 HOH 98  99  99  HOH HOH A . 
B 2 HOH 99  100 100 HOH HOH A . 
B 2 HOH 100 101 101 HOH HOH A . 
B 2 HOH 101 102 102 HOH HOH A . 
B 2 HOH 102 103 103 HOH HOH A . 
B 2 HOH 103 104 104 HOH HOH A . 
B 2 HOH 104 105 105 HOH HOH A . 
B 2 HOH 105 106 106 HOH HOH A . 
B 2 HOH 106 107 107 HOH HOH A . 
B 2 HOH 107 108 108 HOH HOH A . 
B 2 HOH 108 109 109 HOH HOH A . 
B 2 HOH 109 110 110 HOH HOH A . 
B 2 HOH 110 111 111 HOH HOH A . 
B 2 HOH 111 112 112 HOH HOH A . 
B 2 HOH 112 113 113 HOH HOH A . 
B 2 HOH 113 114 114 HOH HOH A . 
B 2 HOH 114 115 115 HOH HOH A . 
B 2 HOH 115 116 116 HOH HOH A . 
B 2 HOH 116 117 117 HOH HOH A . 
B 2 HOH 117 118 118 HOH HOH A . 
B 2 HOH 118 119 119 HOH HOH A . 
B 2 HOH 119 120 120 HOH HOH A . 
B 2 HOH 120 121 121 HOH HOH A . 
B 2 HOH 121 122 122 HOH HOH A . 
B 2 HOH 122 123 123 HOH HOH A . 
B 2 HOH 123 124 124 HOH HOH A . 
B 2 HOH 124 125 125 HOH HOH A . 
B 2 HOH 125 126 126 HOH HOH A . 
B 2 HOH 126 127 127 HOH HOH A . 
B 2 HOH 127 128 128 HOH HOH A . 
B 2 HOH 128 129 129 HOH HOH A . 
B 2 HOH 129 130 130 HOH HOH A . 
B 2 HOH 130 131 131 HOH HOH A . 
B 2 HOH 131 132 132 HOH HOH A . 
B 2 HOH 132 133 133 HOH HOH A . 
B 2 HOH 133 134 134 HOH HOH A . 
B 2 HOH 134 135 135 HOH HOH A . 
B 2 HOH 135 136 136 HOH HOH A . 
B 2 HOH 136 137 137 HOH HOH A . 
B 2 HOH 137 138 138 HOH HOH A . 
B 2 HOH 138 139 139 HOH HOH A . 
B 2 HOH 139 140 140 HOH HOH A . 
B 2 HOH 140 141 141 HOH HOH A . 
B 2 HOH 141 142 142 HOH HOH A . 
B 2 HOH 142 143 143 HOH HOH A . 
B 2 HOH 143 144 144 HOH HOH A . 
B 2 HOH 144 145 145 HOH HOH A . 
B 2 HOH 145 146 146 HOH HOH A . 
B 2 HOH 146 147 147 HOH HOH A . 
B 2 HOH 147 148 148 HOH HOH A . 
B 2 HOH 148 149 149 HOH HOH A . 
B 2 HOH 149 150 150 HOH HOH A . 
B 2 HOH 150 151 151 HOH HOH A . 
B 2 HOH 151 152 152 HOH HOH A . 
B 2 HOH 152 153 153 HOH HOH A . 
B 2 HOH 153 154 154 HOH HOH A . 
B 2 HOH 154 155 155 HOH HOH A . 
B 2 HOH 155 156 156 HOH HOH A . 
B 2 HOH 156 157 157 HOH HOH A . 
# 
loop_
_software.name 
_software.version 
_software.date 
_software.type 
_software.contact_author 
_software.contact_author_email 
_software.classification 
_software.location 
_software.language 
_software.citation_id 
_software.pdbx_ordinal 
XSCALE      .     ?               package 'Wolfgang Kabsch' ?                     'data processing' 
http://www.mpimf-heidelberg.mpg.de/~kabsch/xds/html_doc/xscale_program.html ?   ? 1 
PHENIX      .     ?               package 'Paul D. Adams'   PDAdams@lbl.gov       refinement        http://www.phenix-online.org/ 
C++ ? 2 
PDB_EXTRACT 3.006 'June 11, 2008' package PDB               help@deposit.rcsb.org 'data extraction' 
http://sw-tools.pdb.org/apps/PDB_EXTRACT/                                   C++ ? 3 
XDS         .     ?               ?       ?                 ?                     'data reduction'  ? ?   ? 4 
XSCALE      .     ?               ?       ?                 ?                     'data scaling'    ? ?   ? 5 
SHELX       .     ?               ?       ?                 ?                     phasing           ? ?   ? 6 
# 
_cell.length_a           29.550 
_cell.length_b           29.550 
_cell.length_c           76.210 
_cell.angle_alpha        90.000 
_cell.angle_beta         90.000 
_cell.angle_gamma        90.000 
_cell.entry_id           3DW7 
_cell.pdbx_unique_axis   ? 
_cell.Z_PDB              4 
_cell.length_a_esd       ? 
_cell.length_b_esd       ? 
_cell.length_c_esd       ? 
_cell.angle_alpha_esd    ? 
_cell.angle_beta_esd     ? 
_cell.angle_gamma_esd    ? 
# 
_symmetry.space_group_name_H-M             'P 43' 
_symmetry.entry_id                         3DW7 
_symmetry.Int_Tables_number                78 
_symmetry.pdbx_full_space_group_name_H-M   ? 
_symmetry.cell_setting                     ? 
_symmetry.space_group_name_Hall            ? 
# 
_exptl.crystals_number   1 
_exptl.entry_id          3DW7 
_exptl.method            'X-RAY DIFFRACTION' 
# 
_exptl_crystal.id                    1 
_exptl_crystal.density_Matthews      1.89 
_exptl_crystal.density_meas          ? 
_exptl_crystal.density_percent_sol   34.78 
_exptl_crystal.description           ? 
_exptl_crystal.F_000                 ? 
_exptl_crystal.preparation           ? 
# 
_exptl_crystal_grow.crystal_id      1 
_exptl_crystal_grow.method          'VAPOR DIFFUSION, HANGING DROP' 
_exptl_crystal_grow.pH              7.0 
_exptl_crystal_grow.temp            293 
_exptl_crystal_grow.pdbx_details    
'3.2 M (NH4)2SO4, 50 mM K-MOPS pH 7.0, 10 mM MgCl2, 10 mM MnCl2, vapor diffusion, hanging drop, temperature 293K' 
_exptl_crystal_grow.temp_details    ? 
_exptl_crystal_grow.pdbx_pH_range   . 
# 
loop_
_exptl_crystal_grow_comp.crystal_id 
_exptl_crystal_grow_comp.id 
_exptl_crystal_grow_comp.sol_id 
_exptl_crystal_grow_comp.name 
_exptl_crystal_grow_comp.conc 
_exptl_crystal_grow_comp.volume 
_exptl_crystal_grow_comp.details 
1 1  1 '(NH4)2SO4' ? ? ? 
1 2  1 K-MOPS      ? ? ? 
1 3  1 MgCl2       ? ? ? 
1 4  1 MnCl2       ? ? ? 
1 5  1 H2O         ? ? ? 
1 6  2 '(NH4)2SO4' ? ? ? 
1 7  2 K-MOPS      ? ? ? 
1 8  2 MgCl2       ? ? ? 
1 9  2 MnCl2       ? ? ? 
1 10 2 H2O         ? ? ? 
# 
_diffrn.id                     1 
_diffrn.ambient_temp           90 
_diffrn.ambient_temp_details   ? 
_diffrn.crystal_id             1 
# 
_diffrn_detector.diffrn_id              1 
_diffrn_detector.detector               CCD 
_diffrn_detector.type                   'MARMOSAIC 225 mm CCD' 
_diffrn_detector.pdbx_collection_date   2008-05-26 
_diffrn_detector.details                ? 
# 
_diffrn_radiation.diffrn_id                        1 
_diffrn_radiation.pdbx_diffrn_protocol             'SINGLE WAVELENGTH' 
_diffrn_radiation.monochromator                    ? 
_diffrn_radiation.wavelength_id                    1 
_diffrn_radiation.pdbx_monochromatic_or_laue_m_l   M 
_diffrn_radiation.pdbx_scattering_type             x-ray 
# 
_diffrn_radiation_wavelength.id           1 
_diffrn_radiation_wavelength.wavelength   0.9791 
_diffrn_radiation_wavelength.wt           1.0 
# 
_diffrn_source.diffrn_id                   1 
_diffrn_source.source                      SYNCHROTRON 
_diffrn_source.type                        'SLS BEAMLINE X10SA' 
_diffrn_source.pdbx_wavelength_list        0.9791 
_diffrn_source.pdbx_wavelength             ? 
_diffrn_source.pdbx_synchrotron_site       SLS 
_diffrn_source.pdbx_synchrotron_beamline   X10SA 
# 
_reflns.entry_id                     3DW7 
_reflns.d_resolution_high            1.000 
_reflns.number_obs                   66643 
_reflns.pdbx_Rmerge_I_obs            ? 
_reflns.pdbx_netI_over_sigmaI        15.240 
_reflns.percent_possible_obs         95.600 
_reflns.B_iso_Wilson_estimate        11.643 
_reflns.observed_criterion_sigma_I   ? 
_reflns.observed_criterion_sigma_F   ? 
_reflns.d_resolution_low             ? 
_reflns.number_all                   ? 
_reflns.pdbx_Rsym_value              0.059 
_reflns.pdbx_redundancy              6.2 
_reflns.R_free_details               ? 
_reflns.limit_h_max                  ? 
_reflns.limit_h_min                  ? 
_reflns.limit_k_max                  ? 
_reflns.limit_k_min                  ? 
_reflns.limit_l_max                  ? 
_reflns.limit_l_min                  ? 
_reflns.observed_criterion_F_max     ? 
_reflns.observed_criterion_F_min     ? 
_reflns.pdbx_chi_squared             ? 
_reflns.pdbx_scaling_rejects         ? 
_reflns.pdbx_diffrn_id               1 
_reflns.pdbx_ordinal                 1 
# 
_reflns_shell.d_res_high             1.00 
_reflns_shell.d_res_low              1.10 
_reflns_shell.number_measured_obs    47856 
_reflns_shell.number_measured_all    ? 
_reflns_shell.number_unique_obs      14613 
_reflns_shell.Rmerge_I_obs           ? 
_reflns_shell.meanI_over_sigI_obs    2.5 
_reflns_shell.pdbx_Rsym_value        0.456 
_reflns_shell.pdbx_chi_squared       ? 
_reflns_shell.pdbx_redundancy        ? 
_reflns_shell.percent_possible_obs   ? 
_reflns_shell.number_unique_all      ? 
_reflns_shell.percent_possible_all   84.10 
_reflns_shell.pdbx_diffrn_id         ? 
_reflns_shell.pdbx_ordinal           1 
# 
_refine.entry_id                                 3DW7 
_refine.ls_d_res_high                            1.000 
_refine.ls_d_res_low                             20.151 
_refine.pdbx_ls_sigma_F                          1.30 
_refine.ls_percent_reflns_obs                    95.630 
_refine.ls_number_reflns_obs                     66643 
_refine.ls_R_factor_obs                          0.154 
_refine.ls_R_factor_R_work                       0.153 
_refine.ls_R_factor_R_free                       0.170 
_refine.ls_percent_reflns_R_free                 5.020 
_refine.ls_number_reflns_R_free                  3345 
_refine.B_iso_mean                               14.405 
_refine.solvent_model_param_bsol                 51.823 
_refine.solvent_model_param_ksol                 0.454 
_refine.aniso_B[1][1]                            -1.942 
_refine.aniso_B[2][2]                            -1.942 
_refine.aniso_B[3][3]                            0.572 
_refine.aniso_B[1][2]                            -0.000 
_refine.aniso_B[1][3]                            0.000 
_refine.aniso_B[2][3]                            -0.000 
_refine.overall_SU_ML                            0.100 
_refine.solvent_model_details                    'FLAT BULK SOLVENT MODEL' 
_refine.pdbx_solvent_vdw_probe_radii             1.110 
_refine.pdbx_solvent_shrinkage_radii             0.900 
_refine.pdbx_method_to_determine_struct          ? 
_refine.pdbx_stereochemistry_target_values       ML 
_refine.B_iso_max                                46.79 
_refine.B_iso_min                                6.70 
_refine.occupancy_max                            1.00 
_refine.occupancy_min                            0.20 
_refine.pdbx_ls_sigma_I                          ? 
_refine.ls_number_reflns_all                     ? 
_refine.ls_R_factor_all                          ? 
_refine.ls_redundancy_reflns_obs                 ? 
_refine.pdbx_data_cutoff_high_absF               ? 
_refine.pdbx_data_cutoff_low_absF                ? 
_refine.ls_number_parameters                     ? 
_refine.ls_number_restraints                     ? 
_refine.ls_R_factor_R_free_error                 ? 
_refine.ls_R_factor_R_free_error_details         ? 
_refine.pdbx_starting_model                      ? 
_refine.pdbx_ls_cross_valid_method               ? 
_refine.pdbx_R_Free_selection_details            random 
_refine.pdbx_stereochem_target_val_spec_case     ? 
_refine.pdbx_isotropic_thermal_model             ? 
_refine.details                                  ? 
_refine.correlation_coeff_Fo_to_Fc               ? 
_refine.correlation_coeff_Fo_to_Fc_free          ? 
_refine.pdbx_solvent_ion_probe_radii             ? 
_refine.overall_SU_R_Cruickshank_DPI             ? 
_refine.overall_SU_R_free                        ? 
_refine.overall_SU_B                             ? 
_refine.pdbx_overall_ESU_R_Free                  ? 
_refine.pdbx_data_cutoff_high_rms_absF           ? 
_refine.pdbx_overall_ESU_R                       ? 
_refine.ls_wR_factor_R_free                      ? 
_refine.ls_wR_factor_R_work                      ? 
_refine.overall_FOM_free_R_set                   ? 
_refine.overall_FOM_work_R_set                   ? 
_refine.pdbx_overall_phase_error                 ? 
_refine.pdbx_refine_id                           'X-RAY DIFFRACTION' 
_refine.pdbx_diffrn_id                           1 
_refine.pdbx_TLS_residual_ADP_flag               ? 
_refine.pdbx_overall_SU_R_free_Cruickshank_DPI   ? 
_refine.pdbx_overall_SU_R_Blow_DPI               ? 
_refine.pdbx_overall_SU_R_free_Blow_DPI          ? 
# 
_refine_hist.pdbx_refine_id                   'X-RAY DIFFRACTION' 
_refine_hist.cycle_id                         LAST 
_refine_hist.pdbx_number_atoms_protein        0 
_refine_hist.pdbx_number_atoms_nucleic_acid   580 
_refine_hist.pdbx_number_atoms_ligand         0 
_refine_hist.number_atoms_solvent             156 
_refine_hist.number_atoms_total               736 
_refine_hist.d_res_high                       1.000 
_refine_hist.d_res_low                        20.151 
# 
loop_
_refine_ls_restr.type 
_refine_ls_restr.number 
_refine_ls_restr.dev_ideal 
_refine_ls_restr.dev_ideal_target 
_refine_ls_restr.weight 
_refine_ls_restr.pdbx_refine_id 
_refine_ls_restr.pdbx_restraint_function 
f_bond_d           744  0.004  ? ? 'X-RAY DIFFRACTION' ? 
f_angle_d          1166 1.104  ? ? 'X-RAY DIFFRACTION' ? 
f_chiral_restr     152  0.052  ? ? 'X-RAY DIFFRACTION' ? 
f_plane_restr      30   0.006  ? ? 'X-RAY DIFFRACTION' ? 
f_dihedral_angle_d 335  28.169 ? ? 'X-RAY DIFFRACTION' ? 
# 
loop_
_refine_ls_shell.d_res_high 
_refine_ls_shell.d_res_low 
_refine_ls_shell.pdbx_total_number_of_bins_used 
_refine_ls_shell.percent_reflns_obs 
_refine_ls_shell.number_reflns_R_work 
_refine_ls_shell.R_factor_all 
_refine_ls_shell.R_factor_R_work 
_refine_ls_shell.R_factor_R_free 
_refine_ls_shell.percent_reflns_R_free 
_refine_ls_shell.number_reflns_R_free 
_refine_ls_shell.R_factor_R_free_error 
_refine_ls_shell.number_reflns_all 
_refine_ls_shell.number_reflns_obs 
_refine_ls_shell.redundancy_reflns_obs 
_refine_ls_shell.pdbx_refine_id 
1.000 1.014  24 59.000  1630 . 0.306 0.319 . 83  . 1713 . . 'X-RAY DIFFRACTION' 
1.014 1.029  24 73.000  2033 . 0.263 0.282 . 94  . 2127 . . 'X-RAY DIFFRACTION' 
1.029 1.046  24 85.000  2355 . 0.240 0.240 . 125 . 2480 . . 'X-RAY DIFFRACTION' 
1.046 1.063  24 91.000  2586 . 0.217 0.271 . 90  . 2676 . . 'X-RAY DIFFRACTION' 
1.063 1.081  24 97.000  2637 . 0.193 0.194 . 113 . 2750 . . 'X-RAY DIFFRACTION' 
1.081 1.101  24 99.000  2813 . 0.178 0.148 . 128 . 2941 . . 'X-RAY DIFFRACTION' 
1.101 1.122  24 100.000 2748 . 0.163 0.162 . 154 . 2902 . . 'X-RAY DIFFRACTION' 
1.122 1.145  24 100.000 2732 . 0.157 0.161 . 139 . 2871 . . 'X-RAY DIFFRACTION' 
1.145 1.170  24 100.000 2762 . 0.154 0.173 . 161 . 2923 . . 'X-RAY DIFFRACTION' 
1.170 1.197  24 100.000 2733 . 0.154 0.182 . 152 . 2885 . . 'X-RAY DIFFRACTION' 
1.197 1.227  24 100.000 2775 . 0.143 0.166 . 149 . 2924 . . 'X-RAY DIFFRACTION' 
1.227 1.260  24 100.000 2765 . 0.143 0.149 . 149 . 2914 . . 'X-RAY DIFFRACTION' 
1.260 1.297  24 100.000 2784 . 0.147 0.187 . 124 . 2908 . . 'X-RAY DIFFRACTION' 
1.297 1.339  24 100.000 2763 . 0.146 0.179 . 148 . 2911 . . 'X-RAY DIFFRACTION' 
1.339 1.387  24 100.000 2730 . 0.143 0.170 . 153 . 2883 . . 'X-RAY DIFFRACTION' 
1.387 1.442  24 100.000 2719 . 0.151 0.163 . 143 . 2862 . . 'X-RAY DIFFRACTION' 
1.442 1.508  24 100.000 2792 . 0.157 0.164 . 144 . 2936 . . 'X-RAY DIFFRACTION' 
1.508 1.587  24 100.000 2725 . 0.147 0.156 . 161 . 2886 . . 'X-RAY DIFFRACTION' 
1.587 1.687  24 100.000 2714 . 0.122 0.153 . 176 . 2890 . . 'X-RAY DIFFRACTION' 
1.687 1.817  24 100.000 2793 . 0.131 0.120 . 134 . 2927 . . 'X-RAY DIFFRACTION' 
1.817 1.999  24 100.000 2744 . 0.143 0.151 . 157 . 2901 . . 'X-RAY DIFFRACTION' 
1.999 2.288  24 99.000  2702 . 0.157 0.193 . 176 . 2878 . . 'X-RAY DIFFRACTION' 
2.288 2.882  24 99.000  2716 . 0.167 0.197 . 147 . 2863 . . 'X-RAY DIFFRACTION' 
2.882 20.155 24 93.000  2547 . 0.135 0.152 . 145 . 2692 . . 'X-RAY DIFFRACTION' 
# 
_struct.entry_id                  3DW7 
_struct.title                     'Crystal Structure of the Sarcin/Ricin Domain from E. COLI 23 S rRNA, U2656-SeCH3 modified' 
_struct.pdbx_model_details        ? 
_struct.pdbx_CASP_flag            ? 
_struct.pdbx_model_type_details   ? 
# 
_struct_keywords.entry_id        3DW7 
_struct_keywords.text            'RNA, Sarcin Ricin Loop' 
_struct_keywords.pdbx_keywords   RNA 
# 
loop_
_struct_asym.id 
_struct_asym.pdbx_blank_PDB_chainid_flag 
_struct_asym.pdbx_modified 
_struct_asym.entity_id 
_struct_asym.details 
A N N 1 ? 
B N N 2 ? 
# 
_struct_ref.id                         1 
_struct_ref.db_name                    PDB 
_struct_ref.db_code                    3DW7 
_struct_ref.pdbx_db_accession          3DW7 
_struct_ref.entity_id                  1 
_struct_ref.pdbx_align_begin           2647 
_struct_ref.pdbx_seq_one_letter_code   UGCUCCUAGUACGAGAGGACCGGAGUG 
_struct_ref.pdbx_db_isoform            ? 
# 
_struct_ref_seq.align_id                      1 
_struct_ref_seq.ref_id                        1 
_struct_ref_seq.pdbx_PDB_id_code              3DW7 
_struct_ref_seq.pdbx_strand_id                A 
_struct_ref_seq.seq_align_beg                 1 
_struct_ref_seq.pdbx_seq_align_beg_ins_code   ? 
_struct_ref_seq.seq_align_end                 27 
_struct_ref_seq.pdbx_seq_align_end_ins_code   ? 
_struct_ref_seq.pdbx_db_accession             3DW7 
_struct_ref_seq.db_align_beg                  2647 
_struct_ref_seq.pdbx_db_align_beg_ins_code    ? 
_struct_ref_seq.db_align_end                  2673 
_struct_ref_seq.pdbx_db_align_end_ins_code    ? 
_struct_ref_seq.pdbx_auth_seq_align_beg       2647 
_struct_ref_seq.pdbx_auth_seq_align_end       2673 
# 
_pdbx_struct_assembly.id                   1 
_pdbx_struct_assembly.details              author_and_software_defined_assembly 
_pdbx_struct_assembly.method_details       PISA 
_pdbx_struct_assembly.oligomeric_details   monomeric 
_pdbx_struct_assembly.oligomeric_count     1 
# 
_pdbx_struct_assembly_gen.assembly_id       1 
_pdbx_struct_assembly_gen.oper_expression   1 
_pdbx_struct_assembly_gen.asym_id_list      A,B 
# 
_pdbx_struct_oper_list.id                   1 
_pdbx_struct_oper_list.type                 'identity operation' 
_pdbx_struct_oper_list.name                 1_555 
_pdbx_struct_oper_list.symmetry_operation   x,y,z 
_pdbx_struct_oper_list.matrix[1][1]         1.0000000000 
_pdbx_struct_oper_list.matrix[1][2]         0.0000000000 
_pdbx_struct_oper_list.matrix[1][3]         0.0000000000 
_pdbx_struct_oper_list.vector[1]            0.0000000000 
_pdbx_struct_oper_list.matrix[2][1]         0.0000000000 
_pdbx_struct_oper_list.matrix[2][2]         1.0000000000 
_pdbx_struct_oper_list.matrix[2][3]         0.0000000000 
_pdbx_struct_oper_list.vector[2]            0.0000000000 
_pdbx_struct_oper_list.matrix[3][1]         0.0000000000 
_pdbx_struct_oper_list.matrix[3][2]         0.0000000000 
_pdbx_struct_oper_list.matrix[3][3]         1.0000000000 
_pdbx_struct_oper_list.vector[3]            0.0000000000 
# 
_struct_biol.id        1 
_struct_biol.details   ? 
# 
loop_
_struct_conn.id 
_struct_conn.conn_type_id 
_struct_conn.pdbx_leaving_atom_flag 
_struct_conn.pdbx_PDB_id 
_struct_conn.ptnr1_label_asym_id 
_struct_conn.ptnr1_label_comp_id 
_struct_conn.ptnr1_label_seq_id 
_struct_conn.ptnr1_label_atom_id 
_struct_conn.pdbx_ptnr1_label_alt_id 
_struct_conn.pdbx_ptnr1_PDB_ins_code 
_struct_conn.pdbx_ptnr1_standard_comp_id 
_struct_conn.ptnr1_symmetry 
_struct_conn.ptnr2_label_asym_id 
_struct_conn.ptnr2_label_comp_id 
_struct_conn.ptnr2_label_seq_id 
_struct_conn.ptnr2_label_atom_id 
_struct_conn.pdbx_ptnr2_label_alt_id 
_struct_conn.pdbx_ptnr2_PDB_ins_code 
_struct_conn.ptnr1_auth_asym_id 
_struct_conn.ptnr1_auth_comp_id 
_struct_conn.ptnr1_auth_seq_id 
_struct_conn.ptnr2_auth_asym_id 
_struct_conn.ptnr2_auth_comp_id 
_struct_conn.ptnr2_auth_seq_id 
_struct_conn.ptnr2_symmetry 
_struct_conn.pdbx_ptnr3_label_atom_id 
_struct_conn.pdbx_ptnr3_label_seq_id 
_struct_conn.pdbx_ptnr3_label_comp_id 
_struct_conn.pdbx_ptnr3_label_asym_id 
_struct_conn.pdbx_ptnr3_label_alt_id 
_struct_conn.pdbx_ptnr3_PDB_ins_code 
_struct_conn.details 
_struct_conn.pdbx_dist_value 
_struct_conn.pdbx_value_order 
_struct_conn.pdbx_role 
covale1  covale both ? A G   9  "O3'" ? ? ? 1_555 A UMS 10 P  ? ? A G   2655 A UMS 2656 1_555 ? ? ? ? ? ? ?                    
1.603 ? ? 
covale2  covale both ? A UMS 10 "O3'" ? ? ? 1_555 A A   11 P  ? ? A UMS 2656 A A   2657 1_555 ? ? ? ? ? ? ?                    
1.601 ? ? 
hydrog1  hydrog ?    ? A G   2  N1    A ? ? 1_555 A U   26 O2 ? ? A G   2648 A U   2672 1_555 ? ? ? ? ? ? TYPE_28_PAIR         ? ? 
? 
hydrog2  hydrog ?    ? A G   2  O6    A ? ? 1_555 A U   26 N3 ? ? A G   2648 A U   2672 1_555 ? ? ? ? ? ? TYPE_28_PAIR         ? ? 
? 
hydrog3  hydrog ?    ? A C   3  N3    A ? ? 1_555 A G   25 N1 ? ? A C   2649 A G   2671 1_555 ? ? ? ? ? ? WATSON-CRICK         ? ? 
? 
hydrog4  hydrog ?    ? A C   3  N4    A ? ? 1_555 A G   25 O6 ? ? A C   2649 A G   2671 1_555 ? ? ? ? ? ? WATSON-CRICK         ? ? 
? 
hydrog5  hydrog ?    ? A C   3  O2    A ? ? 1_555 A G   25 N2 ? ? A C   2649 A G   2671 1_555 ? ? ? ? ? ? WATSON-CRICK         ? ? 
? 
hydrog6  hydrog ?    ? A U   4  N3    ? ? ? 1_555 A A   24 N1 ? ? A U   2650 A A   2670 1_555 ? ? ? ? ? ? WATSON-CRICK         ? ? 
? 
hydrog7  hydrog ?    ? A U   4  O4    ? ? ? 1_555 A A   24 N6 ? ? A U   2650 A A   2670 1_555 ? ? ? ? ? ? WATSON-CRICK         ? ? 
? 
hydrog8  hydrog ?    ? A C   5  N3    ? ? ? 1_555 A G   23 N1 ? ? A C   2651 A G   2669 1_555 ? ? ? ? ? ? WATSON-CRICK         ? ? 
? 
hydrog9  hydrog ?    ? A C   5  N4    ? ? ? 1_555 A G   23 O6 ? ? A C   2651 A G   2669 1_555 ? ? ? ? ? ? WATSON-CRICK         ? ? 
? 
hydrog10 hydrog ?    ? A C   5  O2    ? ? ? 1_555 A G   23 N2 ? ? A C   2651 A G   2669 1_555 ? ? ? ? ? ? WATSON-CRICK         ? ? 
? 
hydrog11 hydrog ?    ? A C   6  N3    ? ? ? 1_555 A G   22 N1 A ? A C   2652 A G   2668 1_555 ? ? ? ? ? ? WATSON-CRICK         ? ? 
? 
hydrog12 hydrog ?    ? A C   6  N4    ? ? ? 1_555 A G   22 O6 A ? A C   2652 A G   2668 1_555 ? ? ? ? ? ? WATSON-CRICK         ? ? 
? 
hydrog13 hydrog ?    ? A C   6  O2    ? ? ? 1_555 A G   22 N2 A ? A C   2652 A G   2668 1_555 ? ? ? ? ? ? WATSON-CRICK         ? ? 
? 
hydrog14 hydrog ?    ? A U   7  O2    ? ? ? 1_555 A C   21 N4 ? ? A U   2653 A C   2667 1_555 ? ? ? ? ? ? 'U-C MISPAIR'        ? ? 
? 
hydrog15 hydrog ?    ? A G   9  N2    ? ? ? 1_555 A UMS 10 O4 ? ? A G   2655 A UMS 2656 1_555 ? ? ? ? ? ? 'G-UMS MISPAIR'      ? ? 
? 
hydrog16 hydrog ?    ? A UMS 10 N3    ? ? ? 1_555 A A   19 N7 ? ? A UMS 2656 A A   2665 1_555 ? ? ? ? ? ? 'REVERSED HOOGSTEEN' ? ? 
? 
hydrog17 hydrog ?    ? A UMS 10 O2    ? ? ? 1_555 A A   19 N6 ? ? A UMS 2656 A A   2665 1_555 ? ? ? ? ? ? 'REVERSED HOOGSTEEN' ? ? 
? 
hydrog18 hydrog ?    ? A A   11 N6    ? ? ? 1_555 A G   18 N3 ? ? A A   2657 A G   2664 1_555 ? ? ? ? ? ? TYPE_11_PAIR         ? ? 
? 
hydrog19 hydrog ?    ? A A   11 N7    ? ? ? 1_555 A G   18 N2 ? ? A A   2657 A G   2664 1_555 ? ? ? ? ? ? TYPE_11_PAIR         ? ? 
? 
hydrog20 hydrog ?    ? A C   12 N3    ? ? ? 1_555 A G   17 N1 ? ? A C   2658 A G   2663 1_555 ? ? ? ? ? ? WATSON-CRICK         ? ? 
? 
hydrog21 hydrog ?    ? A C   12 N4    ? ? ? 1_555 A G   17 O6 ? ? A C   2658 A G   2663 1_555 ? ? ? ? ? ? WATSON-CRICK         ? ? 
? 
hydrog22 hydrog ?    ? A C   12 O2    ? ? ? 1_555 A G   17 N2 ? ? A C   2658 A G   2663 1_555 ? ? ? ? ? ? WATSON-CRICK         ? ? 
? 
hydrog23 hydrog ?    ? A G   13 N2    ? ? ? 1_555 A A   16 N7 ? ? A G   2659 A A   2662 1_555 ? ? ? ? ? ? 'G-A MISPAIR'        ? ? 
? 
# 
loop_
_struct_conn_type.id 
_struct_conn_type.criteria 
_struct_conn_type.reference 
covale ? ? 
hydrog ? ? 
# 
_pdbx_struct_mod_residue.id               1 
_pdbx_struct_mod_residue.label_asym_id    A 
_pdbx_struct_mod_residue.label_comp_id    UMS 
_pdbx_struct_mod_residue.label_seq_id     10 
_pdbx_struct_mod_residue.auth_asym_id     A 
_pdbx_struct_mod_residue.auth_comp_id     UMS 
_pdbx_struct_mod_residue.auth_seq_id      2656 
_pdbx_struct_mod_residue.PDB_ins_code     ? 
_pdbx_struct_mod_residue.parent_comp_id   DU 
_pdbx_struct_mod_residue.details          ? 
# 
loop_
_chem_comp_atom.comp_id 
_chem_comp_atom.atom_id 
_chem_comp_atom.type_symbol 
_chem_comp_atom.pdbx_aromatic_flag 
_chem_comp_atom.pdbx_stereo_config 
_chem_comp_atom.pdbx_ordinal 
A   OP3    O  N N 1   
A   P      P  N N 2   
A   OP1    O  N N 3   
A   OP2    O  N N 4   
A   "O5'"  O  N N 5   
A   "C5'"  C  N N 6   
A   "C4'"  C  N R 7   
A   "O4'"  O  N N 8   
A   "C3'"  C  N S 9   
A   "O3'"  O  N N 10  
A   "C2'"  C  N R 11  
A   "O2'"  O  N N 12  
A   "C1'"  C  N R 13  
A   N9     N  Y N 14  
A   C8     C  Y N 15  
A   N7     N  Y N 16  
A   C5     C  Y N 17  
A   C6     C  Y N 18  
A   N6     N  N N 19  
A   N1     N  Y N 20  
A   C2     C  Y N 21  
A   N3     N  Y N 22  
A   C4     C  Y N 23  
A   HOP3   H  N N 24  
A   HOP2   H  N N 25  
A   "H5'"  H  N N 26  
A   "H5''" H  N N 27  
A   "H4'"  H  N N 28  
A   "H3'"  H  N N 29  
A   "HO3'" H  N N 30  
A   "H2'"  H  N N 31  
A   "HO2'" H  N N 32  
A   "H1'"  H  N N 33  
A   H8     H  N N 34  
A   H61    H  N N 35  
A   H62    H  N N 36  
A   H2     H  N N 37  
C   OP3    O  N N 38  
C   P      P  N N 39  
C   OP1    O  N N 40  
C   OP2    O  N N 41  
C   "O5'"  O  N N 42  
C   "C5'"  C  N N 43  
C   "C4'"  C  N R 44  
C   "O4'"  O  N N 45  
C   "C3'"  C  N S 46  
C   "O3'"  O  N N 47  
C   "C2'"  C  N R 48  
C   "O2'"  O  N N 49  
C   "C1'"  C  N R 50  
C   N1     N  N N 51  
C   C2     C  N N 52  
C   O2     O  N N 53  
C   N3     N  N N 54  
C   C4     C  N N 55  
C   N4     N  N N 56  
C   C5     C  N N 57  
C   C6     C  N N 58  
C   HOP3   H  N N 59  
C   HOP2   H  N N 60  
C   "H5'"  H  N N 61  
C   "H5''" H  N N 62  
C   "H4'"  H  N N 63  
C   "H3'"  H  N N 64  
C   "HO3'" H  N N 65  
C   "H2'"  H  N N 66  
C   "HO2'" H  N N 67  
C   "H1'"  H  N N 68  
C   H41    H  N N 69  
C   H42    H  N N 70  
C   H5     H  N N 71  
C   H6     H  N N 72  
G   OP3    O  N N 73  
G   P      P  N N 74  
G   OP1    O  N N 75  
G   OP2    O  N N 76  
G   "O5'"  O  N N 77  
G   "C5'"  C  N N 78  
G   "C4'"  C  N R 79  
G   "O4'"  O  N N 80  
G   "C3'"  C  N S 81  
G   "O3'"  O  N N 82  
G   "C2'"  C  N R 83  
G   "O2'"  O  N N 84  
G   "C1'"  C  N R 85  
G   N9     N  Y N 86  
G   C8     C  Y N 87  
G   N7     N  Y N 88  
G   C5     C  Y N 89  
G   C6     C  N N 90  
G   O6     O  N N 91  
G   N1     N  N N 92  
G   C2     C  N N 93  
G   N2     N  N N 94  
G   N3     N  N N 95  
G   C4     C  Y N 96  
G   HOP3   H  N N 97  
G   HOP2   H  N N 98  
G   "H5'"  H  N N 99  
G   "H5''" H  N N 100 
G   "H4'"  H  N N 101 
G   "H3'"  H  N N 102 
G   "HO3'" H  N N 103 
G   "H2'"  H  N N 104 
G   "HO2'" H  N N 105 
G   "H1'"  H  N N 106 
G   H8     H  N N 107 
G   H1     H  N N 108 
G   H21    H  N N 109 
G   H22    H  N N 110 
HOH O      O  N N 111 
HOH H1     H  N N 112 
HOH H2     H  N N 113 
U   OP3    O  N N 114 
U   P      P  N N 115 
U   OP1    O  N N 116 
U   OP2    O  N N 117 
U   "O5'"  O  N N 118 
U   "C5'"  C  N N 119 
U   "C4'"  C  N R 120 
U   "O4'"  O  N N 121 
U   "C3'"  C  N S 122 
U   "O3'"  O  N N 123 
U   "C2'"  C  N R 124 
U   "O2'"  O  N N 125 
U   "C1'"  C  N R 126 
U   N1     N  N N 127 
U   C2     C  N N 128 
U   O2     O  N N 129 
U   N3     N  N N 130 
U   C4     C  N N 131 
U   O4     O  N N 132 
U   C5     C  N N 133 
U   C6     C  N N 134 
U   HOP3   H  N N 135 
U   HOP2   H  N N 136 
U   "H5'"  H  N N 137 
U   "H5''" H  N N 138 
U   "H4'"  H  N N 139 
U   "H3'"  H  N N 140 
U   "HO3'" H  N N 141 
U   "H2'"  H  N N 142 
U   "HO2'" H  N N 143 
U   "H1'"  H  N N 144 
U   H3     H  N N 145 
U   H5     H  N N 146 
U   H6     H  N N 147 
UMS OP3    O  N N 148 
UMS P      P  N N 149 
UMS OP1    O  N N 150 
UMS OP2    O  N N 151 
UMS "O5'"  O  N N 152 
UMS "C5'"  C  N N 153 
UMS "C4'"  C  N R 154 
UMS "O4'"  O  N N 155 
UMS "C3'"  C  N R 156 
UMS "O3'"  O  N N 157 
UMS "C2'"  C  N R 158 
UMS "SE2'" SE N N 159 
UMS "C1'"  C  N R 160 
UMS "CA'"  C  N N 161 
UMS N1     N  N N 162 
UMS C2     C  N N 163 
UMS O2     O  N N 164 
UMS N3     N  N N 165 
UMS C4     C  N N 166 
UMS O4     O  N N 167 
UMS C5     C  N N 168 
UMS C6     C  N N 169 
UMS HOP3   H  N N 170 
UMS HOP2   H  N N 171 
UMS "H5'"  H  N N 172 
UMS "H5'2" H  N N 173 
UMS "H4'"  H  N N 174 
UMS "H3'"  H  N N 175 
UMS "HO3'" H  N N 176 
UMS "H2'"  H  N N 177 
UMS "H1'"  H  N N 178 
UMS "HA'"  H  N N 179 
UMS "HA'2" H  N N 180 
UMS "HA'3" H  N N 181 
UMS H3     H  N N 182 
UMS H5     H  N N 183 
UMS H6     H  N N 184 
# 
loop_
_chem_comp_bond.comp_id 
_chem_comp_bond.atom_id_1 
_chem_comp_bond.atom_id_2 
_chem_comp_bond.value_order 
_chem_comp_bond.pdbx_aromatic_flag 
_chem_comp_bond.pdbx_stereo_config 
_chem_comp_bond.pdbx_ordinal 
A   OP3    P      sing N N 1   
A   OP3    HOP3   sing N N 2   
A   P      OP1    doub N N 3   
A   P      OP2    sing N N 4   
A   P      "O5'"  sing N N 5   
A   OP2    HOP2   sing N N 6   
A   "O5'"  "C5'"  sing N N 7   
A   "C5'"  "C4'"  sing N N 8   
A   "C5'"  "H5'"  sing N N 9   
A   "C5'"  "H5''" sing N N 10  
A   "C4'"  "O4'"  sing N N 11  
A   "C4'"  "C3'"  sing N N 12  
A   "C4'"  "H4'"  sing N N 13  
A   "O4'"  "C1'"  sing N N 14  
A   "C3'"  "O3'"  sing N N 15  
A   "C3'"  "C2'"  sing N N 16  
A   "C3'"  "H3'"  sing N N 17  
A   "O3'"  "HO3'" sing N N 18  
A   "C2'"  "O2'"  sing N N 19  
A   "C2'"  "C1'"  sing N N 20  
A   "C2'"  "H2'"  sing N N 21  
A   "O2'"  "HO2'" sing N N 22  
A   "C1'"  N9     sing N N 23  
A   "C1'"  "H1'"  sing N N 24  
A   N9     C8     sing Y N 25  
A   N9     C4     sing Y N 26  
A   C8     N7     doub Y N 27  
A   C8     H8     sing N N 28  
A   N7     C5     sing Y N 29  
A   C5     C6     sing Y N 30  
A   C5     C4     doub Y N 31  
A   C6     N6     sing N N 32  
A   C6     N1     doub Y N 33  
A   N6     H61    sing N N 34  
A   N6     H62    sing N N 35  
A   N1     C2     sing Y N 36  
A   C2     N3     doub Y N 37  
A   C2     H2     sing N N 38  
A   N3     C4     sing Y N 39  
C   OP3    P      sing N N 40  
C   OP3    HOP3   sing N N 41  
C   P      OP1    doub N N 42  
C   P      OP2    sing N N 43  
C   P      "O5'"  sing N N 44  
C   OP2    HOP2   sing N N 45  
C   "O5'"  "C5'"  sing N N 46  
C   "C5'"  "C4'"  sing N N 47  
C   "C5'"  "H5'"  sing N N 48  
C   "C5'"  "H5''" sing N N 49  
C   "C4'"  "O4'"  sing N N 50  
C   "C4'"  "C3'"  sing N N 51  
C   "C4'"  "H4'"  sing N N 52  
C   "O4'"  "C1'"  sing N N 53  
C   "C3'"  "O3'"  sing N N 54  
C   "C3'"  "C2'"  sing N N 55  
C   "C3'"  "H3'"  sing N N 56  
C   "O3'"  "HO3'" sing N N 57  
C   "C2'"  "O2'"  sing N N 58  
C   "C2'"  "C1'"  sing N N 59  
C   "C2'"  "H2'"  sing N N 60  
C   "O2'"  "HO2'" sing N N 61  
C   "C1'"  N1     sing N N 62  
C   "C1'"  "H1'"  sing N N 63  
C   N1     C2     sing N N 64  
C   N1     C6     sing N N 65  
C   C2     O2     doub N N 66  
C   C2     N3     sing N N 67  
C   N3     C4     doub N N 68  
C   C4     N4     sing N N 69  
C   C4     C5     sing N N 70  
C   N4     H41    sing N N 71  
C   N4     H42    sing N N 72  
C   C5     C6     doub N N 73  
C   C5     H5     sing N N 74  
C   C6     H6     sing N N 75  
G   OP3    P      sing N N 76  
G   OP3    HOP3   sing N N 77  
G   P      OP1    doub N N 78  
G   P      OP2    sing N N 79  
G   P      "O5'"  sing N N 80  
G   OP2    HOP2   sing N N 81  
G   "O5'"  "C5'"  sing N N 82  
G   "C5'"  "C4'"  sing N N 83  
G   "C5'"  "H5'"  sing N N 84  
G   "C5'"  "H5''" sing N N 85  
G   "C4'"  "O4'"  sing N N 86  
G   "C4'"  "C3'"  sing N N 87  
G   "C4'"  "H4'"  sing N N 88  
G   "O4'"  "C1'"  sing N N 89  
G   "C3'"  "O3'"  sing N N 90  
G   "C3'"  "C2'"  sing N N 91  
G   "C3'"  "H3'"  sing N N 92  
G   "O3'"  "HO3'" sing N N 93  
G   "C2'"  "O2'"  sing N N 94  
G   "C2'"  "C1'"  sing N N 95  
G   "C2'"  "H2'"  sing N N 96  
G   "O2'"  "HO2'" sing N N 97  
G   "C1'"  N9     sing N N 98  
G   "C1'"  "H1'"  sing N N 99  
G   N9     C8     sing Y N 100 
G   N9     C4     sing Y N 101 
G   C8     N7     doub Y N 102 
G   C8     H8     sing N N 103 
G   N7     C5     sing Y N 104 
G   C5     C6     sing N N 105 
G   C5     C4     doub Y N 106 
G   C6     O6     doub N N 107 
G   C6     N1     sing N N 108 
G   N1     C2     sing N N 109 
G   N1     H1     sing N N 110 
G   C2     N2     sing N N 111 
G   C2     N3     doub N N 112 
G   N2     H21    sing N N 113 
G   N2     H22    sing N N 114 
G   N3     C4     sing N N 115 
HOH O      H1     sing N N 116 
HOH O      H2     sing N N 117 
U   OP3    P      sing N N 118 
U   OP3    HOP3   sing N N 119 
U   P      OP1    doub N N 120 
U   P      OP2    sing N N 121 
U   P      "O5'"  sing N N 122 
U   OP2    HOP2   sing N N 123 
U   "O5'"  "C5'"  sing N N 124 
U   "C5'"  "C4'"  sing N N 125 
U   "C5'"  "H5'"  sing N N 126 
U   "C5'"  "H5''" sing N N 127 
U   "C4'"  "O4'"  sing N N 128 
U   "C4'"  "C3'"  sing N N 129 
U   "C4'"  "H4'"  sing N N 130 
U   "O4'"  "C1'"  sing N N 131 
U   "C3'"  "O3'"  sing N N 132 
U   "C3'"  "C2'"  sing N N 133 
U   "C3'"  "H3'"  sing N N 134 
U   "O3'"  "HO3'" sing N N 135 
U   "C2'"  "O2'"  sing N N 136 
U   "C2'"  "C1'"  sing N N 137 
U   "C2'"  "H2'"  sing N N 138 
U   "O2'"  "HO2'" sing N N 139 
U   "C1'"  N1     sing N N 140 
U   "C1'"  "H1'"  sing N N 141 
U   N1     C2     sing N N 142 
U   N1     C6     sing N N 143 
U   C2     O2     doub N N 144 
U   C2     N3     sing N N 145 
U   N3     C4     sing N N 146 
U   N3     H3     sing N N 147 
U   C4     O4     doub N N 148 
U   C4     C5     sing N N 149 
U   C5     C6     doub N N 150 
U   C5     H5     sing N N 151 
U   C6     H6     sing N N 152 
UMS OP3    P      sing N N 153 
UMS OP3    HOP3   sing N N 154 
UMS P      OP1    doub N N 155 
UMS P      OP2    sing N N 156 
UMS P      "O5'"  sing N N 157 
UMS OP2    HOP2   sing N N 158 
UMS "O5'"  "C5'"  sing N N 159 
UMS "C5'"  "C4'"  sing N N 160 
UMS "C5'"  "H5'"  sing N N 161 
UMS "C5'"  "H5'2" sing N N 162 
UMS "C4'"  "O4'"  sing N N 163 
UMS "C4'"  "C3'"  sing N N 164 
UMS "C4'"  "H4'"  sing N N 165 
UMS "O4'"  "C1'"  sing N N 166 
UMS "C3'"  "O3'"  sing N N 167 
UMS "C3'"  "C2'"  sing N N 168 
UMS "C3'"  "H3'"  sing N N 169 
UMS "O3'"  "HO3'" sing N N 170 
UMS "C2'"  "SE2'" sing N N 171 
UMS "C2'"  "C1'"  sing N N 172 
UMS "C2'"  "H2'"  sing N N 173 
UMS "SE2'" "CA'"  sing N N 174 
UMS "C1'"  N1     sing N N 175 
UMS "C1'"  "H1'"  sing N N 176 
UMS "CA'"  "HA'"  sing N N 177 
UMS "CA'"  "HA'2" sing N N 178 
UMS "CA'"  "HA'3" sing N N 179 
UMS N1     C2     sing N N 180 
UMS N1     C6     sing N N 181 
UMS C2     O2     doub N N 182 
UMS C2     N3     sing N N 183 
UMS N3     C4     sing N N 184 
UMS N3     H3     sing N N 185 
UMS C4     O4     doub N N 186 
UMS C4     C5     sing N N 187 
UMS C5     C6     doub N N 188 
UMS C5     H5     sing N N 189 
UMS C6     H6     sing N N 190 
# 
loop_
_ndb_struct_conf_na.entry_id 
_ndb_struct_conf_na.feature 
3DW7 'double helix'         
3DW7 'a-form double helix'  
3DW7 'mismatched base pair' 
3DW7 'triple helix'         
# 
loop_
_ndb_struct_na_base_pair.model_number 
_ndb_struct_na_base_pair.i_label_asym_id 
_ndb_struct_na_base_pair.i_label_comp_id 
_ndb_struct_na_base_pair.i_label_seq_id 
_ndb_struct_na_base_pair.i_symmetry 
_ndb_struct_na_base_pair.j_label_asym_id 
_ndb_struct_na_base_pair.j_label_comp_id 
_ndb_struct_na_base_pair.j_label_seq_id 
_ndb_struct_na_base_pair.j_symmetry 
_ndb_struct_na_base_pair.shear 
_ndb_struct_na_base_pair.stretch 
_ndb_struct_na_base_pair.stagger 
_ndb_struct_na_base_pair.buckle 
_ndb_struct_na_base_pair.propeller 
_ndb_struct_na_base_pair.opening 
_ndb_struct_na_base_pair.pair_number 
_ndb_struct_na_base_pair.pair_name 
_ndb_struct_na_base_pair.i_auth_asym_id 
_ndb_struct_na_base_pair.i_auth_seq_id 
_ndb_struct_na_base_pair.i_PDB_ins_code 
_ndb_struct_na_base_pair.j_auth_asym_id 
_ndb_struct_na_base_pair.j_auth_seq_id 
_ndb_struct_na_base_pair.j_PDB_ins_code 
_ndb_struct_na_base_pair.hbond_type_28 
_ndb_struct_na_base_pair.hbond_type_12 
1 A G   2  1_555 A U 26 1_555 -2.799 -0.985 0.329  -0.360 -15.898 0.437   1  A_G2648:U2672_A   A 2648 ? A 2672 ? 28 ?  
1 A C   3  1_555 A G 25 1_555 -0.870 0.204  0.558  -2.216 -15.424 4.189   2  A_C2649:G2671_A   A 2649 ? A 2671 ? 19 1  
1 A U   4  1_555 A A 24 1_555 -0.111 -0.083 0.207  5.359  -13.208 -0.857  3  A_U2650:A2670_A   A 2650 ? A 2670 ? 20 1  
1 A C   5  1_555 A G 23 1_555 0.283  -0.141 0.061  6.436  -17.608 2.300   4  A_C2651:G2669_A   A 2651 ? A 2669 ? 19 1  
1 A C   6  1_555 A G 22 1_555 0.278  -0.116 -0.025 -3.593 -9.440  -0.314  5  A_C2652:G2668_A   A 2652 ? A 2668 ? 19 1  
1 A U   7  1_555 A C 21 1_555 5.731  -2.131 -0.368 -5.282 -16.217 -11.551 6  A_U2653:C2667_A   A 2653 ? A 2667 ? ?  ?  
1 A UMS 10 1_555 A A 19 1_555 4.254  -2.239 -0.558 2.714  -16.904 -98.624 7  A_UMS2656:A2665_A A 2656 ? A 2665 ? 24 4  
1 A A   11 1_555 A G 18 1_555 -6.795 -4.284 -0.093 -3.524 2.555   -2.089  8  A_A2657:G2664_A   A 2657 ? A 2664 ? 11 10 
1 A C   12 1_555 A G 17 1_555 0.166  -0.119 -0.199 6.608  -1.341  0.979   9  A_C2658:G2663_A   A 2658 ? A 2663 ? 19 1  
1 A G   13 1_555 A A 16 1_555 7.198  -5.251 0.748  18.431 -4.281  -18.774 10 A_G2659:A2662_A   A 2659 ? A 2662 ? ?  ?  
# 
loop_
_ndb_struct_na_base_pair_step.model_number 
_ndb_struct_na_base_pair_step.i_label_asym_id_1 
_ndb_struct_na_base_pair_step.i_label_comp_id_1 
_ndb_struct_na_base_pair_step.i_label_seq_id_1 
_ndb_struct_na_base_pair_step.i_symmetry_1 
_ndb_struct_na_base_pair_step.j_label_asym_id_1 
_ndb_struct_na_base_pair_step.j_label_comp_id_1 
_ndb_struct_na_base_pair_step.j_label_seq_id_1 
_ndb_struct_na_base_pair_step.j_symmetry_1 
_ndb_struct_na_base_pair_step.i_label_asym_id_2 
_ndb_struct_na_base_pair_step.i_label_comp_id_2 
_ndb_struct_na_base_pair_step.i_label_seq_id_2 
_ndb_struct_na_base_pair_step.i_symmetry_2 
_ndb_struct_na_base_pair_step.j_label_asym_id_2 
_ndb_struct_na_base_pair_step.j_label_comp_id_2 
_ndb_struct_na_base_pair_step.j_label_seq_id_2 
_ndb_struct_na_base_pair_step.j_symmetry_2 
_ndb_struct_na_base_pair_step.shift 
_ndb_struct_na_base_pair_step.slide 
_ndb_struct_na_base_pair_step.rise 
_ndb_struct_na_base_pair_step.tilt 
_ndb_struct_na_base_pair_step.roll 
_ndb_struct_na_base_pair_step.twist 
_ndb_struct_na_base_pair_step.x_displacement 
_ndb_struct_na_base_pair_step.y_displacement 
_ndb_struct_na_base_pair_step.helical_rise 
_ndb_struct_na_base_pair_step.inclination 
_ndb_struct_na_base_pair_step.tip 
_ndb_struct_na_base_pair_step.helical_twist 
_ndb_struct_na_base_pair_step.step_number 
_ndb_struct_na_base_pair_step.step_name 
_ndb_struct_na_base_pair_step.i_auth_asym_id_1 
_ndb_struct_na_base_pair_step.i_auth_seq_id_1 
_ndb_struct_na_base_pair_step.i_PDB_ins_code_1 
_ndb_struct_na_base_pair_step.j_auth_asym_id_1 
_ndb_struct_na_base_pair_step.j_auth_seq_id_1 
_ndb_struct_na_base_pair_step.j_PDB_ins_code_1 
_ndb_struct_na_base_pair_step.i_auth_asym_id_2 
_ndb_struct_na_base_pair_step.i_auth_seq_id_2 
_ndb_struct_na_base_pair_step.i_PDB_ins_code_2 
_ndb_struct_na_base_pair_step.j_auth_asym_id_2 
_ndb_struct_na_base_pair_step.j_auth_seq_id_2 
_ndb_struct_na_base_pair_step.j_PDB_ins_code_2 
1 A G   2  1_555 A U 26 1_555 A C   3  1_555 A G 25 1_555 -0.025 -1.169 3.208 -3.425 5.264  43.712  -2.029 -0.275 3.048 7.026  
4.572  44.139  1 AA_G2648C2649:G2671U2672_AA   A 2648 ? A 2672 ? A 2649 ? A 2671 ? 
1 A C   3  1_555 A G 25 1_555 A U   4  1_555 A A 24 1_555 -0.009 -2.220 2.913 1.148  5.129  27.380  -5.625 0.246  2.462 10.711 
-2.398 27.871  2 AA_C2649U2650:A2670G2671_AA   A 2649 ? A 2671 ? A 2650 ? A 2670 ? 
1 A U   4  1_555 A A 24 1_555 A C   5  1_555 A G 23 1_555 0.541  -1.408 3.086 0.685  3.477  36.256  -2.699 -0.778 2.952 5.571  
-1.097 36.423  3 AA_U2650C2651:G2669A2670_AA   A 2650 ? A 2670 ? A 2651 ? A 2669 ? 
1 A C   5  1_555 A G 23 1_555 A C   6  1_555 A G 22 1_555 -0.609 -1.925 3.422 0.237  6.462  31.769  -4.574 1.133  2.979 11.653 
-0.428 32.404  4 AA_C2651C2652:G2668G2669_AA   A 2651 ? A 2669 ? A 2652 ? A 2668 ? 
1 A C   6  1_555 A G 22 1_555 A U   7  1_555 A C 21 1_555 -0.498 -0.992 3.492 8.380  10.735 54.011  -1.709 1.037  3.155 11.614 
-9.066 55.576  5 AA_C2652U2653:C2667G2668_AA   A 2652 ? A 2668 ? A 2653 ? A 2667 ? 
1 A U   7  1_555 A C 21 1_555 A UMS 10 1_555 A A 19 1_555 0.784  -1.263 6.321 4.567  -3.893 33.472  -0.933 0.097  6.471 -6.693 
-7.852 33.990  6 AA_U2653UMS2656:A2665C2667_AA A 2653 ? A 2667 ? A 2656 ? A 2665 ? 
1 A UMS 10 1_555 A A 19 1_555 A A   11 1_555 A G 18 1_555 4.841  -1.085 3.471 -1.848 -1.644 -10.909 8.417  21.632 4.024 8.505  
-9.559 -11.185 7 AA_UMS2656A2657:G2664A2665_AA A 2656 ? A 2665 ? A 2657 ? A 2664 ? 
1 A A   11 1_555 A G 18 1_555 A C   12 1_555 A G 17 1_555 0.120  -1.101 3.145 -1.525 3.472  59.109  -1.282 -0.195 3.078 3.516  
1.544  59.220  8 AA_A2657C2658:G2663G2664_AA   A 2657 ? A 2664 ? A 2658 ? A 2663 ? 
1 A C   12 1_555 A G 17 1_555 A G   13 1_555 A A 16 1_555 -2.678 -1.288 2.977 -6.907 7.384  49.763  -1.991 2.671  3.091 8.671  
8.111  50.716  9 AA_C2658G2659:A2662G2663_AA   A 2658 ? A 2663 ? A 2659 ? A 2662 ? 
# 
_atom_sites.entry_id                    3DW7 
_atom_sites.fract_transf_matrix[1][1]   0.01552920 
_atom_sites.fract_transf_matrix[1][2]   0.01558622 
_atom_sites.fract_transf_matrix[1][3]   -0.02571239 
_atom_sites.fract_transf_matrix[2][1]   -0.01503930 
_atom_sites.fract_transf_matrix[2][2]   0.02908552 
_atom_sites.fract_transf_matrix[2][3]   0.00854782 
_atom_sites.fract_transf_matrix[3][1]   0.01009560 
_atom_sites.fract_transf_matrix[3][2]   0.00290986 
_atom_sites.fract_transf_matrix[3][3]   0.00786120 
_atom_sites.fract_transf_vector[1]      -0.325741 
_atom_sites.fract_transf_vector[2]      -0.357374 
_atom_sites.fract_transf_vector[3]      0.000626 
# 
loop_
_atom_type.symbol 
C  
N  
O  
P  
SE 
# 
loop_
_atom_site.group_PDB 
_atom_site.id 
_atom_site.type_symbol 
_atom_site.label_atom_id 
_atom_site.label_alt_id 
_atom_site.label_comp_id 
_atom_site.label_asym_id 
_atom_site.label_entity_id 
_atom_site.label_seq_id 
_atom_site.pdbx_PDB_ins_code 
_atom_site.Cartn_x 
_atom_site.Cartn_y 
_atom_site.Cartn_z 
_atom_site.occupancy 
_atom_site.B_iso_or_equiv 
_atom_site.pdbx_formal_charge 
_atom_site.auth_seq_id 
_atom_site.auth_comp_id 
_atom_site.auth_asym_id 
_atom_site.auth_atom_id 
_atom_site.pdbx_PDB_model_num 
ATOM   1   O  "O5'"  . U   A 1 1  ? 4.420   -15.640 -10.712 1.00 24.62 ? 2647 U   A "O5'"  1 
ATOM   2   C  "C5'"  . U   A 1 1  ? 5.429   -15.306 -9.766  1.00 23.87 ? 2647 U   A "C5'"  1 
ATOM   3   C  "C4'"  . U   A 1 1  ? 5.748   -13.820 -9.779  1.00 22.89 ? 2647 U   A "C4'"  1 
ATOM   4   O  "O4'"  . U   A 1 1  ? 6.388   -13.478 -11.037 1.00 22.91 ? 2647 U   A "O4'"  1 
ATOM   5   C  "C3'"  . U   A 1 1  ? 4.544   -12.893 -9.676  1.00 21.33 ? 2647 U   A "C3'"  1 
ATOM   6   O  "O3'"  A U   A 1 1  ? 5.045   -11.670 -9.107  0.50 19.36 ? 2647 U   A "O3'"  1 
ATOM   7   O  "O3'"  B U   A 1 1  ? 4.821   -11.641 -9.097  0.50 20.69 ? 2647 U   A "O3'"  1 
ATOM   8   C  "C2'"  . U   A 1 1  ? 4.173   -12.730 -11.146 1.00 22.00 ? 2647 U   A "C2'"  1 
ATOM   9   O  "O2'"  . U   A 1 1  ? 3.402   -11.572 -11.411 1.00 21.88 ? 2647 U   A "O2'"  1 
ATOM   10  C  "C1'"  . U   A 1 1  ? 5.558   -12.594 -11.764 1.00 22.41 ? 2647 U   A "C1'"  1 
ATOM   11  N  N1     . U   A 1 1  ? 5.596   -12.973 -13.203 1.00 22.35 ? 2647 U   A N1     1 
ATOM   12  C  C2     . U   A 1 1  ? 5.657   -11.982 -14.160 1.00 22.56 ? 2647 U   A C2     1 
ATOM   13  O  O2     . U   A 1 1  ? 5.685   -10.795 -13.890 1.00 22.87 ? 2647 U   A O2     1 
ATOM   14  N  N3     . U   A 1 1  ? 5.686   -12.435 -15.455 1.00 23.00 ? 2647 U   A N3     1 
ATOM   15  C  C4     . U   A 1 1  ? 5.663   -13.751 -15.876 1.00 22.97 ? 2647 U   A C4     1 
ATOM   16  O  O4     . U   A 1 1  ? 5.696   -14.008 -17.075 1.00 24.34 ? 2647 U   A O4     1 
ATOM   17  C  C5     . U   A 1 1  ? 5.597   -14.726 -14.818 1.00 23.02 ? 2647 U   A C5     1 
ATOM   18  C  C6     . U   A 1 1  ? 5.567   -14.308 -13.548 1.00 22.60 ? 2647 U   A C6     1 
ATOM   19  P  P      A G   A 1 2  ? 4.558   -11.054 -7.701  0.50 16.05 ? 2648 G   A P      1 
ATOM   20  P  P      B G   A 1 2  ? 3.598   -10.915 -8.367  0.50 18.57 ? 2648 G   A P      1 
ATOM   21  O  OP1    A G   A 1 2  ? 3.390   -11.839 -7.247  0.50 16.50 ? 2648 G   A OP1    1 
ATOM   22  O  OP1    B G   A 1 2  ? 2.389   -11.758 -8.510  0.50 18.27 ? 2648 G   A OP1    1 
ATOM   23  O  OP2    A G   A 1 2  ? 4.428   -9.592  -7.888  0.50 17.68 ? 2648 G   A OP2    1 
ATOM   24  O  OP2    B G   A 1 2  ? 3.573   -9.498  -8.795  0.50 18.99 ? 2648 G   A OP2    1 
ATOM   25  O  "O5'"  A G   A 1 2  ? 5.777   -11.291 -6.692  0.50 14.51 ? 2648 G   A "O5'"  1 
ATOM   26  O  "O5'"  B G   A 1 2  ? 4.097   -10.975 -6.851  0.50 16.70 ? 2648 G   A "O5'"  1 
ATOM   27  C  "C5'"  A G   A 1 2  ? 5.825   -12.443 -5.861  0.52 12.31 ? 2648 G   A "C5'"  1 
ATOM   28  C  "C5'"  B G   A 1 2  ? 4.438   -12.239 -6.295  0.48 14.85 ? 2648 G   A "C5'"  1 
ATOM   29  C  "C4'"  A G   A 1 2  ? 7.225   -12.631 -5.309  0.50 10.48 ? 2648 G   A "C4'"  1 
ATOM   30  C  "C4'"  B G   A 1 2  ? 5.797   -12.190 -5.621  0.50 13.07 ? 2648 G   A "C4'"  1 
ATOM   31  O  "O4'"  A G   A 1 2  ? 8.173   -12.397 -6.378  0.58 10.40 ? 2648 G   A "O4'"  1 
ATOM   32  O  "O4'"  B G   A 1 2  ? 6.860   -12.132 -6.606  0.42 11.93 ? 2648 G   A "O4'"  1 
ATOM   33  C  "C3'"  A G   A 1 2  ? 7.641   -11.673 -4.201  0.45 8.94  ? 2648 G   A "C3'"  1 
ATOM   34  C  "C3'"  B G   A 1 2  ? 6.045   -10.955 -4.776  0.55 12.58 ? 2648 G   A "C3'"  1 
ATOM   35  O  "O3'"  A G   A 1 2  ? 7.279   -12.209 -2.939  0.34 8.45  ? 2648 G   A "O3'"  1 
ATOM   36  O  "O3'"  B G   A 1 2  ? 5.376   -11.062 -3.532  0.66 13.07 ? 2648 G   A "O3'"  1 
ATOM   37  C  "C2'"  A G   A 1 2  ? 9.154   -11.673 -4.359  0.42 8.44  ? 2648 G   A "C2'"  1 
ATOM   38  C  "C2'"  B G   A 1 2  ? 7.558   -11.048 -4.630  0.58 12.68 ? 2648 G   A "C2'"  1 
ATOM   39  O  "O2'"  A G   A 1 2  ? 9.734   -12.841 -3.810  0.51 9.37  ? 2648 G   A "O2'"  1 
ATOM   40  O  "O2'"  B G   A 1 2  ? 7.951   -12.084 -3.753  0.49 12.97 ? 2648 G   A "O2'"  1 
ATOM   41  C  "C1'"  A G   A 1 2  ? 9.300   -11.709 -5.875  0.56 9.64  ? 2648 G   A "C1'"  1 
ATOM   42  C  "C1'"  B G   A 1 2  ? 7.946   -11.398 -6.062  0.44 11.97 ? 2648 G   A "C1'"  1 
ATOM   43  N  N9     A G   A 1 2  ? 9.378   -10.411 -6.541  0.51 9.89  ? 2648 G   A N9     1 
ATOM   44  N  N9     B G   A 1 2  ? 8.193   -10.219 -6.889  0.49 11.61 ? 2648 G   A N9     1 
ATOM   45  C  C8     A G   A 1 2  ? 8.464   -9.865  -7.411  0.39 9.47  ? 2648 G   A C8     1 
ATOM   46  C  C8     B G   A 1 2  ? 7.388   -9.716  -7.883  0.61 12.37 ? 2648 G   A C8     1 
ATOM   47  N  N7     A G   A 1 2  ? 8.812   -8.692  -7.862  0.50 10.19 ? 2648 G   A N7     1 
ATOM   48  N  N7     B G   A 1 2  ? 7.871   -8.645  -8.451  0.50 12.16 ? 2648 G   A N7     1 
ATOM   49  C  C5     A G   A 1 2  ? 10.036  -8.447  -7.255  0.37 9.37  ? 2648 G   A C5     1 
ATOM   50  C  C5     B G   A 1 2  ? 9.074   -8.422  -7.791  0.63 10.84 ? 2648 G   A C5     1 
ATOM   51  C  C6     A G   A 1 2  ? 10.900  -7.332  -7.361  0.55 9.98  ? 2648 G   A C6     1 
ATOM   52  C  C6     B G   A 1 2  ? 10.041  -7.404  -7.973  0.45 9.57  ? 2648 G   A C6     1 
ATOM   53  O  O6     A G   A 1 2  ? 10.748  -6.304  -8.035  0.56 11.64 ? 2648 G   A O6     1 
ATOM   54  O  O6     B G   A 1 2  ? 10.029  -6.465  -8.782  0.44 9.01  ? 2648 G   A O6     1 
ATOM   55  N  N1     A G   A 1 2  ? 12.039  -7.492  -6.576  0.46 9.76  ? 2648 G   A N1     1 
ATOM   56  N  N1     B G   A 1 2  ? 11.113  -7.546  -7.096  0.54 9.89  ? 2648 G   A N1     1 
ATOM   57  C  C2     A G   A 1 2  ? 12.312  -8.587  -5.794  0.75 10.25 ? 2648 G   A C2     1 
ATOM   58  C  C2     B G   A 1 2  ? 11.234  -8.546  -6.160  0.25 9.67  ? 2648 G   A C2     1 
ATOM   59  N  N2     A G   A 1 2  ? 13.463  -8.560  -5.108  0.37 9.09  ? 2648 G   A N2     1 
ATOM   60  N  N2     B G   A 1 2  ? 12.340  -8.517  -5.401  0.63 11.65 ? 2648 G   A N2     1 
ATOM   61  N  N3     A G   A 1 2  ? 11.511  -9.637  -5.685  0.53 9.57  ? 2648 G   A N3     1 
ATOM   62  N  N3     B G   A 1 2  ? 10.335  -9.505  -5.979  0.47 9.62  ? 2648 G   A N3     1 
ATOM   63  C  C4     A G   A 1 2  ? 10.399  -9.497  -6.442  0.56 9.78  ? 2648 G   A C4     1 
ATOM   64  C  C4     B G   A 1 2  ? 9.285   -9.382  -6.827  0.44 10.64 ? 2648 G   A C4     1 
ATOM   65  P  P      A C   A 1 3  ? 6.777   -11.250 -1.762  0.44 9.79  ? 2649 C   A P      1 
ATOM   66  P  P      B C   A 1 3  ? 4.792   -9.739  -2.851  0.56 12.34 ? 2649 C   A P      1 
ATOM   67  O  OP1    A C   A 1 3  ? 6.479   -12.106 -0.594  0.52 12.19 ? 2649 C   A OP1    1 
ATOM   68  O  OP1    B C   A 1 3  ? 3.940   -10.158 -1.715  0.48 12.25 ? 2649 C   A OP1    1 
ATOM   69  O  OP2    A C   A 1 3  ? 5.729   -10.364 -2.317  0.31 8.83  ? 2649 C   A OP2    1 
ATOM   70  O  OP2    B C   A 1 3  ? 4.227   -8.883  -3.917  0.69 15.57 ? 2649 C   A OP2    1 
ATOM   71  O  "O5'"  A C   A 1 3  ? 8.059   -10.356 -1.436  0.37 8.24  ? 2649 C   A "O5'"  1 
ATOM   72  O  "O5'"  B C   A 1 3  ? 6.106   -9.020  -2.292  0.63 12.68 ? 2649 C   A "O5'"  1 
ATOM   73  C  "C5'"  A C   A 1 3  ? 9.215   -10.958 -0.871  0.47 9.56  ? 2649 C   A "C5'"  1 
ATOM   74  C  "C5'"  B C   A 1 3  ? 6.995   -9.724  -1.438  0.53 12.72 ? 2649 C   A "C5'"  1 
ATOM   75  C  "C4'"  A C   A 1 3  ? 10.298  -9.914  -0.705  0.58 10.07 ? 2649 C   A "C4'"  1 
ATOM   76  C  "C4'"  B C   A 1 3  ? 8.328   -9.003  -1.355  0.42 11.93 ? 2649 C   A "C4'"  1 
ATOM   77  O  "O4'"  A C   A 1 3  ? 10.812  -9.538  -2.006  0.51 9.85  ? 2649 C   A "O4'"  1 
ATOM   78  O  "O4'"  B C   A 1 3  ? 8.962   -8.985  -2.659  0.49 11.36 ? 2649 C   A "O4'"  1 
ATOM   79  C  "C3'"  A C   A 1 3  ? 9.811   -8.602  -0.115  0.37 8.94  ? 2649 C   A "C3'"  1 
ATOM   80  C  "C3'"  B C   A 1 3  ? 8.238   -7.539  -0.960  0.63 11.88 ? 2649 C   A "C3'"  1 
ATOM   81  O  "O3'"  A C   A 1 3  ? 9.728   -8.700  1.301   0.45 9.23  ? 2649 C   A "O3'"  1 
ATOM   82  O  "O3'"  B C   A 1 3  ? 8.196   -7.427  0.450   0.55 11.96 ? 2649 C   A "O3'"  1 
ATOM   83  C  "C2'"  A C   A 1 3  ? 10.905  -7.650  -0.589  0.53 9.68  ? 2649 C   A "C2'"  1 
ATOM   84  C  "C2'"  B C   A 1 3  ? 9.553   -7.009  -1.513  0.47 11.85 ? 2649 C   A "C2'"  1 
ATOM   85  O  "O2'"  A C   A 1 3  ? 12.099  -7.746  0.163   0.64 11.37 ? 2649 C   A "O2'"  1 
ATOM   86  O  "O2'"  B C   A 1 3  ? 10.653  -7.369  -0.703  0.36 12.79 ? 2649 C   A "O2'"  1 
ATOM   87  C  "C1'"  A C   A 1 3  ? 11.156  -8.164  -2.003  0.28 9.10  ? 2649 C   A "C1'"  1 
ATOM   88  C  "C1'"  B C   A 1 3  ? 9.631   -7.750  -2.842  0.72 11.36 ? 2649 C   A "C1'"  1 
ATOM   89  N  N1     A C   A 1 3  ? 10.363  -7.462  -3.052  0.40 9.30  ? 2649 C   A N1     1 
ATOM   90  N  N1     B C   A 1 3  ? 9.002   -7.029  -3.989  0.60 10.42 ? 2649 C   A N1     1 
ATOM   91  C  C2     A C   A 1 3  ? 10.830  -6.241  -3.550  0.59 10.05 ? 2649 C   A C2     1 
ATOM   92  C  C2     B C   A 1 3  ? 9.709   -6.006  -4.628  0.41 9.24  ? 2649 C   A C2     1 
ATOM   93  O  O2     A C   A 1 3  ? 11.884  -5.776  -3.104  0.50 10.98 ? 2649 C   A O2     1 
ATOM   94  O  O2     B C   A 1 3  ? 10.839  -5.710  -4.224  0.50 9.73  ? 2649 C   A O2     1 
ATOM   95  N  N3     A C   A 1 3  ? 10.110  -5.606  -4.507  0.43 9.14  ? 2649 C   A N3     1 
ATOM   96  N  N3     B C   A 1 3  ? 9.131   -5.364  -5.672  0.57 9.12  ? 2649 C   A N3     1 
ATOM   97  C  C4     A C   A 1 3  ? 8.977   -6.146  -4.959  0.45 9.26  ? 2649 C   A C4     1 
ATOM   98  C  C4     B C   A 1 3  ? 7.909   -5.711  -6.080  0.55 10.42 ? 2649 C   A C4     1 
ATOM   99  N  N4     A C   A 1 3  ? 8.306   -5.480  -5.903  0.48 10.54 ? 2649 C   A N4     1 
ATOM   100 N  N4     B C   A 1 3  ? 7.387   -5.043  -7.114  0.52 10.93 ? 2649 C   A N4     1 
ATOM   101 C  C5     A C   A 1 3  ? 8.486   -7.390  -4.463  0.25 9.04  ? 2649 C   A C5     1 
ATOM   102 C  C5     B C   A 1 3  ? 7.173   -6.752  -5.442  0.75 11.30 ? 2649 C   A C5     1 
ATOM   103 C  C6     A C   A 1 3  ? 9.204   -8.008  -3.519  0.37 9.09  ? 2649 C   A C6     1 
ATOM   104 C  C6     B C   A 1 3  ? 7.753   -7.378  -4.413  0.63 10.10 ? 2649 C   A C6     1 
ATOM   105 P  P      A U   A 1 4  ? 8.926   -7.580  2.113   0.46 9.31  ? 2650 U   A P      1 
ATOM   106 P  P      B U   A 1 4  ? 7.378   -6.238  1.137   0.54 12.33 ? 2650 U   A P      1 
ATOM   107 O  OP1    A U   A 1 4  ? 9.025   -7.930  3.549   0.59 10.22 ? 2650 U   A OP1    1 
ATOM   108 O  OP1    B U   A 1 4  ? 7.259   -6.555  2.577   0.41 12.47 ? 2650 U   A OP1    1 
ATOM   109 O  OP2    A U   A 1 4  ? 7.599   -7.389  1.482   0.44 11.53 ? 2650 U   A OP2    1 
ATOM   110 O  OP2    B U   A 1 4  ? 6.170   -5.970  0.331   0.56 13.08 ? 2650 U   A OP2    1 
ATOM   111 O  "O5'"  A U   A 1 4  ? 9.856   -6.294  1.799   0.41 10.51 ? 2650 U   A "O5'"  1 
ATOM   112 O  "O5'"  B U   A 1 4  ? 8.337   -4.989  0.981   0.59 11.74 ? 2650 U   A "O5'"  1 
ATOM   113 C  "C5'"  A U   A 1 4  ? 9.368   -4.941  1.713   0.52 12.39 ? 2650 U   A "C5'"  1 
ATOM   114 C  "C5'"  B U   A 1 4  ? 9.498   -4.993  1.741   0.48 13.04 ? 2650 U   A "C5'"  1 
ATOM   115 C  "C4'"  . U   A 1 4  ? 10.365  -3.910  1.172   1.00 12.87 ? 2650 U   A "C4'"  1 
ATOM   116 O  "O4'"  . U   A 1 4  ? 10.601  -4.140  -0.238  1.00 13.22 ? 2650 U   A "O4'"  1 
ATOM   117 C  "C3'"  . U   A 1 4  ? 9.762   -2.520  1.174   1.00 12.21 ? 2650 U   A "C3'"  1 
ATOM   118 O  "O3'"  . U   A 1 4  ? 9.896   -1.948  2.445   1.00 12.46 ? 2650 U   A "O3'"  1 
ATOM   119 C  "C2'"  . U   A 1 4  ? 10.633  -1.808  0.157   1.00 12.70 ? 2650 U   A "C2'"  1 
ATOM   120 O  "O2'"  . U   A 1 4  ? 11.928  -1.559  0.662   1.00 14.74 ? 2650 U   A "O2'"  1 
ATOM   121 C  "C1'"  . U   A 1 4  ? 10.716  -2.891  -0.905  1.00 12.86 ? 2650 U   A "C1'"  1 
ATOM   122 N  N1     . U   A 1 4  ? 9.696   -2.816  -1.994  1.00 11.58 ? 2650 U   A N1     1 
ATOM   123 C  C2     . U   A 1 4  ? 9.777   -1.804  -2.929  1.00 10.88 ? 2650 U   A C2     1 
ATOM   124 O  O2     . U   A 1 4  ? 10.632  -0.938  -2.900  1.00 11.74 ? 2650 U   A O2     1 
ATOM   125 N  N3     . U   A 1 4  ? 8.813   -1.842  -3.905  1.00 11.20 ? 2650 U   A N3     1 
ATOM   126 C  C4     . U   A 1 4  ? 7.797   -2.771  -4.033  1.00 11.68 ? 2650 U   A C4     1 
ATOM   127 O  O4     . U   A 1 4  ? 7.004   -2.684  -4.963  1.00 12.62 ? 2650 U   A O4     1 
ATOM   128 C  C5     . U   A 1 4  ? 7.779   -3.795  -3.023  1.00 12.49 ? 2650 U   A C5     1 
ATOM   129 C  C6     . U   A 1 4  ? 8.712   -3.781  -2.067  1.00 11.96 ? 2650 U   A C6     1 
ATOM   130 P  P      . C   A 1 5  ? 8.695   -1.060  3.001   1.00 12.65 ? 2651 C   A P      1 
ATOM   131 O  OP1    . C   A 1 5  ? 9.014   -0.746  4.409   1.00 14.51 ? 2651 C   A OP1    1 
ATOM   132 O  OP2    . C   A 1 5  ? 7.426   -1.736  2.658   1.00 15.06 ? 2651 C   A OP2    1 
ATOM   133 O  "O5'"  . C   A 1 5  ? 8.785   0.285   2.143   1.00 10.73 ? 2651 C   A "O5'"  1 
ATOM   134 C  "C5'"  . C   A 1 5  ? 9.921   1.126   2.284   1.00 9.61  ? 2651 C   A "C5'"  1 
ATOM   135 C  "C4'"  . C   A 1 5  ? 9.978   2.102   1.131   1.00 9.60  ? 2651 C   A "C4'"  1 
ATOM   136 O  "O4'"  . C   A 1 5  ? 10.018  1.359   -0.108  1.00 9.09  ? 2651 C   A "O4'"  1 
ATOM   137 C  "C3'"  . C   A 1 5  ? 8.748   2.982   0.981   1.00 9.25  ? 2651 C   A "C3'"  1 
ATOM   138 O  "O3'"  . C   A 1 5  ? 8.797   4.081   1.878   1.00 9.53  ? 2651 C   A "O3'"  1 
ATOM   139 C  "C2'"  . C   A 1 5  ? 8.866   3.409   -0.477  1.00 9.65  ? 2651 C   A "C2'"  1 
ATOM   140 O  "O2'"  . C   A 1 5  ? 9.832   4.416   -0.702  1.00 10.89 ? 2651 C   A "O2'"  1 
ATOM   141 C  "C1'"  . C   A 1 5  ? 9.339   2.103   -1.101  1.00 9.45  ? 2651 C   A "C1'"  1 
ATOM   142 N  N1     . C   A 1 5  ? 8.228   1.300   -1.660  1.00 8.92  ? 2651 C   A N1     1 
ATOM   143 C  C2     . C   A 1 5  ? 7.721   1.721   -2.881  1.00 8.79  ? 2651 C   A C2     1 
ATOM   144 O  O2     . C   A 1 5  ? 8.224   2.725   -3.399  1.00 9.04  ? 2651 C   A O2     1 
ATOM   145 N  N3     . C   A 1 5  ? 6.709   1.025   -3.451  1.00 8.72  ? 2651 C   A N3     1 
ATOM   146 C  C4     . C   A 1 5  ? 6.209   -0.049  -2.835  1.00 9.17  ? 2651 C   A C4     1 
ATOM   147 N  N4     . C   A 1 5  ? 5.212   -0.712  -3.431  1.00 9.76  ? 2651 C   A N4     1 
ATOM   148 C  C5     . C   A 1 5  ? 6.714   -0.491  -1.576  1.00 9.18  ? 2651 C   A C5     1 
ATOM   149 C  C6     . C   A 1 5  ? 7.716   0.206   -1.025  1.00 9.39  ? 2651 C   A C6     1 
ATOM   150 P  P      . C   A 1 6  ? 7.435   4.806   2.303   1.00 9.34  ? 2652 C   A P      1 
ATOM   151 O  OP1    . C   A 1 6  ? 7.774   5.779   3.363   1.00 10.20 ? 2652 C   A OP1    1 
ATOM   152 O  OP2    . C   A 1 6  ? 6.401   3.777   2.550   1.00 10.76 ? 2652 C   A OP2    1 
ATOM   153 O  "O5'"  . C   A 1 6  ? 7.001   5.598   0.986   1.00 8.60  ? 2652 C   A "O5'"  1 
ATOM   154 C  "C5'"  . C   A 1 6  ? 7.774   6.701   0.538   1.00 8.18  ? 2652 C   A "C5'"  1 
ATOM   155 C  "C4'"  . C   A 1 6  ? 7.170   7.295   -0.715  1.00 7.72  ? 2652 C   A "C4'"  1 
ATOM   156 O  "O4'"  . C   A 1 6  ? 7.174   6.306   -1.769  1.00 8.01  ? 2652 C   A "O4'"  1 
ATOM   157 C  "C3'"  . C   A 1 6  ? 5.705   7.685   -0.603  1.00 7.72  ? 2652 C   A "C3'"  1 
ATOM   158 O  "O3'"  . C   A 1 6  ? 5.594   8.955   0.008   1.00 7.89  ? 2652 C   A "O3'"  1 
ATOM   159 C  "C2'"  . C   A 1 6  ? 5.311   7.745   -2.068  1.00 8.12  ? 2652 C   A "C2'"  1 
ATOM   160 O  "O2'"  . C   A 1 6  ? 5.845   8.892   -2.695  1.00 8.73  ? 2652 C   A "O2'"  1 
ATOM   161 C  "C1'"  . C   A 1 6  ? 6.035   6.513   -2.587  1.00 7.66  ? 2652 C   A "C1'"  1 
ATOM   162 N  N1     . C   A 1 6  ? 5.232   5.258   -2.627  1.00 7.42  ? 2652 C   A N1     1 
ATOM   163 C  C2     . C   A 1 6  ? 4.344   5.076   -3.687  1.00 7.63  ? 2652 C   A C2     1 
ATOM   164 O  O2     . C   A 1 6  ? 4.234   5.977   -4.523  1.00 7.93  ? 2652 C   A O2     1 
ATOM   165 N  N3     . C   A 1 6  ? 3.630   3.928   -3.759  1.00 7.80  ? 2652 C   A N3     1 
ATOM   166 C  C4     . C   A 1 6  ? 3.786   2.989   -2.825  1.00 7.27  ? 2652 C   A C4     1 
ATOM   167 N  N4     . C   A 1 6  ? 3.064   1.869   -2.939  1.00 8.36  ? 2652 C   A N4     1 
ATOM   168 C  C5     . C   A 1 6  ? 4.688   3.155   -1.733  1.00 7.90  ? 2652 C   A C5     1 
ATOM   169 C  C6     . C   A 1 6  ? 5.390   4.293   -1.675  1.00 8.02  ? 2652 C   A C6     1 
ATOM   170 P  P      . U   A 1 7  ? 4.322   9.294   0.914   1.00 8.90  ? 2653 U   A P      1 
ATOM   171 O  OP1    . U   A 1 7  ? 4.467   10.714  1.305   1.00 11.51 ? 2653 U   A OP1    1 
ATOM   172 O  OP2    . U   A 1 7  ? 4.189   8.255   1.956   1.00 9.53  ? 2653 U   A OP2    1 
ATOM   173 O  "O5'"  . U   A 1 7  ? 3.074   9.122   -0.071  1.00 7.97  ? 2653 U   A "O5'"  1 
ATOM   174 C  "C5'"  . U   A 1 7  ? 2.860   10.024  -1.144  1.00 8.49  ? 2653 U   A "C5'"  1 
ATOM   175 C  "C4'"  . U   A 1 7  ? 1.727   9.511   -2.008  1.00 8.43  ? 2653 U   A "C4'"  1 
ATOM   176 O  "O4'"  . U   A 1 7  ? 2.123   8.250   -2.604  1.00 8.06  ? 2653 U   A "O4'"  1 
ATOM   177 C  "C3'"  . U   A 1 7  ? 0.441   9.171   -1.264  1.00 7.87  ? 2653 U   A "C3'"  1 
ATOM   178 O  "O3'"  . U   A 1 7  ? -0.385  10.309  -1.105  1.00 8.73  ? 2653 U   A "O3'"  1 
ATOM   179 C  "C2'"  . U   A 1 7  ? -0.213  8.209   -2.244  1.00 7.82  ? 2653 U   A "C2'"  1 
ATOM   180 O  "O2'"  . U   A 1 7  ? -0.837  8.891   -3.310  1.00 8.31  ? 2653 U   A "O2'"  1 
ATOM   181 C  "C1'"  . U   A 1 7  ? 0.988   7.422   -2.755  1.00 8.32  ? 2653 U   A "C1'"  1 
ATOM   182 N  N1     . U   A 1 7  ? 1.169   6.161   -1.992  1.00 7.39  ? 2653 U   A N1     1 
ATOM   183 C  C2     . U   A 1 7  ? 0.594   5.019   -2.500  1.00 8.03  ? 2653 U   A C2     1 
ATOM   184 O  O2     . U   A 1 7  ? -0.035  5.006   -3.543  1.00 9.25  ? 2653 U   A O2     1 
ATOM   185 N  N3     . U   A 1 7  ? 0.783   3.889   -1.747  1.00 8.34  ? 2653 U   A N3     1 
ATOM   186 C  C4     . U   A 1 7  ? 1.468   3.797   -0.551  1.00 8.13  ? 2653 U   A C4     1 
ATOM   187 O  O4     . U   A 1 7  ? 1.551   2.712   0.016   1.00 9.17  ? 2653 U   A O4     1 
ATOM   188 C  C5     . U   A 1 7  ? 2.034   5.034   -0.076  1.00 7.75  ? 2653 U   A C5     1 
ATOM   189 C  C6     . U   A 1 7  ? 1.866   6.150   -0.799  1.00 7.64  ? 2653 U   A C6     1 
ATOM   190 P  P      A A   A 1 8  ? -1.379  10.454  0.162   0.50 9.30  ? 2654 A   A P      1 
ATOM   191 P  P      B A   A 1 8  ? -0.465  11.077  0.273   0.50 7.64  ? 2654 A   A P      1 
ATOM   192 O  OP1    A A   A 1 8  ? -2.377  9.370   0.058   0.50 9.62  ? 2654 A   A OP1    1 
ATOM   193 O  OP1    B A   A 1 8  ? -1.516  12.113  0.154   0.50 8.97  ? 2654 A   A OP1    1 
ATOM   194 O  OP2    A A   A 1 8  ? -1.825  11.862  0.204   0.50 10.97 ? 2654 A   A OP2    1 
ATOM   195 O  OP2    B A   A 1 8  ? 0.908   11.461  0.659   0.50 8.26  ? 2654 A   A OP2    1 
ATOM   196 O  "O5'"  A A   A 1 8  ? -0.491  10.184  1.459   0.50 9.65  ? 2654 A   A "O5'"  1 
ATOM   197 O  "O5'"  B A   A 1 8  ? -0.949  9.928   1.280   0.50 8.53  ? 2654 A   A "O5'"  1 
ATOM   198 C  "C5'"  A A   A 1 8  ? -1.142  10.288  2.720   0.50 10.20 ? 2654 A   A "C5'"  1 
ATOM   199 C  "C5'"  B A   A 1 8  ? -1.190  10.263  2.647   0.50 8.78  ? 2654 A   A "C5'"  1 
ATOM   200 C  "C4'"  A A   A 1 8  ? -0.665  9.196   3.655   0.50 9.70  ? 2654 A   A "C4'"  1 
ATOM   201 C  "C4'"  B A   A 1 8  ? -0.672  9.207   3.613   0.50 9.11  ? 2654 A   A "C4'"  1 
ATOM   202 O  "O4'"  . A   A 1 8  ? -1.315  7.937   3.343   1.00 8.15  ? 2654 A   A "O4'"  1 
ATOM   203 C  "C3'"  . A   A 1 8  ? 0.829   8.928   3.568   1.00 10.58 ? 2654 A   A "C3'"  1 
ATOM   204 O  "O3'"  . A   A 1 8  ? 1.319   8.633   4.860   1.00 13.12 ? 2654 A   A "O3'"  1 
ATOM   205 C  "C2'"  . A   A 1 8  ? 0.909   7.705   2.665   1.00 9.11  ? 2654 A   A "C2'"  1 
ATOM   206 O  "O2'"  . A   A 1 8  ? 2.071   6.930   2.881   1.00 10.26 ? 2654 A   A "O2'"  1 
ATOM   207 C  "C1'"  . A   A 1 8  ? -0.339  6.948   3.103   1.00 8.69  ? 2654 A   A "C1'"  1 
ATOM   208 N  N9     . A   A 1 8  ? -0.856  6.079   2.059   1.00 8.35  ? 2654 A   A N9     1 
ATOM   209 C  C8     . A   A 1 8  ? -1.373  6.478   0.860   1.00 8.49  ? 2654 A   A C8     1 
ATOM   210 N  N7     . A   A 1 8  ? -1.768  5.486   0.100   1.00 8.38  ? 2654 A   A N7     1 
ATOM   211 C  C5     . A   A 1 8  ? -1.491  4.360   0.856   1.00 8.18  ? 2654 A   A C5     1 
ATOM   212 C  C6     . A   A 1 8  ? -1.673  2.985   0.606   1.00 8.75  ? 2654 A   A C6     1 
ATOM   213 N  N6     . A   A 1 8  ? -2.202  2.505   -0.523  1.00 9.52  ? 2654 A   A N6     1 
ATOM   214 N  N1     . A   A 1 8  ? -1.291  2.124   1.570   1.00 9.73  ? 2654 A   A N1     1 
ATOM   215 C  C2     . A   A 1 8  ? -0.761  2.609   2.699   1.00 9.72  ? 2654 A   A C2     1 
ATOM   216 N  N3     . A   A 1 8  ? -0.538  3.876   3.045   1.00 9.16  ? 2654 A   A N3     1 
ATOM   217 C  C4     . A   A 1 8  ? -0.928  4.707   2.068   1.00 8.51  ? 2654 A   A C4     1 
ATOM   218 P  P      . G   A 1 9  ? 1.623   9.833   5.867   1.00 13.86 ? 2655 G   A P      1 
ATOM   219 O  OP1    . G   A 1 9  ? 1.277   11.107  5.189   1.00 16.76 ? 2655 G   A OP1    1 
ATOM   220 O  OP2    . G   A 1 9  ? 3.002   9.646   6.372   1.00 14.43 ? 2655 G   A OP2    1 
ATOM   221 O  "O5'"  . G   A 1 9  ? 0.562   9.639   7.046   1.00 16.03 ? 2655 G   A "O5'"  1 
ATOM   222 C  "C5'"  . G   A 1 9  ? 0.473   8.439   7.785   1.00 15.67 ? 2655 G   A "C5'"  1 
ATOM   223 C  "C4'"  . G   A 1 9  ? -0.838  7.747   7.468   1.00 12.74 ? 2655 G   A "C4'"  1 
ATOM   224 O  "O4'"  . G   A 1 9  ? -0.659  6.328   7.687   1.00 11.66 ? 2655 G   A "O4'"  1 
ATOM   225 C  "C3'"  . G   A 1 9  ? -2.044  8.137   8.320   1.00 12.02 ? 2655 G   A "C3'"  1 
ATOM   226 O  "O3'"  . G   A 1 9  ? -3.210  7.812   7.579   1.00 10.11 ? 2655 G   A "O3'"  1 
ATOM   227 C  "C2'"  . G   A 1 9  ? -1.871  7.178   9.484   1.00 12.97 ? 2655 G   A "C2'"  1 
ATOM   228 O  "O2'"  . G   A 1 9  ? -3.046  7.007   10.250  1.00 15.16 ? 2655 G   A "O2'"  1 
ATOM   229 C  "C1'"  . G   A 1 9  ? -1.580  5.926   8.675   1.00 11.29 ? 2655 G   A "C1'"  1 
ATOM   230 N  N9     . G   A 1 9  ? -0.979  4.845   9.435   1.00 12.56 ? 2655 G   A N9     1 
ATOM   231 C  C8     . G   A 1 9  ? -0.298  4.908   10.626  1.00 15.01 ? 2655 G   A C8     1 
ATOM   232 N  N7     . G   A 1 9  ? 0.116   3.741   11.036  1.00 15.70 ? 2655 G   A N7     1 
ATOM   233 C  C5     . G   A 1 9  ? -0.319  2.860   10.052  1.00 14.38 ? 2655 G   A C5     1 
ATOM   234 C  C6     . G   A 1 9  ? -0.171  1.461   9.939   1.00 15.05 ? 2655 G   A C6     1 
ATOM   235 O  O6     . G   A 1 9  ? 0.399   0.687   10.721  1.00 16.72 ? 2655 G   A O6     1 
ATOM   236 N  N1     . G   A 1 9  ? -0.768  0.976   8.777   1.00 12.68 ? 2655 G   A N1     1 
ATOM   237 C  C2     . G   A 1 9  ? -1.424  1.743   7.840   1.00 13.12 ? 2655 G   A C2     1 
ATOM   238 N  N2     . G   A 1 9  ? -1.940  1.108   6.779   1.00 13.90 ? 2655 G   A N2     1 
ATOM   239 N  N3     . G   A 1 9  ? -1.568  3.054   7.932   1.00 12.35 ? 2655 G   A N3     1 
ATOM   240 C  C4     . G   A 1 9  ? -0.992  3.531   9.060   1.00 12.39 ? 2655 G   A C4     1 
HETATM 241 P  P      . UMS A 1 10 ? -4.702  8.213   8.007   1.00 10.41 ? 2656 UMS A P      1 
HETATM 242 O  OP1    . UMS A 1 10 ? -4.669  9.412   9.129   1.00 12.75 ? 2656 UMS A OP1    1 
HETATM 243 O  OP2    . UMS A 1 10 ? -5.436  7.026   8.448   1.00 11.31 ? 2656 UMS A OP2    1 
HETATM 244 O  "O5'"  . UMS A 1 10 ? -5.361  8.733   6.584   1.00 10.39 ? 2656 UMS A "O5'"  1 
HETATM 245 C  "C5'"  . UMS A 1 10 ? -5.024  9.977   6.019   1.00 10.04 ? 2656 UMS A "C5'"  1 
HETATM 246 C  "C4'"  . UMS A 1 10 ? -4.975  9.838   4.487   1.00 9.94  ? 2656 UMS A "C4'"  1 
HETATM 247 O  "O4'"  . UMS A 1 10 ? -3.865  8.952   4.160   1.00 10.29 ? 2656 UMS A "O4'"  1 
HETATM 248 C  "C3'"  . UMS A 1 10 ? -6.216  9.129   3.942   1.00 10.32 ? 2656 UMS A "C3'"  1 
HETATM 249 O  "O3'"  . UMS A 1 10 ? -7.257  10.035  3.692   1.00 11.26 ? 2656 UMS A "O3'"  1 
HETATM 250 C  "C2'"  . UMS A 1 10 ? -5.727  8.469   2.674   1.00 11.24 ? 2656 UMS A "C2'"  1 
HETATM 251 SE "SE2'" . UMS A 1 10 ? -5.671  9.590   1.214   1.00 14.21 ? 2656 UMS A "SE2'" 1 
HETATM 252 C  "C1'"  . UMS A 1 10 ? -4.305  8.078   3.090   1.00 10.26 ? 2656 UMS A "C1'"  1 
HETATM 253 C  "CA'"  . UMS A 1 10 ? -5.312  8.591   -0.257  1.00 19.72 ? 2656 UMS A "CA'"  1 
HETATM 254 N  N1     . UMS A 1 10 ? -4.123  6.703   3.537   1.00 10.67 ? 2656 UMS A N1     1 
HETATM 255 C  C2     . UMS A 1 10 ? -4.509  5.566   2.641   1.00 11.25 ? 2656 UMS A C2     1 
HETATM 256 O  O2     . UMS A 1 10 ? -5.076  5.859   1.409   1.00 12.21 ? 2656 UMS A O2     1 
HETATM 257 N  N3     . UMS A 1 10 ? -4.268  4.164   3.061   1.00 10.59 ? 2656 UMS A N3     1 
HETATM 258 C  C4     . UMS A 1 10 ? -3.643  3.877   4.362   1.00 11.06 ? 2656 UMS A C4     1 
HETATM 259 O  O4     . UMS A 1 10 ? -3.427  2.552   4.736   1.00 12.23 ? 2656 UMS A O4     1 
HETATM 260 C  C5     . UMS A 1 10 ? -3.246  5.009   5.265   1.00 10.26 ? 2656 UMS A C5     1 
HETATM 261 C  C6     . UMS A 1 10 ? -3.492  6.427   4.832   1.00 10.45 ? 2656 UMS A C6     1 
ATOM   262 P  P      . A   A 1 11 ? -8.744  9.746   4.211   1.00 10.99 ? 2657 A   A P      1 
ATOM   263 O  OP1    . A   A 1 11 ? -9.529  10.976  3.965   1.00 13.00 ? 2657 A   A OP1    1 
ATOM   264 O  OP2    . A   A 1 11 ? -8.696  9.169   5.570   1.00 11.34 ? 2657 A   A OP2    1 
ATOM   265 O  "O5'"  . A   A 1 11 ? -9.253  8.600   3.226   1.00 10.19 ? 2657 A   A "O5'"  1 
ATOM   266 C  "C5'"  . A   A 1 11 ? -9.521  8.925   1.874   1.00 10.44 ? 2657 A   A "C5'"  1 
ATOM   267 C  "C4'"  . A   A 1 11 ? -9.901  7.667   1.126   1.00 10.09 ? 2657 A   A "C4'"  1 
ATOM   268 O  "O4'"  . A   A 1 11 ? -8.774  6.761   1.106   1.00 10.21 ? 2657 A   A "O4'"  1 
ATOM   269 C  "C3'"  . A   A 1 11 ? -10.994 6.841   1.782   1.00 10.30 ? 2657 A   A "C3'"  1 
ATOM   270 O  "O3'"  . A   A 1 11 ? -12.270 7.378   1.491   1.00 11.32 ? 2657 A   A "O3'"  1 
ATOM   271 C  "C2'"  . A   A 1 11 ? -10.789 5.502   1.089   1.00 10.65 ? 2657 A   A "C2'"  1 
ATOM   272 O  "O2'"  . A   A 1 11 ? -11.295 5.494   -0.232  1.00 12.92 ? 2657 A   A "O2'"  1 
ATOM   273 C  "C1'"  . A   A 1 11 ? -9.269  5.436   1.059   1.00 9.75  ? 2657 A   A "C1'"  1 
ATOM   274 N  N9     . A   A 1 11 ? -8.685  4.660   2.148   1.00 8.75  ? 2657 A   A N9     1 
ATOM   275 C  C8     . A   A 1 11 ? -7.953  5.107   3.213   1.00 8.84  ? 2657 A   A C8     1 
ATOM   276 N  N7     . A   A 1 11 ? -7.548  4.148   4.014   1.00 8.41  ? 2657 A   A N7     1 
ATOM   277 C  C5     . A   A 1 11 ? -8.049  2.995   3.429   1.00 8.70  ? 2657 A   A C5     1 
ATOM   278 C  C6     . A   A 1 11 ? -7.968  1.632   3.779   1.00 9.42  ? 2657 A   A C6     1 
ATOM   279 N  N6     . A   A 1 11 ? -7.323  1.184   4.861   1.00 9.58  ? 2657 A   A N6     1 
ATOM   280 N  N1     . A   A 1 11 ? -8.579  0.739   2.973   1.00 9.55  ? 2657 A   A N1     1 
ATOM   281 C  C2     . A   A 1 11 ? -9.225  1.187   1.891   1.00 9.47  ? 2657 A   A C2     1 
ATOM   282 N  N3     . A   A 1 11 ? -9.366  2.437   1.459   1.00 9.54  ? 2657 A   A N3     1 
ATOM   283 C  C4     . A   A 1 11 ? -8.748  3.296   2.280   1.00 8.85  ? 2657 A   A C4     1 
ATOM   284 P  P      . C   A 1 12 ? -13.405 7.327   2.612   1.00 12.26 ? 2658 C   A P      1 
ATOM   285 O  OP1    . C   A 1 12 ? -14.663 7.747   1.958   1.00 14.05 ? 2658 C   A OP1    1 
ATOM   286 O  OP2    . C   A 1 12 ? -12.915 8.051   3.806   1.00 14.21 ? 2658 C   A OP2    1 
ATOM   287 O  "O5'"  . C   A 1 12 ? -13.495 5.776   2.998   1.00 10.10 ? 2658 C   A "O5'"  1 
ATOM   288 C  "C5'"  . C   A 1 12 ? -14.012 4.826   2.078   1.00 9.84  ? 2658 C   A "C5'"  1 
ATOM   289 C  "C4'"  . C   A 1 12 ? -13.784 3.424   2.611   1.00 8.84  ? 2658 C   A "C4'"  1 
ATOM   290 O  "O4'"  . C   A 1 12 ? -12.365 3.174   2.755   1.00 8.60  ? 2658 C   A "O4'"  1 
ATOM   291 C  "C3'"  . C   A 1 12 ? -14.324 3.182   4.010   1.00 8.68  ? 2658 C   A "C3'"  1 
ATOM   292 O  "O3'"  . C   A 1 12 ? -15.720 2.939   3.966   1.00 9.11  ? 2658 C   A "O3'"  1 
ATOM   293 C  "C2'"  . C   A 1 12 ? -13.525 1.947   4.415   1.00 8.83  ? 2658 C   A "C2'"  1 
ATOM   294 O  "O2'"  . C   A 1 12 ? -13.997 0.755   3.822   1.00 10.01 ? 2658 C   A "O2'"  1 
ATOM   295 C  "C1'"  . C   A 1 12 ? -12.153 2.305   3.853   1.00 8.95  ? 2658 C   A "C1'"  1 
ATOM   296 N  N1     . C   A 1 12 ? -11.318 2.974   4.883   1.00 8.20  ? 2658 C   A N1     1 
ATOM   297 C  C2     . C   A 1 12 ? -10.704 2.163   5.837   1.00 8.63  ? 2658 C   A C2     1 
ATOM   298 O  O2     . C   A 1 12 ? -10.875 0.940   5.763   1.00 9.25  ? 2658 C   A O2     1 
ATOM   299 N  N3     . C   A 1 12 ? -9.944  2.741   6.800   1.00 8.99  ? 2658 C   A N3     1 
ATOM   300 C  C4     . C   A 1 12 ? -9.796  4.066   6.829   1.00 9.10  ? 2658 C   A C4     1 
ATOM   301 N  N4     . C   A 1 12 ? -9.038  4.589   7.801   1.00 10.11 ? 2658 C   A N4     1 
ATOM   302 C  C5     . C   A 1 12 ? -10.421 4.912   5.864   1.00 9.12  ? 2658 C   A C5     1 
ATOM   303 C  C6     . C   A 1 12 ? -11.169 4.330   4.918   1.00 8.67  ? 2658 C   A C6     1 
ATOM   304 P  P      . G   A 1 13 ? -16.633 3.428   5.185   1.00 10.22 ? 2659 G   A P      1 
ATOM   305 O  OP1    . G   A 1 13 ? -18.026 3.063   4.840   1.00 11.49 ? 2659 G   A OP1    1 
ATOM   306 O  OP2    . G   A 1 13 ? -16.298 4.829   5.528   1.00 10.27 ? 2659 G   A OP2    1 
ATOM   307 O  "O5'"  . G   A 1 13 ? -16.128 2.529   6.404   1.00 10.57 ? 2659 G   A "O5'"  1 
ATOM   308 C  "C5'"  . G   A 1 13 ? -16.405 1.137   6.448   1.00 10.74 ? 2659 G   A "C5'"  1 
ATOM   309 C  "C4'"  . G   A 1 13 ? -15.719 0.527   7.655   1.00 9.58  ? 2659 G   A "C4'"  1 
ATOM   310 O  "O4'"  . G   A 1 13 ? -14.283 0.634   7.495   1.00 9.15  ? 2659 G   A "O4'"  1 
ATOM   311 C  "C3'"  . G   A 1 13 ? -15.985 1.241   8.969   1.00 9.90  ? 2659 G   A "C3'"  1 
ATOM   312 O  "O3'"  . G   A 1 13 ? -17.265 0.879   9.489   1.00 11.00 ? 2659 G   A "O3'"  1 
ATOM   313 C  "C2'"  . G   A 1 13 ? -14.816 0.709   9.793   1.00 9.37  ? 2659 G   A "C2'"  1 
ATOM   314 O  "O2'"  . G   A 1 13 ? -15.045 -0.594  10.285  1.00 9.67  ? 2659 G   A "O2'"  1 
ATOM   315 C  "C1'"  . G   A 1 13 ? -13.679 0.748   8.766   1.00 9.32  ? 2659 G   A "C1'"  1 
ATOM   316 N  N9     . G   A 1 13 ? -13.039 2.044   8.917   1.00 9.44  ? 2659 G   A N9     1 
ATOM   317 C  C8     . G   A 1 13 ? -13.194 3.199   8.191   1.00 9.64  ? 2659 G   A C8     1 
ATOM   318 N  N7     . G   A 1 13 ? -12.489 4.193   8.665   1.00 9.75  ? 2659 G   A N7     1 
ATOM   319 C  C5     . G   A 1 13 ? -11.845 3.662   9.777   1.00 9.44  ? 2659 G   A C5     1 
ATOM   320 C  C6     . G   A 1 13 ? -10.950 4.235   10.712  1.00 9.14  ? 2659 G   A C6     1 
ATOM   321 O  O6     . G   A 1 13 ? -10.516 5.392   10.755  1.00 10.93 ? 2659 G   A O6     1 
ATOM   322 N  N1     . G   A 1 13 ? -10.558 3.317   11.684  1.00 8.92  ? 2659 G   A N1     1 
ATOM   323 C  C2     . G   A 1 13 ? -10.968 2.007   11.752  1.00 8.21  ? 2659 G   A C2     1 
ATOM   324 N  N2     . G   A 1 13 ? -10.488 1.265   12.759  1.00 9.15  ? 2659 G   A N2     1 
ATOM   325 N  N3     . G   A 1 13 ? -11.797 1.460   10.882  1.00 8.27  ? 2659 G   A N3     1 
ATOM   326 C  C4     . G   A 1 13 ? -12.188 2.344   9.941   1.00 8.62  ? 2659 G   A C4     1 
ATOM   327 P  P      . A   A 1 14 ? -18.253 2.031   10.004  1.00 12.03 ? 2660 A   A P      1 
ATOM   328 O  OP1    . A   A 1 14 ? -19.472 1.384   10.537  1.00 13.88 ? 2660 A   A OP1    1 
ATOM   329 O  OP2    . A   A 1 14 ? -18.388 3.065   8.955   1.00 12.77 ? 2660 A   A OP2    1 
ATOM   330 O  "O5'"  . A   A 1 14 ? -17.408 2.632   11.224  1.00 11.56 ? 2660 A   A "O5'"  1 
ATOM   331 C  "C5'"  . A   A 1 14 ? -17.779 3.863   11.827  1.00 12.56 ? 2660 A   A "C5'"  1 
ATOM   332 C  "C4'"  . A   A 1 14 ? -17.723 3.758   13.339  1.00 12.41 ? 2660 A   A "C4'"  1 
ATOM   333 O  "O4'"  . A   A 1 14 ? -18.659 2.741   13.775  1.00 12.96 ? 2660 A   A "O4'"  1 
ATOM   334 C  "C3'"  . A   A 1 14 ? -16.392 3.311   13.927  1.00 11.61 ? 2660 A   A "C3'"  1 
ATOM   335 O  "O3'"  . A   A 1 14 ? -15.518 4.419   14.075  1.00 11.18 ? 2660 A   A "O3'"  1 
ATOM   336 C  "C2'"  . A   A 1 14 ? -16.848 2.794   15.284  1.00 12.52 ? 2660 A   A "C2'"  1 
ATOM   337 O  "O2'"  . A   A 1 14 ? -17.166 3.844   16.176  1.00 14.04 ? 2660 A   A "O2'"  1 
ATOM   338 C  "C1'"  . A   A 1 14 ? -18.132 2.074   14.905  1.00 13.01 ? 2660 A   A "C1'"  1 
ATOM   339 N  N9     . A   A 1 14 ? -17.984 0.656   14.592  1.00 13.50 ? 2660 A   A N9     1 
ATOM   340 C  C8     . A   A 1 14 ? -18.020 0.057   13.363  1.00 14.11 ? 2660 A   A C8     1 
ATOM   341 N  N7     . A   A 1 14 ? -17.873 -1.248  13.410  1.00 15.06 ? 2660 A   A N7     1 
ATOM   342 C  C5     . A   A 1 14 ? -17.739 -1.521  14.763  1.00 15.03 ? 2660 A   A C5     1 
ATOM   343 C  C6     . A   A 1 14 ? -17.555 -2.717  15.486  1.00 16.33 ? 2660 A   A C6     1 
ATOM   344 N  N6     . A   A 1 14 ? -17.469 -3.920  14.914  1.00 17.20 ? 2660 A   A N6     1 
ATOM   345 N  N1     . A   A 1 14 ? -17.459 -2.630  16.829  1.00 16.99 ? 2660 A   A N1     1 
ATOM   346 C  C2     . A   A 1 14 ? -17.545 -1.428  17.408  1.00 17.73 ? 2660 A   A C2     1 
ATOM   347 N  N3     . A   A 1 14 ? -17.718 -0.240  16.835  1.00 16.41 ? 2660 A   A N3     1 
ATOM   348 C  C4     . A   A 1 14 ? -17.809 -0.358  15.502  1.00 14.76 ? 2660 A   A C4     1 
ATOM   349 P  P      . G   A 1 15 ? -14.085 4.444   13.358  1.00 10.68 ? 2661 G   A P      1 
ATOM   350 O  OP1    . G   A 1 15 ? -13.592 5.835   13.465  1.00 12.88 ? 2661 G   A OP1    1 
ATOM   351 O  OP2    . G   A 1 15 ? -14.200 3.804   12.030  1.00 11.21 ? 2661 G   A OP2    1 
ATOM   352 O  "O5'"  . G   A 1 15 ? -13.176 3.499   14.269  1.00 9.80  ? 2661 G   A "O5'"  1 
ATOM   353 C  "C5'"  . G   A 1 15 ? -12.884 3.888   15.600  1.00 9.78  ? 2661 G   A "C5'"  1 
ATOM   354 C  "C4'"  . G   A 1 15 ? -12.864 2.680   16.516  1.00 9.26  ? 2661 G   A "C4'"  1 
ATOM   355 O  "O4'"  . G   A 1 15 ? -14.059 1.894   16.297  1.00 9.15  ? 2661 G   A "O4'"  1 
ATOM   356 C  "C3'"  . G   A 1 15 ? -11.730 1.694   16.295  1.00 8.48  ? 2661 G   A "C3'"  1 
ATOM   357 O  "O3'"  . G   A 1 15 ? -10.589 2.141   17.000  1.00 8.92  ? 2661 G   A "O3'"  1 
ATOM   358 C  "C2'"  . G   A 1 15 ? -12.309 0.450   16.945  1.00 8.85  ? 2661 G   A "C2'"  1 
ATOM   359 O  "O2'"  . G   A 1 15 ? -12.317 0.563   18.356  1.00 9.20  ? 2661 G   A "O2'"  1 
ATOM   360 C  "C1'"  . G   A 1 15 ? -13.737 0.521   16.429  1.00 8.92  ? 2661 G   A "C1'"  1 
ATOM   361 N  N9     . G   A 1 15 ? -13.990 -0.151  15.155  1.00 8.06  ? 2661 G   A N9     1 
ATOM   362 C  C8     . G   A 1 15 ? -14.161 0.412   13.913  1.00 8.69  ? 2661 G   A C8     1 
ATOM   363 N  N7     . G   A 1 15 ? -14.403 -0.467  12.976  1.00 8.40  ? 2661 G   A N7     1 
ATOM   364 C  C5     . G   A 1 15 ? -14.401 -1.685  13.642  1.00 8.01  ? 2661 G   A C5     1 
ATOM   365 C  C6     . G   A 1 15 ? -14.607 -3.000  13.162  1.00 8.72  ? 2661 G   A C6     1 
ATOM   366 O  O6     . G   A 1 15 ? -14.851 -3.370  12.004  1.00 10.35 ? 2661 G   A O6     1 
ATOM   367 N  N1     . G   A 1 15 ? -14.510 -3.941  14.185  1.00 8.22  ? 2661 G   A N1     1 
ATOM   368 C  C2     . G   A 1 15 ? -14.255 -3.650  15.504  1.00 8.08  ? 2661 G   A C2     1 
ATOM   369 N  N2     . G   A 1 15 ? -14.198 -4.697  16.338  1.00 9.17  ? 2661 G   A N2     1 
ATOM   370 N  N3     . G   A 1 15 ? -14.061 -2.425  15.967  1.00 7.56  ? 2661 G   A N3     1 
ATOM   371 C  C4     . G   A 1 15 ? -14.152 -1.502  14.982  1.00 7.34  ? 2661 G   A C4     1 
ATOM   372 P  P      . A   A 1 16 ? -9.131  1.691   16.529  1.00 9.09  ? 2662 A   A P      1 
ATOM   373 O  OP1    . A   A 1 16 ? -8.168  2.265   17.494  1.00 11.15 ? 2662 A   A OP1    1 
ATOM   374 O  OP2    . A   A 1 16 ? -8.974  1.984   15.091  1.00 9.14  ? 2662 A   A OP2    1 
ATOM   375 O  "O5'"  . A   A 1 16 ? -9.167  0.100   16.683  1.00 8.77  ? 2662 A   A "O5'"  1 
ATOM   376 C  "C5'"  . A   A 1 16 ? -9.184  -0.524  17.958  1.00 9.24  ? 2662 A   A "C5'"  1 
ATOM   377 C  "C4'"  . A   A 1 16 ? -9.216  -2.027  17.759  1.00 8.98  ? 2662 A   A "C4'"  1 
ATOM   378 O  "O4'"  . A   A 1 16 ? -10.484 -2.415  17.174  1.00 8.32  ? 2662 A   A "O4'"  1 
ATOM   379 C  "C3'"  . A   A 1 16 ? -8.180  -2.548  16.780  1.00 9.16  ? 2662 A   A "C3'"  1 
ATOM   380 O  "O3'"  . A   A 1 16 ? -6.942  -2.726  17.448  1.00 10.12 ? 2662 A   A "O3'"  1 
ATOM   381 C  "C2'"  . A   A 1 16 ? -8.815  -3.865  16.344  1.00 8.73  ? 2662 A   A "C2'"  1 
ATOM   382 O  "O2'"  . A   A 1 16 ? -8.623  -4.899  17.285  1.00 9.27  ? 2662 A   A "O2'"  1 
ATOM   383 C  "C1'"  . A   A 1 16 ? -10.290 -3.481  16.264  1.00 8.25  ? 2662 A   A "C1'"  1 
ATOM   384 N  N9     . A   A 1 16 ? -10.628 -3.026  14.922  1.00 8.10  ? 2662 A   A N9     1 
ATOM   385 C  C8     . A   A 1 16 ? -10.481 -1.759  14.431  1.00 8.46  ? 2662 A   A C8     1 
ATOM   386 N  N7     . A   A 1 16 ? -10.844 -1.628  13.179  1.00 8.62  ? 2662 A   A N7     1 
ATOM   387 C  C5     . A   A 1 16 ? -11.249 -2.899  12.821  1.00 8.24  ? 2662 A   A C5     1 
ATOM   388 C  C6     . A   A 1 16 ? -11.745 -3.413  11.612  1.00 9.28  ? 2662 A   A C6     1 
ATOM   389 N  N6     . A   A 1 16 ? -11.915 -2.658  10.522  1.00 10.76 ? 2662 A   A N6     1 
ATOM   390 N  N1     . A   A 1 16 ? -12.058 -4.724  11.573  1.00 9.49  ? 2662 A   A N1     1 
ATOM   391 C  C2     . A   A 1 16 ? -11.882 -5.459  12.679  1.00 9.16  ? 2662 A   A C2     1 
ATOM   392 N  N3     . A   A 1 16 ? -11.423 -5.085  13.873  1.00 8.83  ? 2662 A   A N3     1 
ATOM   393 C  C4     . A   A 1 16 ? -11.122 -3.778  13.878  1.00 7.88  ? 2662 A   A C4     1 
ATOM   394 P  P      . G   A 1 17 ? -5.580  -2.346  16.706  1.00 11.30 ? 2663 G   A P      1 
ATOM   395 O  OP1    . G   A 1 17 ? -4.477  -2.604  17.658  1.00 13.91 ? 2663 G   A OP1    1 
ATOM   396 O  OP2    . G   A 1 17 ? -5.706  -1.017  16.061  1.00 12.17 ? 2663 G   A OP2    1 
ATOM   397 O  "O5'"  . G   A 1 17 ? -5.556  -3.466  15.572  1.00 11.43 ? 2663 G   A "O5'"  1 
ATOM   398 C  "C5'"  . G   A 1 17 ? -5.022  -3.159  14.306  1.00 12.01 ? 2663 G   A "C5'"  1 
ATOM   399 C  "C4'"  . G   A 1 17 ? -5.925  -3.706  13.221  1.00 11.73 ? 2663 G   A "C4'"  1 
ATOM   400 O  "O4'"  . G   A 1 17 ? -7.226  -3.071  13.308  1.00 11.66 ? 2663 G   A "O4'"  1 
ATOM   401 C  "C3'"  . G   A 1 17 ? -5.446  -3.396  11.815  1.00 11.66 ? 2663 G   A "C3'"  1 
ATOM   402 O  "O3'"  . G   A 1 17 ? -4.501  -4.366  11.388  1.00 11.92 ? 2663 G   A "O3'"  1 
ATOM   403 C  "C2'"  . G   A 1 17 ? -6.753  -3.464  11.036  1.00 11.46 ? 2663 G   A "C2'"  1 
ATOM   404 O  "O2'"  . G   A 1 17 ? -7.162  -4.791  10.769  1.00 11.60 ? 2663 G   A "O2'"  1 
ATOM   405 C  "C1'"  . G   A 1 17 ? -7.696  -2.759  12.012  1.00 11.44 ? 2663 G   A "C1'"  1 
ATOM   406 N  N9     . G   A 1 17 ? -7.616  -1.319  11.795  1.00 10.72 ? 2663 G   A N9     1 
ATOM   407 C  C8     . G   A 1 17 ? -6.981  -0.369  12.557  1.00 11.10 ? 2663 G   A C8     1 
ATOM   408 N  N7     . G   A 1 17 ? -7.069  0.837   12.060  1.00 11.10 ? 2663 G   A N7     1 
ATOM   409 C  C5     . G   A 1 17 ? -7.799  0.673   10.889  1.00 10.00 ? 2663 G   A C5     1 
ATOM   410 C  C6     . G   A 1 17 ? -8.213  1.621   9.919   1.00 9.02  ? 2663 G   A C6     1 
ATOM   411 O  O6     . G   A 1 17 ? -8.013  2.844   9.892   1.00 10.06 ? 2663 G   A O6     1 
ATOM   412 N  N1     . G   A 1 17 ? -8.932  1.020   8.888   1.00 9.02  ? 2663 G   A N1     1 
ATOM   413 C  C2     . G   A 1 17 ? -9.222  -0.322  8.808   1.00 9.24  ? 2663 G   A C2     1 
ATOM   414 N  N2     . G   A 1 17 ? -9.930  -0.716  7.741   1.00 10.19 ? 2663 G   A N2     1 
ATOM   415 N  N3     . G   A 1 17 ? -8.838  -1.219  9.707   1.00 9.78  ? 2663 G   A N3     1 
ATOM   416 C  C4     . G   A 1 17 ? -8.134  -0.649  10.713  1.00 9.99  ? 2663 G   A C4     1 
ATOM   417 P  P      . G   A 1 18 ? -3.191  -3.879  10.614  1.00 12.66 ? 2664 G   A P      1 
ATOM   418 O  OP1    . G   A 1 18 ? -2.427  -5.085  10.225  1.00 13.92 ? 2664 G   A OP1    1 
ATOM   419 O  OP2    . G   A 1 18 ? -2.546  -2.818  11.419  1.00 14.17 ? 2664 G   A OP2    1 
ATOM   420 O  "O5'"  . G   A 1 18 ? -3.779  -3.166  9.311   1.00 11.80 ? 2664 G   A "O5'"  1 
ATOM   421 C  "C5'"  . G   A 1 18 ? -4.517  -3.889  8.339   1.00 11.19 ? 2664 G   A "C5'"  1 
ATOM   422 C  "C4'"  . G   A 1 18 ? -5.089  -2.924  7.322   1.00 10.13 ? 2664 G   A "C4'"  1 
ATOM   423 O  "O4'"  . G   A 1 18 ? -5.969  -1.980  7.983   1.00 9.81  ? 2664 G   A "O4'"  1 
ATOM   424 C  "C3'"  . G   A 1 18 ? -4.062  -2.028  6.648   1.00 9.26  ? 2664 G   A "C3'"  1 
ATOM   425 O  "O3'"  . G   A 1 18 ? -3.406  -2.733  5.602   1.00 9.60  ? 2664 G   A "O3'"  1 
ATOM   426 C  "C2'"  . G   A 1 18 ? -4.969  -0.917  6.138   1.00 9.66  ? 2664 G   A "C2'"  1 
ATOM   427 O  "O2'"  . G   A 1 18 ? -5.782  -1.333  5.060   1.00 9.18  ? 2664 G   A "O2'"  1 
ATOM   428 C  "C1'"  . G   A 1 18 ? -5.845  -0.709  7.367   1.00 9.28  ? 2664 G   A "C1'"  1 
ATOM   429 N  N9     . G   A 1 18 ? -5.266  0.233   8.322   1.00 9.17  ? 2664 G   A N9     1 
ATOM   430 C  C8     . G   A 1 18 ? -4.597  -0.073  9.483   1.00 10.05 ? 2664 G   A C8     1 
ATOM   431 N  N7     . G   A 1 18 ? -4.186  0.980   10.133  1.00 10.66 ? 2664 G   A N7     1 
ATOM   432 C  C5     . G   A 1 18 ? -4.604  2.051   9.354   1.00 10.67 ? 2664 G   A C5     1 
ATOM   433 C  C6     . G   A 1 18 ? -4.446  3.443   9.555   1.00 11.07 ? 2664 G   A C6     1 
ATOM   434 O  O6     . G   A 1 18 ? -3.883  4.024   10.491  1.00 12.44 ? 2664 G   A O6     1 
ATOM   435 N  N1     . G   A 1 18 ? -5.021  4.186   8.529   1.00 10.35 ? 2664 G   A N1     1 
ATOM   436 C  C2     . G   A 1 18 ? -5.670  3.652   7.443   1.00 9.38  ? 2664 G   A C2     1 
ATOM   437 N  N2     . G   A 1 18 ? -6.155  4.536   6.557   1.00 9.41  ? 2664 G   A N2     1 
ATOM   438 N  N3     . G   A 1 18 ? -5.826  2.347   7.240   1.00 9.46  ? 2664 G   A N3     1 
ATOM   439 C  C4     . G   A 1 18 ? -5.270  1.609   8.233   1.00 9.39  ? 2664 G   A C4     1 
ATOM   440 P  P      . A   A 1 19 ? -1.978  -2.236  5.080   1.00 8.85  ? 2665 A   A P      1 
ATOM   441 O  OP1    . A   A 1 19 ? -1.395  -3.345  4.295   1.00 10.29 ? 2665 A   A OP1    1 
ATOM   442 O  OP2    . A   A 1 19 ? -1.226  -1.668  6.220   1.00 10.03 ? 2665 A   A OP2    1 
ATOM   443 O  "O5'"  . A   A 1 19 ? -2.365  -1.017  4.116   1.00 8.37  ? 2665 A   A "O5'"  1 
ATOM   444 C  "C5'"  . A   A 1 19 ? -2.220  -1.090  2.700   1.00 8.79  ? 2665 A   A "C5'"  1 
ATOM   445 C  "C4'"  . A   A 1 19 ? -3.336  -1.859  2.019   1.00 9.07  ? 2665 A   A "C4'"  1 
ATOM   446 O  "O4'"  . A   A 1 19 ? -4.635  -1.483  2.551   1.00 9.61  ? 2665 A   A "O4'"  1 
ATOM   447 C  "C3'"  . A   A 1 19 ? -3.447  -1.557  0.534   1.00 9.08  ? 2665 A   A "C3'"  1 
ATOM   448 O  "O3'"  . A   A 1 19 ? -2.515  -2.331  -0.212  1.00 9.32  ? 2665 A   A "O3'"  1 
ATOM   449 C  "C2'"  . A   A 1 19 ? -4.895  -1.959  0.287   1.00 9.68  ? 2665 A   A "C2'"  1 
ATOM   450 O  "O2'"  . A   A 1 19 ? -5.071  -3.358  0.338   1.00 10.86 ? 2665 A   A "O2'"  1 
ATOM   451 C  "C1'"  . A   A 1 19 ? -5.547  -1.284  1.487   1.00 9.62  ? 2665 A   A "C1'"  1 
ATOM   452 N  N9     . A   A 1 19 ? -5.635  0.146   1.239   1.00 9.20  ? 2665 A   A N9     1 
ATOM   453 C  C8     . A   A 1 19 ? -4.942  1.127   1.888   1.00 9.59  ? 2665 A   A C8     1 
ATOM   454 N  N7     . A   A 1 19 ? -5.194  2.332   1.444   1.00 9.58  ? 2665 A   A N7     1 
ATOM   455 C  C5     . A   A 1 19 ? -6.105  2.131   0.425   1.00 9.14  ? 2665 A   A C5     1 
ATOM   456 C  C6     . A   A 1 19 ? -6.758  3.028   -0.440  1.00 9.39  ? 2665 A   A C6     1 
ATOM   457 N  N6     . A   A 1 19 ? -6.567  4.350   -0.402  1.00 9.81  ? 2665 A   A N6     1 
ATOM   458 N  N1     . A   A 1 19 ? -7.613  2.508   -1.344  1.00 9.84  ? 2665 A   A N1     1 
ATOM   459 C  C2     . A   A 1 19 ? -7.793  1.182   -1.368  1.00 9.74  ? 2665 A   A C2     1 
ATOM   460 N  N3     . A   A 1 19 ? -7.236  0.239   -0.610  1.00 9.41  ? 2665 A   A N3     1 
ATOM   461 C  C4     . A   A 1 19 ? -6.390  0.786   0.279   1.00 9.26  ? 2665 A   A C4     1 
ATOM   462 P  P      . C   A 1 20 ? -1.912  -1.739  -1.574  1.00 8.87  ? 2666 C   A P      1 
ATOM   463 O  OP1    . C   A 1 20 ? -0.778  -2.616  -1.945  1.00 10.40 ? 2666 C   A OP1    1 
ATOM   464 O  OP2    . C   A 1 20 ? -1.691  -0.285  -1.404  1.00 9.33  ? 2666 C   A OP2    1 
ATOM   465 O  "O5'"  . C   A 1 20 ? -3.101  -1.929  -2.624  1.00 9.65  ? 2666 C   A "O5'"  1 
ATOM   466 C  "C5'"  . C   A 1 20 ? -3.693  -3.206  -2.812  1.00 10.32 ? 2666 C   A "C5'"  1 
ATOM   467 C  "C4'"  . C   A 1 20 ? -4.967  -3.058  -3.621  1.00 11.01 ? 2666 C   A "C4'"  1 
ATOM   468 O  "O4'"  . C   A 1 20 ? -5.820  -2.067  -2.996  1.00 10.60 ? 2666 C   A "O4'"  1 
ATOM   469 C  "C3'"  . C   A 1 20 ? -4.782  -2.535  -5.037  1.00 11.23 ? 2666 C   A "C3'"  1 
ATOM   470 O  "O3'"  . C   A 1 20 ? -4.426  -3.582  -5.925  1.00 12.02 ? 2666 C   A "O3'"  1 
ATOM   471 C  "C2'"  . C   A 1 20 ? -6.186  -2.026  -5.324  1.00 11.39 ? 2666 C   A "C2'"  1 
ATOM   472 O  "O2'"  . C   A 1 20 ? -7.089  -3.088  -5.543  1.00 13.77 ? 2666 C   A "O2'"  1 
ATOM   473 C  "C1'"  . C   A 1 20 ? -6.522  -1.356  -3.998  1.00 10.48 ? 2666 C   A "C1'"  1 
ATOM   474 N  N1     . C   A 1 20 ? -6.166  0.094   -3.942  1.00 9.50  ? 2666 C   A N1     1 
ATOM   475 C  C2     . C   A 1 20 ? -6.930  0.989   -4.695  1.00 10.26 ? 2666 C   A C2     1 
ATOM   476 O  O2     . C   A 1 20 ? -7.860  0.548   -5.380  1.00 11.31 ? 2666 C   A O2     1 
ATOM   477 N  N3     . C   A 1 20 ? -6.632  2.309   -4.654  1.00 10.38 ? 2666 C   A N3     1 
ATOM   478 C  C4     . C   A 1 20 ? -5.622  2.736   -3.896  1.00 10.23 ? 2666 C   A C4     1 
ATOM   479 N  N4     . C   A 1 20 ? -5.367  4.047   -3.886  1.00 10.58 ? 2666 C   A N4     1 
ATOM   480 C  C5     . C   A 1 20 ? -4.829  1.838   -3.118  1.00 10.28 ? 2666 C   A C5     1 
ATOM   481 C  C6     . C   A 1 20 ? -5.133  0.537   -3.166  1.00 9.86  ? 2666 C   A C6     1 
ATOM   482 P  P      . C   A 1 21 ? -3.174  -3.395  -6.902  1.00 12.97 ? 2667 C   A P      1 
ATOM   483 O  OP1    . C   A 1 21 ? -2.983  -4.672  -7.621  1.00 14.95 ? 2667 C   A OP1    1 
ATOM   484 O  OP2    . C   A 1 21 ? -2.057  -2.820  -6.121  1.00 13.24 ? 2667 C   A OP2    1 
ATOM   485 O  "O5'"  . C   A 1 21 ? -3.657  -2.271  -7.930  1.00 12.91 ? 2667 C   A "O5'"  1 
ATOM   486 C  "C5'"  . C   A 1 21 ? -4.728  -2.509  -8.831  1.00 13.66 ? 2667 C   A "C5'"  1 
ATOM   487 C  "C4'"  . C   A 1 21 ? -5.233  -1.182  -9.360  1.00 14.03 ? 2667 C   A "C4'"  1 
ATOM   488 O  "O4'"  . C   A 1 21 ? -5.693  -0.376  -8.248  1.00 13.60 ? 2667 C   A "O4'"  1 
ATOM   489 C  "C3'"  . C   A 1 21 ? -4.178  -0.310  -10.018 1.00 13.32 ? 2667 C   A "C3'"  1 
ATOM   490 O  "O3'"  . C   A 1 21 ? -3.974  -0.686  -11.367 1.00 13.66 ? 2667 C   A "O3'"  1 
ATOM   491 C  "C2'"  . C   A 1 21 ? -4.862  1.045   -9.936  1.00 13.85 ? 2667 C   A "C2'"  1 
ATOM   492 O  "O2'"  . C   A 1 21 ? -5.906  1.174   -10.880 1.00 14.59 ? 2667 C   A "O2'"  1 
ATOM   493 C  "C1'"  . C   A 1 21 ? -5.430  0.986   -8.525  1.00 13.66 ? 2667 C   A "C1'"  1 
ATOM   494 N  N1     . C   A 1 21 ? -4.467  1.525   -7.531  1.00 12.75 ? 2667 C   A N1     1 
ATOM   495 C  C2     . C   A 1 21 ? -4.338  2.910   -7.435  1.00 13.67 ? 2667 C   A C2     1 
ATOM   496 O  O2     . C   A 1 21 ? -5.035  3.623   -8.166  1.00 15.51 ? 2667 C   A O2     1 
ATOM   497 N  N3     . C   A 1 21 ? -3.461  3.426   -6.542  1.00 13.23 ? 2667 C   A N3     1 
ATOM   498 C  C4     . C   A 1 21 ? -2.735  2.614   -5.775  1.00 11.90 ? 2667 C   A C4     1 
ATOM   499 N  N4     . C   A 1 21 ? -1.885  3.174   -4.908  1.00 12.54 ? 2667 C   A N4     1 
ATOM   500 C  C5     . C   A 1 21 ? -2.849  1.194   -5.860  1.00 11.34 ? 2667 C   A C5     1 
ATOM   501 C  C6     . C   A 1 21 ? -3.717  0.696   -6.749  1.00 11.04 ? 2667 C   A C6     1 
ATOM   502 P  P      A G   A 1 22 ? -2.489  -0.795  -11.952 0.50 14.02 ? 2668 G   A P      1 
ATOM   503 P  P      B G   A 1 22 ? -2.502  -0.674  -11.994 0.50 13.68 ? 2668 G   A P      1 
ATOM   504 O  OP1    A G   A 1 22 ? -2.609  -1.067  -13.402 0.50 14.41 ? 2668 G   A OP1    1 
ATOM   505 O  OP1    B G   A 1 22 ? -2.630  -1.019  -13.427 0.50 14.10 ? 2668 G   A OP1    1 
ATOM   506 O  OP2    A G   A 1 22 ? -1.722  -1.717  -11.086 0.50 15.62 ? 2668 G   A OP2    1 
ATOM   507 O  OP2    B G   A 1 22 ? -1.626  -1.477  -11.113 0.50 14.57 ? 2668 G   A OP2    1 
ATOM   508 O  "O5'"  A G   A 1 22 ? -1.899  0.677   -11.746 0.50 12.40 ? 2668 G   A "O5'"  1 
ATOM   509 O  "O5'"  B G   A 1 22 ? -2.044  0.854   -11.860 0.50 13.34 ? 2668 G   A "O5'"  1 
ATOM   510 C  "C5'"  A G   A 1 22 ? -2.328  1.728   -12.601 0.50 11.30 ? 2668 G   A "C5'"  1 
ATOM   511 C  "C5'"  B G   A 1 22 ? -2.781  1.892   -12.493 0.50 13.00 ? 2668 G   A "C5'"  1 
ATOM   512 C  "C4'"  A G   A 1 22 ? -1.746  3.060   -12.168 0.50 10.09 ? 2668 G   A "C4'"  1 
ATOM   513 C  "C4'"  B G   A 1 22 ? -2.314  3.242   -11.986 0.50 12.34 ? 2668 G   A "C4'"  1 
ATOM   514 O  "O4'"  A G   A 1 22 ? -2.215  3.399   -10.838 0.50 9.77  ? 2668 G   A "O4'"  1 
ATOM   515 O  "O4'"  B G   A 1 22 ? -2.483  3.301   -10.548 0.50 10.64 ? 2668 G   A "O4'"  1 
ATOM   516 C  "C3'"  A G   A 1 22 ? -0.232  3.102   -12.026 0.50 10.19 ? 2668 G   A "C3'"  1 
ATOM   517 C  "C3'"  B G   A 1 22 ? -0.837  3.520   -12.214 0.50 12.76 ? 2668 G   A "C3'"  1 
ATOM   518 O  "O3'"  A G   A 1 22 ? 0.395   3.246   -13.292 0.50 11.46 ? 2668 G   A "O3'"  1 
ATOM   519 O  "O3'"  B G   A 1 22 ? -0.653  4.103   -13.497 0.50 14.40 ? 2668 G   A "O3'"  1 
ATOM   520 C  "C2'"  A G   A 1 22 ? -0.102  4.361   -11.181 0.50 10.82 ? 2668 G   A "C2'"  1 
ATOM   521 C  "C2'"  B G   A 1 22 ? -0.515  4.508   -11.096 0.50 12.01 ? 2668 G   A "C2'"  1 
ATOM   522 O  "O2'"  A G   A 1 22 ? -0.427  5.526   -11.909 0.50 12.28 ? 2668 G   A "O2'"  1 
ATOM   523 O  "O2'"  B G   A 1 22 ? -0.844  5.834   -11.457 0.50 12.80 ? 2668 G   A "O2'"  1 
ATOM   524 C  "C1'"  A G   A 1 22 ? -1.180  4.074   -10.146 0.50 9.94  ? 2668 G   A "C1'"  1 
ATOM   525 C  "C1'"  B G   A 1 22 ? -1.422  4.033   -9.964  0.50 10.39 ? 2668 G   A "C1'"  1 
ATOM   526 N  N9     A G   A 1 22 ? -0.692  3.216   -9.072  0.50 8.85  ? 2668 G   A N9     1 
ATOM   527 N  N9     B G   A 1 22 ? -0.749  3.181   -8.985  0.50 8.96  ? 2668 G   A N9     1 
ATOM   528 C  C8     A G   A 1 22 ? -0.977  1.886   -8.879  0.50 9.31  ? 2668 G   A C8     1 
ATOM   529 C  C8     B G   A 1 22 ? -0.880  1.820   -8.846  0.50 8.82  ? 2668 G   A C8     1 
ATOM   530 N  N7     A G   A 1 22 ? -0.390  1.377   -7.833  0.50 9.32  ? 2668 G   A N7     1 
ATOM   531 N  N7     B G   A 1 22 ? -0.158  1.325   -7.878  0.50 8.57  ? 2668 G   A N7     1 
ATOM   532 C  C5     A G   A 1 22 ? 0.334   2.436   -7.300  0.50 8.16  ? 2668 G   A C5     1 
ATOM   533 C  C5     B G   A 1 22 ? 0.491   2.428   -7.340  0.50 8.08  ? 2668 G   A C5     1 
ATOM   534 C  C6     A G   A 1 22 ? 1.172   2.487   -6.160  0.50 7.17  ? 2668 G   A C6     1 
ATOM   535 C  C6     B G   A 1 22 ? 1.408   2.509   -6.265  0.50 8.12  ? 2668 G   A C6     1 
ATOM   536 O  O6     A G   A 1 22 ? 1.442   1.572   -5.370  0.50 6.70  ? 2668 G   A O6     1 
ATOM   537 O  O6     B G   A 1 22 ? 1.837   1.590   -5.555  0.50 8.95  ? 2668 G   A O6     1 
ATOM   538 N  N1     A G   A 1 22 ? 1.714   3.756   -5.975  0.50 7.22  ? 2668 G   A N1     1 
ATOM   539 N  N1     B G   A 1 22 ? 1.830   3.819   -6.046  0.50 7.97  ? 2668 G   A N1     1 
ATOM   540 C  C2     A G   A 1 22 ? 1.479   4.839   -6.791  0.50 7.16  ? 2668 G   A C2     1 
ATOM   541 C  C2     B G   A 1 22 ? 1.416   4.910   -6.775  0.50 7.60  ? 2668 G   A C2     1 
ATOM   542 N  N2     A G   A 1 22 ? 2.091   5.984   -6.457  0.50 7.51  ? 2668 G   A N2     1 
ATOM   543 N  N2     B G   A 1 22 ? 1.929   6.096   -6.420  0.50 8.40  ? 2668 G   A N2     1 
ATOM   544 N  N3     A G   A 1 22 ? 0.697   4.804   -7.861  0.50 7.50  ? 2668 G   A N3     1 
ATOM   545 N  N3     B G   A 1 22 ? 0.558   4.846   -7.783  0.50 7.39  ? 2668 G   A N3     1 
ATOM   546 C  C4     A G   A 1 22 ? 0.161   3.574   -8.053  0.50 8.25  ? 2668 G   A C4     1 
ATOM   547 C  C4     B G   A 1 22 ? 0.138   3.578   -8.009  0.50 8.20  ? 2668 G   A C4     1 
ATOM   548 P  P      A G   A 1 23 ? 1.830   2.588   -13.560 0.50 12.81 ? 2669 G   A P      1 
ATOM   549 P  P      B G   A 1 23 ? 0.797   4.063   -14.158 0.50 16.41 ? 2669 G   A P      1 
ATOM   550 O  OP1    A G   A 1 23 ? 2.142   2.789   -14.994 0.50 13.75 ? 2669 G   A OP1    1 
ATOM   551 O  OP1    B G   A 1 23 ? 0.732   4.755   -15.466 0.50 17.15 ? 2669 G   A OP1    1 
ATOM   552 O  OP2    A G   A 1 23 ? 1.829   1.223   -12.990 0.50 14.02 ? 2669 G   A OP2    1 
ATOM   553 O  OP2    B G   A 1 23 ? 1.291   2.669   -14.081 0.50 16.78 ? 2669 G   A OP2    1 
ATOM   554 O  "O5'"  A G   A 1 23 ? 2.820   3.482   -12.688 0.50 11.98 ? 2669 G   A "O5'"  1 
ATOM   555 O  "O5'"  B G   A 1 23 ? 1.643   4.956   -13.130 0.50 15.48 ? 2669 G   A "O5'"  1 
ATOM   556 C  "C5'"  A G   A 1 23 ? 2.965   4.847   -13.000 0.50 12.76 ? 2669 G   A "C5'"  1 
ATOM   557 C  "C5'"  B G   A 1 23 ? 3.045   4.773   -13.008 0.50 14.45 ? 2669 G   A "C5'"  1 
ATOM   558 C  "C4'"  . G   A 1 23 ? 3.642   5.548   -11.845 1.00 12.06 ? 2669 G   A "C4'"  1 
ATOM   559 O  "O4'"  . G   A 1 23 ? 2.948   5.233   -10.614 1.00 10.81 ? 2669 G   A "O4'"  1 
ATOM   560 C  "C3'"  . G   A 1 23 ? 5.073   5.128   -11.567 1.00 12.39 ? 2669 G   A "C3'"  1 
ATOM   561 O  "O3'"  . G   A 1 23 ? 5.947   5.792   -12.457 1.00 15.22 ? 2669 G   A "O3'"  1 
ATOM   562 C  "C2'"  . G   A 1 23 ? 5.242   5.582   -10.126 1.00 10.84 ? 2669 G   A "C2'"  1 
ATOM   563 O  "O2'"  . G   A 1 23 ? 5.357   6.986   -9.994  1.00 10.90 ? 2669 G   A "O2'"  1 
ATOM   564 C  "C1'"  . G   A 1 23 ? 3.897   5.144   -9.564  1.00 9.84  ? 2669 G   A "C1'"  1 
ATOM   565 N  N9     . G   A 1 23 ? 3.861   3.802   -8.988  1.00 9.55  ? 2669 G   A N9     1 
ATOM   566 C  C8     . G   A 1 23 ? 3.129   2.717   -9.403  1.00 10.41 ? 2669 G   A C8     1 
ATOM   567 N  N7     . G   A 1 23 ? 3.299   1.660   -8.655  1.00 10.27 ? 2669 G   A N7     1 
ATOM   568 C  C5     . G   A 1 23 ? 4.197   2.072   -7.675  1.00 9.12  ? 2669 G   A C5     1 
ATOM   569 C  C6     . G   A 1 23 ? 4.760   1.372   -6.579  1.00 9.55  ? 2669 G   A C6     1 
ATOM   570 O  O6     . G   A 1 23 ? 4.568   0.198   -6.236  1.00 10.13 ? 2669 G   A O6     1 
ATOM   571 N  N1     . G   A 1 23 ? 5.625   2.175   -5.840  1.00 9.11  ? 2669 G   A N1     1 
ATOM   572 C  C2     . G   A 1 23 ? 5.910   3.488   -6.124  1.00 8.81  ? 2669 G   A C2     1 
ATOM   573 N  N2     . G   A 1 23 ? 6.772   4.100   -5.304  1.00 9.02  ? 2669 G   A N2     1 
ATOM   574 N  N3     . G   A 1 23 ? 5.390   4.157   -7.143  1.00 8.96  ? 2669 G   A N3     1 
ATOM   575 C  C4     . G   A 1 23 ? 4.546   3.389   -7.870  1.00 8.87  ? 2669 G   A C4     1 
ATOM   576 P  P      . A   A 1 24 ? 7.160   4.976   -13.102 1.00 18.97 ? 2670 A   A P      1 
ATOM   577 O  OP1    . A   A 1 24 ? 7.686   5.789   -14.220 1.00 20.98 ? 2670 A   A OP1    1 
ATOM   578 O  OP2    . A   A 1 24 ? 6.725   3.583   -13.339 1.00 20.89 ? 2670 A   A OP2    1 
ATOM   579 O  "O5'"  . A   A 1 24 ? 8.238   4.952   -11.925 1.00 17.79 ? 2670 A   A "O5'"  1 
ATOM   580 C  "C5'"  . A   A 1 24 ? 8.875   6.157   -11.535 1.00 16.77 ? 2670 A   A "C5'"  1 
ATOM   581 C  "C4'"  . A   A 1 24 ? 9.671   5.948   -10.262 1.00 14.97 ? 2670 A   A "C4'"  1 
ATOM   582 O  "O4'"  . A   A 1 24 ? 8.778   5.577   -9.183  1.00 13.23 ? 2670 A   A "O4'"  1 
ATOM   583 C  "C3'"  . A   A 1 24 ? 10.668  4.801   -10.297 1.00 16.12 ? 2670 A   A "C3'"  1 
ATOM   584 O  "O3'"  . A   A 1 24 ? 11.865  5.183   -10.946 1.00 19.21 ? 2670 A   A "O3'"  1 
ATOM   585 C  "C2'"  . A   A 1 24 ? 10.900  4.619   -8.807  1.00 14.48 ? 2670 A   A "C2'"  1 
ATOM   586 O  "O2'"  . A   A 1 24 ? 11.658  5.674   -8.251  1.00 14.32 ? 2670 A   A "O2'"  1 
ATOM   587 C  "C1'"  . A   A 1 24 ? 9.464   4.699   -8.310  1.00 13.28 ? 2670 A   A "C1'"  1 
ATOM   588 N  N9     . A   A 1 24 ? 8.800   3.401   -8.326  1.00 12.49 ? 2670 A   A N9     1 
ATOM   589 C  C8     . A   A 1 24 ? 7.911   2.927   -9.251  1.00 12.99 ? 2670 A   A C8     1 
ATOM   590 N  N7     . A   A 1 24 ? 7.479   1.714   -8.991  1.00 12.47 ? 2670 A   A N7     1 
ATOM   591 C  C5     . A   A 1 24 ? 8.135   1.373   -7.818  1.00 11.77 ? 2670 A   A C5     1 
ATOM   592 C  C6     . A   A 1 24 ? 8.111   0.217   -7.016  1.00 12.30 ? 2670 A   A C6     1 
ATOM   593 N  N6     . A   A 1 24 ? 7.369   -0.855  -7.300  1.00 12.45 ? 2670 A   A N6     1 
ATOM   594 N  N1     . A   A 1 24 ? 8.886   0.202   -5.912  1.00 11.79 ? 2670 A   A N1     1 
ATOM   595 C  C2     . A   A 1 24 ? 9.632   1.277   -5.631  1.00 11.51 ? 2670 A   A C2     1 
ATOM   596 N  N3     . A   A 1 24 ? 9.733   2.420   -6.305  1.00 11.98 ? 2670 A   A N3     1 
ATOM   597 C  C4     . A   A 1 24 ? 8.952   2.401   -7.398  1.00 11.93 ? 2670 A   A C4     1 
ATOM   598 P  P      . G   A 1 25 ? 12.801  4.063   -11.603 1.00 22.66 ? 2671 G   A P      1 
ATOM   599 O  OP1    . G   A 1 25 ? 13.959  4.762   -12.201 1.00 23.94 ? 2671 G   A OP1    1 
ATOM   600 O  OP2    . G   A 1 25 ? 11.957  3.192   -12.449 1.00 23.66 ? 2671 G   A OP2    1 
ATOM   601 O  "O5'"  . G   A 1 25 ? 13.302  3.188   -10.360 1.00 23.20 ? 2671 G   A "O5'"  1 
ATOM   602 C  "C5'"  . G   A 1 25 ? 14.337  3.658   -9.507  1.00 21.33 ? 2671 G   A "C5'"  1 
ATOM   603 C  "C4'"  . G   A 1 25 ? 14.501  2.746   -8.304  1.00 18.86 ? 2671 G   A "C4'"  1 
ATOM   604 O  "O4'"  . G   A 1 25 ? 13.204  2.454   -7.731  1.00 18.88 ? 2671 G   A "O4'"  1 
ATOM   605 C  "C3'"  . G   A 1 25 ? 15.072  1.364   -8.575  1.00 16.77 ? 2671 G   A "C3'"  1 
ATOM   606 O  "O3'"  . G   A 1 25 ? 16.476  1.442   -8.711  1.00 16.57 ? 2671 G   A "O3'"  1 
ATOM   607 C  "C2'"  . G   A 1 25 ? 14.687  0.677   -7.275  1.00 17.64 ? 2671 G   A "C2'"  1 
ATOM   608 O  "O2'"  . G   A 1 25 ? 15.492  1.120   -6.202  1.00 17.71 ? 2671 G   A "O2'"  1 
ATOM   609 C  "C1'"  . G   A 1 25 ? 13.263  1.191   -7.095  1.00 18.71 ? 2671 G   A "C1'"  1 
ATOM   610 N  N9     . G   A 1 25 ? 12.244  0.313   -7.661  1.00 19.05 ? 2671 G   A N9     1 
ATOM   611 C  C8     . G   A 1 25 ? 11.520  0.485   -8.816  1.00 20.53 ? 2671 G   A C8     1 
ATOM   612 N  N7     . G   A 1 25 ? 10.675  -0.482  -9.048  1.00 20.83 ? 2671 G   A N7     1 
ATOM   613 C  C5     . G   A 1 25 ? 10.851  -1.352  -7.979  1.00 20.43 ? 2671 G   A C5     1 
ATOM   614 C  C6     . G   A 1 25 ? 10.213  -2.579  -7.678  1.00 21.02 ? 2671 G   A C6     1 
ATOM   615 O  O6     . G   A 1 25 ? 9.331   -3.169  -8.319  1.00 21.82 ? 2671 G   A O6     1 
ATOM   616 N  N1     . G   A 1 25 ? 10.696  -3.129  -6.493  1.00 19.47 ? 2671 G   A N1     1 
ATOM   617 C  C2     . G   A 1 25 ? 11.669  -2.566  -5.700  1.00 18.82 ? 2671 G   A C2     1 
ATOM   618 N  N2     . G   A 1 25 ? 12.011  -3.237  -4.593  1.00 19.37 ? 2671 G   A N2     1 
ATOM   619 N  N3     . G   A 1 25 ? 12.274  -1.418  -5.972  1.00 18.93 ? 2671 G   A N3     1 
ATOM   620 C  C4     . G   A 1 25 ? 11.813  -0.873  -7.120  1.00 19.06 ? 2671 G   A C4     1 
ATOM   621 P  P      . U   A 1 26 ? 17.255  0.385   -9.624  1.00 16.60 ? 2672 U   A P      1 
ATOM   622 O  OP1    . U   A 1 26 ? 18.669  0.814   -9.669  1.00 18.17 ? 2672 U   A OP1    1 
ATOM   623 O  OP2    . U   A 1 26 ? 16.499  0.205   -10.882 1.00 18.37 ? 2672 U   A OP2    1 
ATOM   624 O  "O5'"  . U   A 1 26 ? 17.153  -0.980  -8.802  1.00 15.01 ? 2672 U   A "O5'"  1 
ATOM   625 C  "C5'"  . U   A 1 26 ? 17.794  -1.120  -7.548  1.00 15.39 ? 2672 U   A "C5'"  1 
ATOM   626 C  "C4'"  . U   A 1 26 ? 17.353  -2.425  -6.925  1.00 15.98 ? 2672 U   A "C4'"  1 
ATOM   627 O  "O4'"  . U   A 1 26 ? 15.934  -2.359  -6.639  1.00 15.78 ? 2672 U   A "O4'"  1 
ATOM   628 C  "C3'"  . U   A 1 26 ? 17.463  -3.626  -7.847  1.00 15.92 ? 2672 U   A "C3'"  1 
ATOM   629 O  "O3'"  . U   A 1 26 ? 18.787  -4.120  -7.877  1.00 17.50 ? 2672 U   A "O3'"  1 
ATOM   630 C  "C2'"  . U   A 1 26 ? 16.510  -4.594  -7.161  1.00 16.17 ? 2672 U   A "C2'"  1 
ATOM   631 O  "O2'"  . U   A 1 26 ? 17.062  -5.172  -5.995  1.00 18.07 ? 2672 U   A "O2'"  1 
ATOM   632 C  "C1'"  . U   A 1 26 ? 15.369  -3.647  -6.805  1.00 15.62 ? 2672 U   A "C1'"  1 
ATOM   633 N  N1     . U   A 1 26 ? 14.336  -3.605  -7.872  1.00 15.06 ? 2672 U   A N1     1 
ATOM   634 C  C2     . U   A 1 26 ? 13.361  -4.574  -7.851  1.00 15.64 ? 2672 U   A C2     1 
ATOM   635 O  O2     . U   A 1 26 ? 13.320  -5.436  -6.996  1.00 16.67 ? 2672 U   A O2     1 
ATOM   636 N  N3     . U   A 1 26 ? 12.439  -4.494  -8.860  1.00 16.02 ? 2672 U   A N3     1 
ATOM   637 C  C4     . U   A 1 26 ? 12.400  -3.558  -9.875  1.00 16.23 ? 2672 U   A C4     1 
ATOM   638 O  O4     . U   A 1 26 ? 11.507  -3.614  -10.714 1.00 17.94 ? 2672 U   A O4     1 
ATOM   639 C  C5     . U   A 1 26 ? 13.458  -2.579  -9.836  1.00 15.62 ? 2672 U   A C5     1 
ATOM   640 C  C6     . U   A 1 26 ? 14.368  -2.638  -8.857  1.00 15.67 ? 2672 U   A C6     1 
ATOM   641 P  P      . G   A 1 27 ? 19.297  -4.886  -9.185  1.00 19.36 ? 2673 G   A P      1 
ATOM   642 O  OP1    . G   A 1 27 ? 20.749  -5.113  -9.025  1.00 21.44 ? 2673 G   A OP1    1 
ATOM   643 O  OP2    . G   A 1 27 ? 18.792  -4.182  -10.385 1.00 20.25 ? 2673 G   A OP2    1 
ATOM   644 O  "O5'"  . G   A 1 27 ? 18.533  -6.283  -9.089  1.00 18.17 ? 2673 G   A "O5'"  1 
ATOM   645 C  "C5'"  . G   A 1 27 ? 18.874  -7.176  -8.046  1.00 17.81 ? 2673 G   A "C5'"  1 
ATOM   646 C  "C4'"  . G   A 1 27 ? 17.944  -8.372  -8.029  1.00 17.50 ? 2673 G   A "C4'"  1 
ATOM   647 O  "O4'"  . G   A 1 27 ? 16.592  -7.936  -7.743  1.00 16.66 ? 2673 G   A "O4'"  1 
ATOM   648 C  "C3'"  . G   A 1 27 ? 17.792  -9.115  -9.345  1.00 17.06 ? 2673 G   A "C3'"  1 
ATOM   649 O  "O3'"  . G   A 1 27 ? 18.914  -9.953  -9.592  1.00 18.42 ? 2673 G   A "O3'"  1 
ATOM   650 C  "C2'"  . G   A 1 27 ? 16.540  -9.922  -9.027  1.00 17.58 ? 2673 G   A "C2'"  1 
ATOM   651 O  "O2'"  . G   A 1 27 ? 16.826  -11.037 -8.205  1.00 19.63 ? 2673 G   A "O2'"  1 
ATOM   652 C  "C1'"  . G   A 1 27 ? 15.696  -8.890  -8.275  1.00 15.77 ? 2673 G   A "C1'"  1 
ATOM   653 N  N9     . G   A 1 27 ? 14.766  -8.227  -9.179  1.00 14.43 ? 2673 G   A N9     1 
ATOM   654 C  C8     . G   A 1 27 ? 14.966  -7.075  -9.898  1.00 13.64 ? 2673 G   A C8     1 
ATOM   655 N  N7     . G   A 1 27 ? 13.943  -6.744  -10.639 1.00 13.64 ? 2673 G   A N7     1 
ATOM   656 C  C5     . G   A 1 27 ? 13.013  -7.746  -10.396 1.00 13.19 ? 2673 G   A C5     1 
ATOM   657 C  C6     . G   A 1 27 ? 11.714  -7.929  -10.920 1.00 13.60 ? 2673 G   A C6     1 
ATOM   658 O  O6     . G   A 1 27 ? 11.111  -7.211  -11.728 1.00 13.84 ? 2673 G   A O6     1 
ATOM   659 N  N1     . G   A 1 27 ? 11.112  -9.079  -10.412 1.00 13.13 ? 2673 G   A N1     1 
ATOM   660 C  C2     . G   A 1 27 ? 11.698  -9.943  -9.516  1.00 13.44 ? 2673 G   A C2     1 
ATOM   661 N  N2     . G   A 1 27 ? 10.965  -11.000 -9.138  1.00 13.95 ? 2673 G   A N2     1 
ATOM   662 N  N3     . G   A 1 27 ? 12.913  -9.781  -9.017  1.00 13.44 ? 2673 G   A N3     1 
ATOM   663 C  C4     . G   A 1 27 ? 13.508  -8.667  -9.503  1.00 13.48 ? 2673 G   A C4     1 
HETATM 664 O  O      . HOH B 2 .  ? -7.863  -6.644  15.278  1.00 10.00 ? 1    HOH A O      1 
HETATM 665 O  O      . HOH B 2 .  ? -13.972 -1.618  18.778  1.00 9.41  ? 2    HOH A O      1 
HETATM 666 O  O      . HOH B 2 .  ? -0.346  1.542   -3.090  1.00 10.34 ? 3    HOH A O      1 
HETATM 667 O  O      . HOH B 2 .  ? -9.083  4.355   13.858  1.00 11.44 ? 4    HOH A O      1 
HETATM 668 O  O      . HOH B 2 .  ? 9.762   5.643   -3.206  1.00 11.61 ? 5    HOH A O      1 
HETATM 669 O  O      . HOH B 2 .  ? -14.881 -6.711  14.273  1.00 12.51 ? 6    HOH A O      1 
HETATM 670 O  O      . HOH B 2 .  ? -3.040  4.861   -2.335  1.00 11.15 ? 7    HOH A O      1 
HETATM 671 O  O      . HOH B 2 .  ? 8.117   6.743   -5.636  1.00 11.32 ? 8    HOH A O      1 
HETATM 672 O  O      . HOH B 2 .  ? -8.151  7.361   7.570   1.00 13.59 ? 9    HOH A O      1 
HETATM 673 O  O      . HOH B 2 .  ? 0.438   4.264   5.647   1.00 13.49 ? 10   HOH A O      1 
HETATM 674 O  O      . HOH B 2 .  ? -7.111  4.490   11.861  1.00 14.84 ? 11   HOH A O      1 
HETATM 675 O  O      . HOH B 2 .  ? -16.798 5.186   8.296   1.00 13.97 ? 12   HOH A O      1 
HETATM 676 O  O      . HOH B 2 .  ? 3.274   0.002   -0.658  1.00 15.70 ? 13   HOH A O      1 
HETATM 677 O  O      . HOH B 2 .  ? -14.874 5.720   10.211  1.00 16.18 ? 14   HOH A O      1 
HETATM 678 O  O      . HOH B 2 .  ? 0.129   -1.387  -7.252  1.00 14.24 ? 15   HOH A O      1 
HETATM 679 O  O      . HOH B 2 .  ? 1.464   -1.134  -2.974  1.00 14.95 ? 16   HOH A O      1 
HETATM 680 O  O      . HOH B 2 .  ? 12.573  0.952   -2.305  1.00 17.76 ? 17   HOH A O      1 
HETATM 681 O  O      . HOH B 2 .  ? 11.457  4.017   -4.742  1.00 16.29 ? 18   HOH A O      1 
HETATM 682 O  O      . HOH B 2 .  ? -6.263  -0.772  -13.259 1.00 20.36 ? 19   HOH A O      1 
HETATM 683 O  O      . HOH B 2 .  ? 13.097  0.712   0.364   1.00 16.81 ? 20   HOH A O      1 
HETATM 684 O  O      . HOH B 2 .  ? 2.314   -1.453  -5.584  1.00 14.49 ? 21   HOH A O      1 
HETATM 685 O  O      . HOH B 2 .  ? 4.493   -3.444  -5.758  1.00 16.68 ? 22   HOH A O      1 
HETATM 686 O  O      . HOH B 2 .  ? 8.735   -10.108 -11.030 1.00 15.93 ? 23   HOH A O      1 
HETATM 687 O  O      . HOH B 2 .  ? -11.408 8.373   6.093   1.00 14.01 ? 24   HOH A O      1 
HETATM 688 O  O      . HOH B 2 .  ? -7.940  6.205   -2.148  1.00 17.44 ? 25   HOH A O      1 
HETATM 689 O  O      . HOH B 2 .  ? 0.678   -0.137  0.409   1.00 15.53 ? 26   HOH A O      1 
HETATM 690 O  O      . HOH B 2 .  ? 2.674   -1.025  -9.097  1.00 18.45 ? 27   HOH A O      1 
HETATM 691 O  O      . HOH B 2 .  ? -0.488  -3.988  -4.366  1.00 15.35 ? 28   HOH A O      1 
HETATM 692 O  O      . HOH B 2 .  ? 7.772   10.780  -1.916  0.50 12.47 ? 29   HOH A O      1 
HETATM 693 O  O      . HOH B 2 .  ? -17.438 -2.167  10.553  1.00 16.43 ? 30   HOH A O      1 
HETATM 694 O  O      . HOH B 2 .  ? -17.276 6.847   1.902   1.00 19.12 ? 31   HOH A O      1 
HETATM 695 O  O      . HOH B 2 .  ? 2.743   2.159   2.343   1.00 18.67 ? 32   HOH A O      1 
HETATM 696 O  O      . HOH B 2 .  ? -12.632 6.983   8.306   1.00 19.47 ? 33   HOH A O      1 
HETATM 697 O  O      . HOH B 2 .  ? -6.180  3.734   -11.593 1.00 17.89 ? 34   HOH A O      1 
HETATM 698 O  O      . HOH B 2 .  ? -2.961  -0.176  12.392  1.00 18.29 ? 35   HOH A O      1 
HETATM 699 O  O      . HOH B 2 .  ? -20.475 3.903   4.105   1.00 17.28 ? 36   HOH A O      1 
HETATM 700 O  O      A HOH B 2 .  ? 15.186  -6.653  -4.734  0.80 30.55 ? 37   HOH A O      1 
HETATM 701 O  O      B HOH B 2 .  ? 16.072  -7.421  -4.869  0.20 13.00 ? 37   HOH A O      1 
HETATM 702 O  O      . HOH B 2 .  ? 11.633  -0.632  5.452   1.00 16.41 ? 38   HOH A O      1 
HETATM 703 O  O      . HOH B 2 .  ? -14.585 6.966   5.970   1.00 21.29 ? 39   HOH A O      1 
HETATM 704 O  O      . HOH B 2 .  ? 5.232   1.529   1.351   1.00 16.88 ? 40   HOH A O      1 
HETATM 705 O  O      . HOH B 2 .  ? -8.680  -2.047  2.939   1.00 17.07 ? 41   HOH A O      1 
HETATM 706 O  O      A HOH B 2 .  ? 14.417  -12.202 -8.407  0.50 16.92 ? 42   HOH A O      1 
HETATM 707 O  O      B HOH B 2 .  ? 14.335  -11.359 -7.100  0.50 25.25 ? 42   HOH A O      1 
HETATM 708 O  O      . HOH B 2 .  ? -17.920 6.879   4.680   1.00 21.19 ? 43   HOH A O      1 
HETATM 709 O  O      . HOH B 2 .  ? -3.069  -5.473  0.578   1.00 24.08 ? 44   HOH A O      1 
HETATM 710 O  O      . HOH B 2 .  ? 0.135   7.898   -13.075 1.00 18.80 ? 45   HOH A O      1 
HETATM 711 O  O      . HOH B 2 .  ? -2.488  6.087   -5.021  0.50 16.84 ? 46   HOH A O      1 
HETATM 712 O  O      . HOH B 2 .  ? 16.579  -3.067  -11.582 1.00 22.23 ? 47   HOH A O      1 
HETATM 713 O  O      . HOH B 2 .  ? 2.834   5.778   5.234   1.00 16.81 ? 48   HOH A O      1 
HETATM 714 O  O      . HOH B 2 .  ? 5.838   12.757  0.063   1.00 25.31 ? 49   HOH A O      1 
HETATM 715 O  O      . HOH B 2 .  ? 5.958   7.898   3.968   1.00 17.15 ? 50   HOH A O      1 
HETATM 716 O  O      . HOH B 2 .  ? -1.593  -6.488  7.935   1.00 25.57 ? 51   HOH A O      1 
HETATM 717 O  O      . HOH B 2 .  ? -6.053  6.898   11.225  1.00 24.95 ? 52   HOH A O      1 
HETATM 718 O  O      . HOH B 2 .  ? -3.743  0.503   14.902  1.00 24.05 ? 53   HOH A O      1 
HETATM 719 O  O      . HOH B 2 .  ? -21.312 1.668   12.662  1.00 22.07 ? 54   HOH A O      1 
HETATM 720 O  O      . HOH B 2 .  ? -4.834  5.651   -10.229 1.00 23.77 ? 55   HOH A O      1 
HETATM 721 O  O      . HOH B 2 .  ? -2.960  3.200   12.911  1.00 25.82 ? 56   HOH A O      1 
HETATM 722 O  O      . HOH B 2 .  ? 9.033   -5.122  -10.896 1.00 28.06 ? 57   HOH A O      1 
HETATM 723 O  O      . HOH B 2 .  ? -8.448  11.159  7.546   1.00 26.13 ? 58   HOH A O      1 
HETATM 724 O  O      . HOH B 2 .  ? 8.128   10.572  0.855   1.00 19.96 ? 59   HOH A O      1 
HETATM 725 O  O      . HOH B 2 .  ? 1.272   -0.516  5.821   1.00 23.34 ? 60   HOH A O      1 
HETATM 726 O  O      . HOH B 2 .  ? -8.274  -4.470  -3.325  1.00 23.36 ? 61   HOH A O      1 
HETATM 727 O  O      . HOH B 2 .  ? 1.113   -0.976  -11.387 1.00 24.24 ? 62   HOH A O      1 
HETATM 728 O  O      . HOH B 2 .  ? 3.965   -2.952  -2.191  1.00 21.03 ? 63   HOH A O      1 
HETATM 729 O  O      . HOH B 2 .  ? -8.179  5.213   17.502  1.00 24.91 ? 64   HOH A O      1 
HETATM 730 O  O      . HOH B 2 .  ? 5.998   -3.029  0.592   1.00 24.24 ? 65   HOH A O      1 
HETATM 731 O  O      . HOH B 2 .  ? -0.767  -4.725  2.010   1.00 25.50 ? 66   HOH A O      1 
HETATM 732 O  O      . HOH B 2 .  ? -13.807 -2.604  8.220   1.00 27.69 ? 67   HOH A O      1 
HETATM 733 O  O      . HOH B 2 .  ? -4.268  -3.254  -14.027 1.00 18.86 ? 68   HOH A O      1 
HETATM 734 O  O      A HOH B 2 .  ? -5.599  0.953   17.990  0.50 17.21 ? 69   HOH A O      1 
HETATM 735 O  O      B HOH B 2 .  ? -5.624  1.722   16.661  0.50 18.45 ? 69   HOH A O      1 
HETATM 736 O  O      . HOH B 2 .  ? 6.738   -12.977 -19.215 1.00 23.11 ? 70   HOH A O      1 
HETATM 737 O  O      . HOH B 2 .  ? -10.100 6.269   15.550  1.00 27.19 ? 71   HOH A O      1 
HETATM 738 O  O      . HOH B 2 .  ? 6.884   5.617   5.972   1.00 25.92 ? 72   HOH A O      1 
HETATM 739 O  O      . HOH B 2 .  ? -13.014 -1.407  5.254   1.00 24.90 ? 73   HOH A O      1 
HETATM 740 O  O      . HOH B 2 .  ? -18.233 -4.696  12.350  1.00 30.22 ? 74   HOH A O      1 
HETATM 741 O  O      . HOH B 2 .  ? 5.161   -5.497  -2.169  1.00 24.82 ? 75   HOH A O      1 
HETATM 742 O  O      . HOH B 2 .  ? -10.187 7.944   9.444   1.00 26.36 ? 76   HOH A O      1 
HETATM 743 O  O      . HOH B 2 .  ? -20.779 4.330   8.289   1.00 24.22 ? 77   HOH A O      1 
HETATM 744 O  O      . HOH B 2 .  ? 2.375   -4.645  -4.153  1.00 30.61 ? 78   HOH A O      1 
HETATM 745 O  O      . HOH B 2 .  ? 6.756   -6.586  -10.123 1.00 37.43 ? 79   HOH A O      1 
HETATM 746 O  O      . HOH B 2 .  ? -5.872  2.721   13.949  1.00 28.71 ? 80   HOH A O      1 
HETATM 747 O  O      . HOH B 2 .  ? -2.444  7.820   -11.114 1.00 26.36 ? 81   HOH A O      1 
HETATM 748 O  O      . HOH B 2 .  ? 17.614  2.930   -6.532  1.00 25.36 ? 83   HOH A O      1 
HETATM 749 O  O      . HOH B 2 .  ? -3.960  11.761  -1.361  1.00 16.50 ? 84   HOH A O      1 
HETATM 750 O  O      . HOH B 2 .  ? -0.540  -0.394  -15.159 0.50 18.75 ? 85   HOH A O      1 
HETATM 751 O  O      . HOH B 2 .  ? 10.384  3.744   5.329   1.00 26.08 ? 86   HOH A O      1 
HETATM 752 O  O      . HOH B 2 .  ? -9.633  3.536   -3.167  1.00 25.55 ? 87   HOH A O      1 
HETATM 753 O  O      . HOH B 2 .  ? 14.191  -0.266  -4.147  1.00 22.48 ? 88   HOH A O      1 
HETATM 754 O  O      . HOH B 2 .  ? 1.662   2.048   6.711   1.00 20.07 ? 89   HOH A O      1 
HETATM 755 O  O      . HOH B 2 .  ? -6.979  -4.766  -0.956  1.00 22.37 ? 90   HOH A O      1 
HETATM 756 O  O      . HOH B 2 .  ? -7.154  10.474  9.940   1.00 34.14 ? 91   HOH A O      1 
HETATM 757 O  O      . HOH B 2 .  ? 14.495  -4.835  -12.519 1.00 18.15 ? 92   HOH A O      1 
HETATM 758 O  O      . HOH B 2 .  ? 1.316   -14.107 -7.251  1.00 26.66 ? 93   HOH A O      1 
HETATM 759 O  O      . HOH B 2 .  ? 5.794   -0.451  -10.105 1.00 25.25 ? 94   HOH A O      1 
HETATM 760 O  O      . HOH B 2 .  ? -12.625 10.562  7.437   1.00 33.79 ? 95   HOH A O      1 
HETATM 761 O  O      . HOH B 2 .  ? 15.372  -2.759  -3.022  0.50 14.00 ? 96   HOH A O      1 
HETATM 762 O  O      . HOH B 2 .  ? 4.222   3.624   4.187   1.00 22.22 ? 97   HOH A O      1 
HETATM 763 O  O      . HOH B 2 .  ? -0.888  -3.109  13.599  1.00 41.98 ? 98   HOH A O      1 
HETATM 764 O  O      . HOH B 2 .  ? 4.616   -5.550  -7.800  1.00 35.62 ? 99   HOH A O      1 
HETATM 765 O  O      . HOH B 2 .  ? 2.089   -16.079 -9.119  1.00 33.15 ? 100  HOH A O      1 
HETATM 766 O  O      . HOH B 2 .  ? 8.040   -10.418 4.632   1.00 38.25 ? 101  HOH A O      1 
HETATM 767 O  O      . HOH B 2 .  ? 1.485   -0.257  3.084   1.00 24.71 ? 102  HOH A O      1 
HETATM 768 O  O      . HOH B 2 .  ? -16.390 7.523   11.741  1.00 35.19 ? 103  HOH A O      1 
HETATM 769 O  O      . HOH B 2 .  ? -19.924 4.818   16.484  1.00 26.23 ? 104  HOH A O      1 
HETATM 770 O  O      . HOH B 2 .  ? 9.745   1.486   -11.979 1.00 34.67 ? 105  HOH A O      1 
HETATM 771 O  O      . HOH B 2 .  ? 8.286   1.668   5.683   1.00 30.19 ? 106  HOH A O      1 
HETATM 772 O  O      . HOH B 2 .  ? 0.209   -11.043 -10.351 1.00 34.26 ? 107  HOH A O      1 
HETATM 773 O  O      . HOH B 2 .  ? 4.884   -2.727  -8.759  1.00 38.86 ? 108  HOH A O      1 
HETATM 774 O  O      . HOH B 2 .  ? -0.688  1.538   13.459  1.00 32.45 ? 109  HOH A O      1 
HETATM 775 O  O      . HOH B 2 .  ? -6.018  4.947   15.632  1.00 38.87 ? 110  HOH A O      1 
HETATM 776 O  O      . HOH B 2 .  ? -7.196  -4.213  3.684   1.00 32.73 ? 111  HOH A O      1 
HETATM 777 O  O      . HOH B 2 .  ? 0.940   -3.347  0.298   1.00 35.82 ? 112  HOH A O      1 
HETATM 778 O  O      . HOH B 2 .  ? 13.773  0.170   -11.997 1.00 39.84 ? 113  HOH A O      1 
HETATM 779 O  O      . HOH B 2 .  ? 4.577   7.470   6.450   1.00 22.08 ? 114  HOH A O      1 
HETATM 780 O  O      . HOH B 2 .  ? 10.500  4.612   -15.076 1.00 32.91 ? 115  HOH A O      1 
HETATM 781 O  O      . HOH B 2 .  ? 2.575   -5.037  -9.758  1.00 46.79 ? 116  HOH A O      1 
HETATM 782 O  O      . HOH B 2 .  ? 1.678   -6.179  -1.107  1.00 35.03 ? 117  HOH A O      1 
HETATM 783 O  O      . HOH B 2 .  ? -4.993  -6.563  -8.169  1.00 36.21 ? 118  HOH A O      1 
HETATM 784 O  O      . HOH B 2 .  ? -21.582 3.848   14.458  1.00 26.46 ? 119  HOH A O      1 
HETATM 785 O  O      . HOH B 2 .  ? -14.267 7.564   15.636  1.00 33.23 ? 120  HOH A O      1 
HETATM 786 O  O      . HOH B 2 .  ? 2.233   12.538  2.818   1.00 28.61 ? 121  HOH A O      1 
HETATM 787 O  O      . HOH B 2 .  ? 4.673   11.721  5.617   1.00 32.51 ? 122  HOH A O      1 
HETATM 788 O  O      A HOH B 2 .  ? -8.240  7.309   -5.377  0.50 7.54  ? 123  HOH A O      1 
HETATM 789 O  O      B HOH B 2 .  ? -9.476  7.728   -5.064  0.50 13.66 ? 123  HOH A O      1 
HETATM 790 O  O      . HOH B 2 .  ? 13.392  -5.214  -0.838  1.00 24.17 ? 124  HOH A O      1 
HETATM 791 O  O      . HOH B 2 .  ? -12.925 7.587   11.292  1.00 32.28 ? 125  HOH A O      1 
HETATM 792 O  O      . HOH B 2 .  ? -16.179 8.687   7.649   1.00 45.25 ? 126  HOH A O      1 
HETATM 793 O  O      . HOH B 2 .  ? 11.465  8.363   -7.652  1.00 41.84 ? 127  HOH A O      1 
HETATM 794 O  O      . HOH B 2 .  ? 20.970  -11.781 -9.385  1.00 43.48 ? 128  HOH A O      1 
HETATM 795 O  O      . HOH B 2 .  ? -0.723  -1.779  8.896   1.00 18.44 ? 129  HOH A O      1 
HETATM 796 O  O      . HOH B 2 .  ? -3.749  6.009   -7.787  1.00 21.83 ? 130  HOH A O      1 
HETATM 797 O  O      . HOH B 2 .  ? -7.735  4.222   -7.309  1.00 24.46 ? 131  HOH A O      1 
HETATM 798 O  O      . HOH B 2 .  ? 5.052   -0.581  3.079   1.00 31.60 ? 132  HOH A O      1 
HETATM 799 O  O      . HOH B 2 .  ? -5.372  -5.871  4.736   1.00 41.75 ? 133  HOH A O      1 
HETATM 800 O  O      . HOH B 2 .  ? 2.624   5.372   8.330   1.00 40.22 ? 134  HOH A O      1 
HETATM 801 O  O      . HOH B 2 .  ? 3.508   -6.482  1.246   1.00 27.05 ? 135  HOH A O      1 
HETATM 802 O  O      . HOH B 2 .  ? -15.841 -4.414  8.471   1.00 27.36 ? 136  HOH A O      1 
HETATM 803 O  O      . HOH B 2 .  ? 12.833  -11.524 -3.994  1.00 22.61 ? 137  HOH A O      1 
HETATM 804 O  O      . HOH B 2 .  ? 0.009   -5.993  11.146  1.00 35.13 ? 138  HOH A O      1 
HETATM 805 O  O      . HOH B 2 .  ? -3.467  7.695   13.358  1.00 40.07 ? 139  HOH A O      1 
HETATM 806 O  O      . HOH B 2 .  ? -8.964  7.427   11.905  1.00 36.82 ? 140  HOH A O      1 
HETATM 807 O  O      . HOH B 2 .  ? -22.665 6.630   15.158  1.00 39.95 ? 141  HOH A O      1 
HETATM 808 O  O      . HOH B 2 .  ? 16.630  -10.102 -4.821  1.00 29.44 ? 142  HOH A O      1 
HETATM 809 O  O      . HOH B 2 .  ? -0.849  -1.209  15.700  1.00 38.03 ? 143  HOH A O      1 
HETATM 810 O  O      . HOH B 2 .  ? -2.636  -5.899  4.781   1.00 43.26 ? 144  HOH A O      1 
HETATM 811 O  O      . HOH B 2 .  ? -16.944 6.681   15.564  1.00 43.18 ? 145  HOH A O      1 
HETATM 812 O  O      . HOH B 2 .  ? 8.399   -3.211  -12.854 1.00 41.16 ? 146  HOH A O      1 
HETATM 813 O  O      . HOH B 2 .  ? 6.138   -9.199  -10.670 1.00 35.22 ? 147  HOH A O      1 
HETATM 814 O  O      . HOH B 2 .  ? 2.223   3.772   13.081  1.00 33.73 ? 148  HOH A O      1 
HETATM 815 O  O      A HOH B 2 .  ? 11.491  -14.180 -1.202  0.50 12.73 ? 149  HOH A O      1 
HETATM 816 O  O      B HOH B 2 .  ? 11.629  -13.143 -1.912  0.50 11.26 ? 149  HOH A O      1 
HETATM 817 O  O      . HOH B 2 .  ? -19.936 6.486   13.382  1.00 36.40 ? 150  HOH A O      1 
HETATM 818 O  O      . HOH B 2 .  ? -8.686  -4.530  8.204   1.00 37.10 ? 151  HOH A O      1 
HETATM 819 O  O      . HOH B 2 .  ? -3.385  9.582   -2.988  1.00 14.70 ? 152  HOH A O      1 
HETATM 820 O  O      . HOH B 2 .  ? 0.870   -4.594  5.788   1.00 41.21 ? 153  HOH A O      1 
HETATM 821 O  O      . HOH B 2 .  ? -11.196 -3.367  7.358   1.00 25.52 ? 154  HOH A O      1 
HETATM 822 O  O      . HOH B 2 .  ? -11.931 -6.066  7.029   1.00 29.26 ? 155  HOH A O      1 
HETATM 823 O  O      . HOH B 2 .  ? -4.697  7.877   -4.679  1.00 33.85 ? 156  HOH A O      1 
HETATM 824 O  O      . HOH B 2 .  ? -11.945 11.974  3.055   1.00 33.29 ? 157  HOH A O      1 
# 
loop_
_atom_site_anisotrop.id 
_atom_site_anisotrop.type_symbol 
_atom_site_anisotrop.pdbx_label_atom_id 
_atom_site_anisotrop.pdbx_label_alt_id 
_atom_site_anisotrop.pdbx_label_comp_id 
_atom_site_anisotrop.pdbx_label_asym_id 
_atom_site_anisotrop.pdbx_label_seq_id 
_atom_site_anisotrop.pdbx_PDB_ins_code 
_atom_site_anisotrop.U[1][1] 
_atom_site_anisotrop.U[2][2] 
_atom_site_anisotrop.U[3][3] 
_atom_site_anisotrop.U[1][2] 
_atom_site_anisotrop.U[1][3] 
_atom_site_anisotrop.U[2][3] 
_atom_site_anisotrop.pdbx_auth_seq_id 
_atom_site_anisotrop.pdbx_auth_comp_id 
_atom_site_anisotrop.pdbx_auth_asym_id 
_atom_site_anisotrop.pdbx_auth_atom_id 
1   O  "O5'"  . U   A 1  ? 0.2494 0.4070 0.2790 -0.0049 -0.0228 -0.0418 2647 U   A "O5'"  
2   C  "C5'"  . U   A 1  ? 0.2306 0.4102 0.2663 -0.0056 -0.0101 -0.0435 2647 U   A "C5'"  
3   C  "C4'"  . U   A 1  ? 0.2038 0.4096 0.2562 -0.0100 0.0081  -0.0441 2647 U   A "C4'"  
4   O  "O4'"  . U   A 1  ? 0.1816 0.4314 0.2578 -0.0087 0.0267  -0.0464 2647 U   A "O4'"  
5   C  "C3'"  . U   A 1  ? 0.1919 0.3702 0.2482 -0.0138 0.0052  -0.0325 2647 U   A "C3'"  
6   O  "O3'"  A U   A 1  ? 0.1773 0.3235 0.2349 -0.0079 0.0060  -0.0172 2647 U   A "O3'"  
7   O  "O3'"  B U   A 1  ? 0.2038 0.3460 0.2361 -0.0305 -0.0219 -0.0327 2647 U   A "O3'"  
8   C  "C2'"  . U   A 1  ? 0.1770 0.3865 0.2722 -0.0104 0.0234  -0.0322 2647 U   A "C2'"  
9   O  "O2'"  . U   A 1  ? 0.1775 0.3698 0.2839 -0.0182 0.0305  -0.0181 2647 U   A "O2'"  
10  C  "C1'"  . U   A 1  ? 0.1620 0.4226 0.2668 -0.0101 0.0353  -0.0424 2647 U   A "C1'"  
11  N  N1     . U   A 1  ? 0.1269 0.4327 0.2897 -0.0179 0.0446  -0.0389 2647 U   A N1     
12  C  C2     . U   A 1  ? 0.1176 0.4442 0.2954 -0.0232 0.0544  -0.0422 2647 U   A C2     
13  O  O2     . U   A 1  ? 0.1357 0.4380 0.2955 -0.0353 0.0560  -0.0326 2647 U   A O2     
14  N  N3     . U   A 1  ? 0.1054 0.4619 0.3067 -0.0275 0.0505  -0.0403 2647 U   A N3     
15  C  C4     . U   A 1  ? 0.0938 0.4637 0.3155 -0.0337 0.0503  -0.0446 2647 U   A C4     
16  O  O4     . U   A 1  ? 0.1212 0.4717 0.3319 -0.0535 0.0326  -0.0398 2647 U   A O4     
17  C  C5     . U   A 1  ? 0.1082 0.4497 0.3167 -0.0237 0.0384  -0.0418 2647 U   A C5     
18  C  C6     . U   A 1  ? 0.1154 0.4375 0.3059 -0.0141 0.0380  -0.0427 2647 U   A C6     
19  P  P      A G   A 2  ? 0.1495 0.2403 0.2200 0.0044  -0.0045 0.0044  2648 G   A P      
20  P  P      B G   A 2  ? 0.1889 0.2927 0.2238 -0.0428 -0.0498 -0.0272 2648 G   A P      
21  O  OP1    A G   A 2  ? 0.1354 0.2720 0.2195 0.0036  0.0022  -0.0054 2648 G   A OP1    
22  O  OP1    B G   A 2  ? 0.1811 0.2850 0.2282 -0.0540 -0.0445 -0.0223 2648 G   A OP1    
23  O  OP2    A G   A 2  ? 0.1859 0.2451 0.2405 -0.0026 -0.0241 0.0047  2648 G   A OP2    
24  O  OP2    B G   A 2  ? 0.2034 0.2854 0.2328 -0.0393 -0.0654 -0.0038 2648 G   A OP2    
25  O  "O5'"  A G   A 2  ? 0.1458 0.1823 0.2231 -0.0186 -0.0244 0.0299  2648 G   A "O5'"  
26  O  "O5'"  B G   A 2  ? 0.2039 0.2336 0.1970 -0.0464 -0.0552 -0.0443 2648 G   A "O5'"  
27  C  "C5'"  A G   A 2  ? 0.1335 0.1614 0.1728 -0.0226 -0.0050 0.0107  2648 G   A "C5'"  
28  C  "C5'"  B G   A 2  ? 0.1816 0.1989 0.1836 -0.0543 -0.0383 -0.0492 2648 G   A "C5'"  
29  C  "C4'"  A G   A 2  ? 0.1139 0.1433 0.1411 -0.0206 0.0072  -0.0054 2648 G   A "C4'"  
30  C  "C4'"  B G   A 2  ? 0.1618 0.1671 0.1675 -0.0521 -0.0207 -0.0566 2648 G   A "C4'"  
31  O  "O4'"  A G   A 2  ? 0.1165 0.1491 0.1296 -0.0180 0.0068  -0.0135 2648 G   A "O4'"  
32  O  "O4'"  B G   A 2  ? 0.1426 0.1309 0.1798 -0.0459 -0.0117 -0.0442 2648 G   A "O4'"  
33  C  "C3'"  A G   A 2  ? 0.1051 0.1209 0.1139 -0.0126 0.0125  -0.0085 2648 G   A "C3'"  
34  C  "C3'"  B G   A 2  ? 0.1593 0.1605 0.1582 -0.0482 -0.0179 -0.0557 2648 G   A "C3'"  
35  O  "O3'"  A G   A 2  ? 0.0960 0.1097 0.1152 -0.0178 0.0159  -0.0122 2648 G   A "O3'"  
36  O  "O3'"  B G   A 2  ? 0.1565 0.1789 0.1612 -0.0409 -0.0262 -0.0393 2648 G   A "O3'"  
37  C  "C2'"  A G   A 2  ? 0.1110 0.0976 0.1121 -0.0090 0.0081  -0.0085 2648 G   A "C2'"  
38  C  "C2'"  B G   A 2  ? 0.1487 0.1527 0.1801 -0.0438 -0.0118 -0.0499 2648 G   A "C2'"  
39  O  "O2'"  A G   A 2  ? 0.1273 0.1127 0.1159 -0.0133 -0.0033 0.0022  2648 G   A "O2'"  
40  O  "O2'"  B G   A 2  ? 0.1609 0.1259 0.2061 -0.0452 -0.0278 -0.0386 2648 G   A "O2'"  
41  C  "C1'"  A G   A 2  ? 0.1155 0.1186 0.1320 -0.0117 0.0020  -0.0152 2648 G   A "C1'"  
42  C  "C1'"  B G   A 2  ? 0.1362 0.1418 0.1770 -0.0363 -0.0016 -0.0470 2648 G   A "C1'"  
43  N  N9     A G   A 2  ? 0.1167 0.1340 0.1249 -0.0137 0.0039  -0.0106 2648 G   A N9     
44  N  N9     B G   A 2  ? 0.1301 0.1467 0.1642 -0.0227 0.0132  -0.0535 2648 G   A N9     
45  C  C8     A G   A 2  ? 0.1049 0.1370 0.1180 -0.0077 0.0092  -0.0140 2648 G   A C8     
46  C  C8     B G   A 2  ? 0.1324 0.1626 0.1750 -0.0228 0.0102  -0.0528 2648 G   A C8     
47  N  N7     A G   A 2  ? 0.0993 0.1468 0.1410 -0.0109 0.0037  -0.0158 2648 G   A N7     
48  N  N7     B G   A 2  ? 0.1295 0.1563 0.1764 -0.0150 0.0042  -0.0461 2648 G   A N7     
49  C  C5     A G   A 2  ? 0.1023 0.1280 0.1258 -0.0107 0.0098  -0.0102 2648 G   A C5     
50  C  C5     B G   A 2  ? 0.1215 0.1294 0.1612 -0.0107 0.0142  -0.0434 2648 G   A C5     
51  C  C6     A G   A 2  ? 0.1204 0.1257 0.1332 -0.0134 0.0016  -0.0030 2648 G   A C6     
52  C  C6     B G   A 2  ? 0.1108 0.1148 0.1379 -0.0016 0.0239  -0.0415 2648 G   A C6     
53  O  O6     A G   A 2  ? 0.1357 0.1571 0.1496 -0.0215 -0.0081 -0.0003 2648 G   A O6     
54  O  O6     B G   A 2  ? 0.1154 0.1097 0.1172 -0.0089 0.0268  -0.0421 2648 G   A O6     
55  N  N1     A G   A 2  ? 0.1080 0.1373 0.1256 -0.0134 0.0154  -0.0088 2648 G   A N1     
56  N  N1     B G   A 2  ? 0.1193 0.1040 0.1526 0.0032  0.0132  -0.0369 2648 G   A N1     
57  C  C2     A G   A 2  ? 0.1163 0.1438 0.1292 -0.0107 0.0082  -0.0085 2648 G   A C2     
58  C  C2     B G   A 2  ? 0.1198 0.1002 0.1474 -0.0020 0.0185  -0.0329 2648 G   A C2     
59  N  N2     A G   A 2  ? 0.0980 0.1201 0.1273 -0.0153 0.0190  -0.0038 2648 G   A N2     
60  N  N2     B G   A 2  ? 0.1343 0.1441 0.1644 0.0004  0.0059  -0.0286 2648 G   A N2     
61  N  N3     A G   A 2  ? 0.0978 0.1469 0.1190 0.0013  0.0117  -0.0028 2648 G   A N3     
62  N  N3     B G   A 2  ? 0.1166 0.1056 0.1432 -0.0087 0.0244  -0.0397 2648 G   A N3     
63  C  C4     A G   A 2  ? 0.1064 0.1441 0.1212 -0.0074 0.0085  -0.0110 2648 G   A C4     
64  C  C4     B G   A 2  ? 0.1201 0.1300 0.1541 -0.0115 0.0204  -0.0462 2648 G   A C4     
65  P  P      A C   A 3  ? 0.1006 0.1391 0.1324 -0.0153 0.0093  -0.0175 2649 C   A P      
66  P  P      B C   A 3  ? 0.1493 0.1897 0.1299 -0.0247 -0.0178 -0.0372 2649 C   A P      
67  O  OP1    A C   A 3  ? 0.1296 0.1909 0.1428 -0.0395 0.0036  -0.0129 2649 C   A OP1    
68  O  OP1    B C   A 3  ? 0.1301 0.1969 0.1386 -0.0198 -0.0074 -0.0438 2649 C   A OP1    
69  O  OP2    A C   A 3  ? 0.0690 0.1359 0.1307 0.0030  0.0234  -0.0405 2649 C   A OP2    
70  O  OP2    B C   A 3  ? 0.1797 0.2368 0.1752 -0.0208 -0.0435 -0.0316 2649 C   A OP2    
71  O  "O5'"  A C   A 3  ? 0.1139 0.0822 0.1172 -0.0075 0.0004  0.0005  2649 C   A "O5'"  
72  O  "O5'"  B C   A 3  ? 0.1784 0.1634 0.1400 -0.0404 -0.0427 -0.0102 2649 C   A "O5'"  
73  C  "C5'"  A C   A 3  ? 0.1233 0.1067 0.1331 -0.0114 -0.0080 -0.0005 2649 C   A "C5'"  
74  C  "C5'"  B C   A 3  ? 0.1863 0.1407 0.1564 -0.0533 -0.0529 0.0007  2649 C   A "C5'"  
75  C  "C4'"  A C   A 3  ? 0.1308 0.1231 0.1287 -0.0167 -0.0025 -0.0079 2649 C   A "C4'"  
76  C  "C4'"  B C   A 3  ? 0.1824 0.1101 0.1607 -0.0575 -0.0544 0.0027  2649 C   A "C4'"  
77  O  "O4'"  A C   A 3  ? 0.1377 0.1056 0.1309 -0.0151 -0.0038 0.0026  2649 C   A "O4'"  
78  O  "O4'"  B C   A 3  ? 0.1778 0.0899 0.1641 -0.0425 -0.0531 -0.0026 2649 C   A "O4'"  
79  C  "C3'"  A C   A 3  ? 0.1226 0.1018 0.1154 -0.0170 0.0044  -0.0048 2649 C   A "C3'"  
80  C  "C3'"  B C   A 3  ? 0.1821 0.1257 0.1438 -0.0619 -0.0487 0.0009  2649 C   A "C3'"  
81  O  "O3'"  A C   A 3  ? 0.1266 0.1012 0.1228 -0.0336 -0.0089 -0.0051 2649 C   A "O3'"  
82  O  "O3'"  B C   A 3  ? 0.1740 0.1695 0.1108 -0.0768 -0.0374 0.0113  2649 C   A "O3'"  
83  C  "C2'"  A C   A 3  ? 0.1355 0.0966 0.1357 -0.0156 -0.0011 0.0104  2649 C   A "C2'"  
84  C  "C2'"  B C   A 3  ? 0.1745 0.1213 0.1545 -0.0371 -0.0508 -0.0018 2649 C   A "C2'"  
85  O  "O2'"  A C   A 3  ? 0.1488 0.1392 0.1440 -0.0270 -0.0005 0.0046  2649 C   A "O2'"  
86  O  "O2'"  B C   A 3  ? 0.1801 0.1397 0.1663 -0.0339 -0.0600 0.0030  2649 C   A "O2'"  
87  C  "C1'"  A C   A 3  ? 0.1276 0.0927 0.1254 -0.0151 0.0080  0.0150  2649 C   A "C1'"  
88  C  "C1'"  B C   A 3  ? 0.1658 0.1091 0.1565 -0.0238 -0.0394 -0.0157 2649 C   A "C1'"  
89  N  N1     A C   A 3  ? 0.1182 0.1125 0.1228 -0.0125 0.0246  0.0110  2649 C   A N1     
90  N  N1     B C   A 3  ? 0.1428 0.1259 0.1272 -0.0048 -0.0130 -0.0255 2649 C   A N1     
91  C  C2     A C   A 3  ? 0.1200 0.1288 0.1331 -0.0044 0.0275  0.0037  2649 C   A C2     
92  C  C2     B C   A 3  ? 0.1252 0.0990 0.1270 -0.0064 -0.0007 -0.0231 2649 C   A C2     
93  O  O2     A C   A 3  ? 0.1168 0.1365 0.1640 -0.0091 0.0207  0.0233  2649 C   A O2     
94  O  O2     B C   A 3  ? 0.1153 0.1092 0.1451 -0.0049 -0.0036 -0.0165 2649 C   A O2     
95  N  N3     A C   A 3  ? 0.1110 0.1205 0.1156 0.0213  0.0368  -0.0059 2649 C   A N3     
96  N  N3     B C   A 3  ? 0.1196 0.1093 0.1175 -0.0009 0.0063  -0.0247 2649 C   A N3     
97  C  C4     A C   A 3  ? 0.1017 0.1407 0.1092 0.0251  0.0405  0.0010  2649 C   A C4     
98  C  C4     B C   A 3  ? 0.1442 0.1263 0.1253 0.0075  -0.0161 -0.0286 2649 C   A C4     
99  N  N4     A C   A 3  ? 0.1173 0.1685 0.1144 0.0169  0.0339  0.0073  2649 C   A N4     
100 N  N4     B C   A 3  ? 0.1390 0.1504 0.1260 0.0125  -0.0172 -0.0274 2649 C   A N4     
101 C  C5     A C   A 3  ? 0.1030 0.1352 0.1054 0.0091  0.0390  0.0028  2649 C   A C5     
102 C  C5     B C   A 3  ? 0.1583 0.1414 0.1296 0.0014  -0.0264 -0.0216 2649 C   A C5     
103 C  C6     A C   A 3  ? 0.1179 0.1183 0.1091 0.0021  0.0278  0.0036  2649 C   A C6     
104 C  C6     B C   A 3  ? 0.1507 0.1156 0.1174 0.0004  -0.0180 -0.0211 2649 C   A C6     
105 P  P      A U   A 4  ? 0.1017 0.1245 0.1275 -0.0294 0.0002  -0.0177 2650 U   A P      
106 P  P      B U   A 4  ? 0.1647 0.1969 0.1068 -0.0753 -0.0401 0.0158  2650 U   A P      
107 O  OP1    A U   A 4  ? 0.1225 0.1348 0.1310 -0.0573 -0.0168 -0.0059 2650 U   A OP1    
108 O  OP1    B U   A 4  ? 0.1510 0.2231 0.0994 -0.0758 -0.0310 0.0142  2650 U   A OP1    
109 O  OP2    A U   A 4  ? 0.1099 0.1822 0.1458 -0.0103 -0.0168 -0.0211 2650 U   A OP2    
110 O  OP2    B U   A 4  ? 0.1511 0.2248 0.1211 -0.0818 -0.0402 0.0251  2650 U   A OP2    
111 O  "O5'"  A U   A 4  ? 0.1309 0.1309 0.1376 -0.0049 -0.0233 -0.0242 2650 U   A "O5'"  
112 O  "O5'"  B U   A 4  ? 0.1568 0.1515 0.1378 -0.0683 -0.0402 -0.0075 2650 U   A "O5'"  
113 C  "C5'"  A U   A 4  ? 0.1722 0.1329 0.1657 -0.0049 -0.0578 -0.0241 2650 U   A "C5'"  
114 C  "C5'"  B U   A 4  ? 0.1814 0.1453 0.1690 -0.0389 -0.0650 -0.0161 2650 U   A "C5'"  
115 C  "C4'"  . U   A 4  ? 0.1680 0.1373 0.1836 -0.0091 -0.0674 -0.0215 2650 U   A "C4'"  
116 O  "O4'"  . U   A 4  ? 0.1461 0.1519 0.2041 0.0145  -0.0621 -0.0336 2650 U   A "O4'"  
117 C  "C3'"  . U   A 4  ? 0.1625 0.1366 0.1646 -0.0086 -0.0594 -0.0205 2650 U   A "C3'"  
118 O  "O3'"  . U   A 4  ? 0.1883 0.1504 0.1350 -0.0217 -0.0483 -0.0331 2650 U   A "O3'"  
119 C  "C2'"  . U   A 4  ? 0.1384 0.1568 0.1872 -0.0073 -0.0641 -0.0203 2650 U   A "C2'"  
120 O  "O2'"  . U   A 4  ? 0.1551 0.2010 0.2039 -0.0187 -0.0800 -0.0079 2650 U   A "O2'"  
121 C  "C1'"  . U   A 4  ? 0.1173 0.1790 0.1925 0.0086  -0.0484 -0.0371 2650 U   A "C1'"  
122 N  N1     . U   A 4  ? 0.0971 0.1770 0.1658 0.0135  -0.0241 -0.0475 2650 U   A N1     
123 C  C2     . U   A 4  ? 0.0971 0.1580 0.1582 0.0246  -0.0205 -0.0597 2650 U   A C2     
124 O  O2     . U   A 4  ? 0.0954 0.1799 0.1709 0.0020  -0.0195 -0.0465 2650 U   A O2     
125 N  N3     . U   A 4  ? 0.1068 0.1586 0.1601 0.0198  -0.0252 -0.0552 2650 U   A N3     
126 C  C4     . U   A 4  ? 0.1093 0.1675 0.1672 0.0323  -0.0267 -0.0601 2650 U   A C4     
127 O  O4     . U   A 4  ? 0.1308 0.1691 0.1797 0.0142  -0.0459 -0.0534 2650 U   A O4     
128 C  C5     . U   A 4  ? 0.1224 0.1836 0.1687 0.0178  -0.0299 -0.0545 2650 U   A C5     
129 C  C6     . U   A 4  ? 0.1066 0.1862 0.1615 0.0150  -0.0217 -0.0494 2650 U   A C6     
130 P  P      . C   A 5  ? 0.1713 0.1860 0.1234 -0.0516 -0.0229 -0.0276 2651 C   A P      
131 O  OP1    . C   A 5  ? 0.1993 0.2279 0.1242 -0.0633 -0.0259 -0.0200 2651 C   A OP1    
132 O  OP2    . C   A 5  ? 0.1661 0.2429 0.1633 -0.0613 -0.0119 -0.0329 2651 C   A OP2    
133 O  "O5'"  . C   A 5  ? 0.1317 0.1540 0.1219 -0.0104 -0.0369 -0.0310 2651 C   A "O5'"  
134 C  "C5'"  . C   A 5  ? 0.1218 0.1216 0.1217 -0.0031 -0.0516 -0.0158 2651 C   A "C5'"  
135 C  "C4'"  . C   A 5  ? 0.1223 0.1302 0.1122 0.0055  -0.0553 -0.0171 2651 C   A "C4'"  
136 O  "O4'"  . C   A 5  ? 0.0982 0.1422 0.1048 0.0179  -0.0420 -0.0201 2651 C   A "O4'"  
137 C  "C3'"  . C   A 5  ? 0.1104 0.1299 0.1113 0.0137  -0.0436 -0.0317 2651 C   A "C3'"  
138 O  "O3'"  . C   A 5  ? 0.1217 0.1414 0.0990 0.0026  -0.0397 -0.0264 2651 C   A "O3'"  
139 C  "C2'"  . C   A 5  ? 0.1152 0.1414 0.1101 0.0092  -0.0423 -0.0286 2651 C   A "C2'"  
140 O  "O2'"  . C   A 5  ? 0.1409 0.1672 0.1056 -0.0027 -0.0400 -0.0219 2651 C   A "O2'"  
141 C  "C1'"  . C   A 5  ? 0.0920 0.1452 0.1218 0.0176  -0.0464 -0.0225 2651 C   A "C1'"  
142 N  N1     . C   A 5  ? 0.0935 0.1426 0.1029 0.0247  -0.0408 -0.0339 2651 C   A N1     
143 C  C2     . C   A 5  ? 0.1041 0.1385 0.0915 0.0264  -0.0367 -0.0332 2651 C   A C2     
144 O  O2     . C   A 5  ? 0.0961 0.1423 0.1050 0.0222  -0.0398 -0.0274 2651 C   A O2     
145 N  N3     . C   A 5  ? 0.0980 0.1365 0.0967 0.0333  -0.0357 -0.0387 2651 C   A N3     
146 C  C4     . C   A 5  ? 0.0946 0.1387 0.1154 0.0319  -0.0384 -0.0380 2651 C   A C4     
147 N  N4     . C   A 5  ? 0.1025 0.1449 0.1236 0.0299  -0.0472 -0.0280 2651 C   A N4     
148 C  C5     . C   A 5  ? 0.0923 0.1472 0.1091 0.0375  -0.0399 -0.0467 2651 C   A C5     
149 C  C6     . C   A 5  ? 0.0913 0.1595 0.1061 0.0275  -0.0460 -0.0337 2651 C   A C6     
150 P  P      . C   A 6  ? 0.1290 0.1356 0.0903 0.0027  -0.0294 -0.0158 2652 C   A P      
151 O  OP1    . C   A 6  ? 0.1505 0.1395 0.0976 0.0048  -0.0289 -0.0207 2652 C   A OP1    
152 O  OP2    . C   A 6  ? 0.1290 0.1495 0.1303 0.0063  -0.0146 -0.0157 2652 C   A OP2    
153 O  "O5'"  . C   A 6  ? 0.1024 0.1270 0.0971 0.0031  -0.0322 -0.0141 2652 C   A "O5'"  
154 C  "C5'"  . C   A 6  ? 0.0849 0.1294 0.0964 -0.0018 -0.0320 -0.0112 2652 C   A "C5'"  
155 C  "C4'"  . C   A 6  ? 0.0754 0.1333 0.0845 0.0004  -0.0251 -0.0193 2652 C   A "C4'"  
156 O  "O4'"  . C   A 6  ? 0.0715 0.1457 0.0870 0.0004  -0.0282 -0.0180 2652 C   A "O4'"  
157 C  "C3'"  . C   A 6  ? 0.0747 0.1212 0.0974 -0.0055 -0.0233 -0.0130 2652 C   A "C3'"  
158 O  "O3'"  . C   A 6  ? 0.0760 0.1181 0.1057 -0.0087 -0.0289 -0.0192 2652 C   A "O3'"  
159 C  "C2'"  . C   A 6  ? 0.0744 0.1372 0.0970 -0.0122 -0.0274 0.0007  2652 C   A "C2'"  
160 O  "O2'"  . C   A 6  ? 0.0898 0.1411 0.1008 -0.0148 -0.0296 -0.0013 2652 C   A "O2'"  
161 C  "C1'"  . C   A 6  ? 0.0642 0.1348 0.0920 -0.0015 -0.0257 -0.0108 2652 C   A "C1'"  
162 N  N1     . C   A 6  ? 0.0697 0.1277 0.0846 0.0076  -0.0232 -0.0140 2652 C   A N1     
163 C  C2     . C   A 6  ? 0.0743 0.1343 0.0815 0.0039  -0.0232 -0.0170 2652 C   A C2     
164 O  O2     . C   A 6  ? 0.0777 0.1308 0.0929 0.0015  -0.0233 -0.0184 2652 C   A O2     
165 N  N3     . C   A 6  ? 0.0871 0.1245 0.0846 0.0000  -0.0264 -0.0236 2652 C   A N3     
166 C  C4     . C   A 6  ? 0.0813 0.1128 0.0822 0.0067  -0.0249 -0.0231 2652 C   A C4     
167 N  N4     . C   A 6  ? 0.0918 0.1255 0.1004 0.0047  -0.0226 -0.0191 2652 C   A N4     
168 C  C5     . C   A 6  ? 0.0843 0.1354 0.0807 0.0109  -0.0310 -0.0208 2652 C   A C5     
169 C  C6     . C   A 6  ? 0.0823 0.1399 0.0823 0.0069  -0.0260 -0.0152 2652 C   A C6     
170 P  P      . U   A 7  ? 0.0801 0.1453 0.1128 -0.0032 -0.0227 -0.0460 2653 U   A P      
171 O  OP1    . U   A 7  ? 0.1015 0.1500 0.1860 -0.0030 -0.0326 -0.0767 2653 U   A OP1    
172 O  OP2    . U   A 7  ? 0.0798 0.1881 0.0942 -0.0052 -0.0134 -0.0366 2653 U   A OP2    
173 O  "O5'"  . U   A 7  ? 0.0742 0.1139 0.1148 0.0012  -0.0250 -0.0203 2653 U   A "O5'"  
174 C  "C5'"  . U   A 7  ? 0.0779 0.1242 0.1203 -0.0172 -0.0192 -0.0050 2653 U   A "C5'"  
175 C  "C4'"  . U   A 7  ? 0.0820 0.1169 0.1214 -0.0153 -0.0218 0.0016  2653 U   A "C4'"  
176 O  "O4'"  . U   A 7  ? 0.0744 0.1292 0.1027 -0.0110 -0.0165 0.0117  2653 U   A "O4'"  
177 C  "C3'"  . U   A 7  ? 0.0689 0.1134 0.1166 -0.0044 -0.0148 0.0037  2653 U   A "C3'"  
178 O  "O3'"  . U   A 7  ? 0.0873 0.1252 0.1194 0.0007  -0.0097 0.0050  2653 U   A "O3'"  
179 C  "C2'"  . U   A 7  ? 0.0695 0.1289 0.0987 0.0026  -0.0179 0.0092  2653 U   A "C2'"  
180 O  "O2'"  . U   A 7  ? 0.0702 0.1478 0.0978 -0.0059 -0.0174 0.0187  2653 U   A "O2'"  
181 C  "C1'"  . U   A 7  ? 0.0825 0.1331 0.1004 -0.0124 -0.0220 0.0046  2653 U   A "C1'"  
182 N  N1     . U   A 7  ? 0.0776 0.1181 0.0852 -0.0009 -0.0163 -0.0037 2653 U   A N1     
183 C  C2     . U   A 7  ? 0.0856 0.1329 0.0867 -0.0067 -0.0131 -0.0052 2653 U   A C2     
184 O  O2     . U   A 7  ? 0.1065 0.1470 0.0979 -0.0254 -0.0242 -0.0117 2653 U   A O2     
185 N  N3     . U   A 7  ? 0.0850 0.1369 0.0949 -0.0026 -0.0094 -0.0110 2653 U   A N3     
186 C  C4     . U   A 7  ? 0.0928 0.1189 0.0972 0.0004  -0.0070 -0.0049 2653 U   A C4     
187 O  O4     . U   A 7  ? 0.1234 0.1234 0.1016 0.0003  -0.0110 0.0015  2653 U   A O4     
188 C  C5     . U   A 7  ? 0.0914 0.1152 0.0880 0.0024  -0.0169 -0.0058 2653 U   A C5     
189 C  C6     . U   A 7  ? 0.0688 0.1380 0.0834 -0.0070 -0.0085 -0.0117 2653 U   A C6     
190 P  P      A A   A 8  ? 0.0897 0.1253 0.1383 0.0019  -0.0016 -0.0034 2654 A   A P      
191 P  P      B A   A 8  ? 0.0910 0.1052 0.0942 -0.0067 -0.0131 -0.0018 2654 A   A P      
192 O  OP1    A A   A 8  ? 0.1002 0.1374 0.1278 -0.0195 -0.0096 -0.0243 2654 A   A OP1    
193 O  OP1    B A   A 8  ? 0.1158 0.1053 0.1199 0.0011  -0.0300 -0.0156 2654 A   A OP1    
194 O  OP2    A A   A 8  ? 0.1213 0.1330 0.1626 0.0044  -0.0260 -0.0053 2654 A   A OP2    
195 O  OP2    B A   A 8  ? 0.0823 0.1363 0.0953 -0.0216 -0.0127 0.0023  2654 A   A OP2    
196 O  "O5'"  A A   A 8  ? 0.0854 0.1521 0.1292 -0.0126 0.0090  0.0110  2654 A   A "O5'"  
197 O  "O5'"  B A   A 8  ? 0.0826 0.1255 0.1161 -0.0160 0.0187  -0.0287 2654 A   A "O5'"  
198 C  "C5'"  A A   A 8  ? 0.1048 0.1516 0.1310 -0.0145 0.0026  -0.0106 2654 A   A "C5'"  
199 C  "C5'"  B A   A 8  ? 0.1096 0.1043 0.1196 -0.0186 0.0047  -0.0323 2654 A   A "C5'"  
200 C  "C4'"  A A   A 8  ? 0.1029 0.1387 0.1269 -0.0198 -0.0036 -0.0287 2654 A   A "C4'"  
201 C  "C4'"  B A   A 8  ? 0.1044 0.1226 0.1193 -0.0204 -0.0022 -0.0360 2654 A   A "C4'"  
202 O  "O4'"  . A   A 8  ? 0.1018 0.1073 0.1006 -0.0226 -0.0017 -0.0178 2654 A   A "O4'"  
203 C  "C3'"  . A   A 8  ? 0.1168 0.1466 0.1384 -0.0147 -0.0198 -0.0431 2654 A   A "C3'"  
204 O  "O3'"  . A   A 8  ? 0.1579 0.1820 0.1588 -0.0083 -0.0447 -0.0816 2654 A   A "O3'"  
205 C  "C2'"  . A   A 8  ? 0.0949 0.1255 0.1259 -0.0053 -0.0135 -0.0273 2654 A   A "C2'"  
206 O  "O2'"  . A   A 8  ? 0.1069 0.1451 0.1380 0.0012  -0.0343 -0.0223 2654 A   A "O2'"  
207 C  "C1'"  . A   A 8  ? 0.1032 0.1237 0.1035 -0.0136 -0.0076 -0.0288 2654 A   A "C1'"  
208 N  N9     . A   A 8  ? 0.0998 0.1161 0.1014 -0.0115 -0.0046 -0.0250 2654 A   A N9     
209 C  C8     . A   A 8  ? 0.0979 0.1335 0.0909 -0.0124 -0.0096 -0.0203 2654 A   A C8     
210 N  N7     . A   A 8  ? 0.0912 0.1244 0.1029 -0.0184 -0.0023 -0.0200 2654 A   A N7     
211 C  C5     . A   A 8  ? 0.0923 0.1157 0.1029 -0.0215 0.0142  -0.0190 2654 A   A C5     
212 C  C6     . A   A 8  ? 0.1142 0.1150 0.1032 -0.0288 0.0152  -0.0200 2654 A   A C6     
213 N  N6     . A   A 8  ? 0.1177 0.1290 0.1151 -0.0230 0.0079  -0.0272 2654 A   A N6     
214 N  N1     . A   A 8  ? 0.1362 0.1176 0.1157 -0.0258 0.0064  -0.0127 2654 A   A N1     
215 C  C2     . A   A 8  ? 0.1306 0.1205 0.1184 -0.0236 0.0076  -0.0151 2654 A   A C2     
216 N  N3     . A   A 8  ? 0.1226 0.1193 0.1062 -0.0118 0.0051  -0.0199 2654 A   A N3     
217 C  C4     . A   A 8  ? 0.1043 0.1273 0.0917 -0.0129 0.0069  -0.0100 2654 A   A C4     
218 P  P      . G   A 9  ? 0.1151 0.2395 0.1719 -0.0669 0.0057  -0.0900 2655 G   A P      
219 O  OP1    . G   A 9  ? 0.1821 0.2067 0.2479 -0.0472 -0.0528 -0.0555 2655 G   A OP1    
220 O  OP2    . G   A 9  ? 0.1238 0.2354 0.1893 -0.0926 -0.0054 -0.0502 2655 G   A OP2    
221 O  "O5'"  . G   A 9  ? 0.1662 0.2325 0.2102 -0.0653 -0.0180 -0.0421 2655 G   A "O5'"  
222 C  "C5'"  . G   A 9  ? 0.1667 0.2046 0.2243 -0.0643 -0.0437 0.0079  2655 G   A "C5'"  
223 C  "C4'"  . G   A 9  ? 0.1318 0.1797 0.1726 -0.0596 -0.0230 0.0063  2655 G   A "C4'"  
224 O  "O4'"  . G   A 9  ? 0.1226 0.1904 0.1299 -0.0385 -0.0071 0.0069  2655 G   A "O4'"  
225 C  "C3'"  . G   A 9  ? 0.1482 0.1707 0.1378 -0.0426 -0.0294 -0.0243 2655 G   A "C3'"  
226 O  "O3'"  . G   A 9  ? 0.1240 0.1508 0.1095 -0.0431 -0.0096 -0.0341 2655 G   A "O3'"  
227 C  "C2'"  . G   A 9  ? 0.1495 0.2238 0.1195 -0.0216 -0.0198 -0.0259 2655 G   A "C2'"  
228 O  "O2'"  . G   A 9  ? 0.1773 0.2910 0.1078 0.0010  -0.0179 -0.0236 2655 G   A "O2'"  
229 C  "C1'"  . G   A 9  ? 0.1239 0.1995 0.1055 -0.0338 -0.0009 -0.0031 2655 G   A "C1'"  
230 N  N9     . G   A 9  ? 0.1348 0.2109 0.1314 -0.0278 -0.0149 0.0192  2655 G   A N9     
231 C  C8     . G   A 9  ? 0.1670 0.2447 0.1585 -0.0148 -0.0382 0.0165  2655 G   A C8     
232 N  N7     . G   A 9  ? 0.1570 0.2515 0.1879 -0.0115 -0.0373 0.0212  2655 G   A N7     
233 C  C5     . G   A 9  ? 0.1300 0.2253 0.1912 -0.0123 -0.0209 0.0324  2655 G   A C5     
234 C  C6     . G   A 9  ? 0.1427 0.2196 0.2097 -0.0102 -0.0203 0.0253  2655 G   A C6     
235 O  O6     . G   A 9  ? 0.1783 0.2352 0.2218 -0.0058 -0.0419 0.0338  2655 G   A O6     
236 N  N1     . G   A 9  ? 0.1091 0.1616 0.2110 -0.0008 -0.0046 0.0320  2655 G   A N1     
237 C  C2     . G   A 9  ? 0.1042 0.1728 0.2214 -0.0123 -0.0002 0.0138  2655 G   A C2     
238 N  N2     . G   A 9  ? 0.1154 0.1771 0.2355 -0.0063 -0.0011 -0.0038 2655 G   A N2     
239 N  N3     . G   A 9  ? 0.1001 0.1777 0.1914 -0.0198 0.0039  0.0174  2655 G   A N3     
240 C  C4     . G   A 9  ? 0.1046 0.2109 0.1552 -0.0172 -0.0016 0.0300  2655 G   A C4     
241 P  P      . UMS A 10 ? 0.1372 0.1463 0.1123 -0.0379 0.0006  -0.0332 2656 UMS A P      
242 O  OP1    . UMS A 10 ? 0.1616 0.1784 0.1445 -0.0369 -0.0033 -0.0445 2656 UMS A OP1    
243 O  OP2    . UMS A 10 ? 0.1364 0.1569 0.1366 -0.0492 0.0062  -0.0095 2656 UMS A OP2    
244 O  "O5'"  . UMS A 10 ? 0.1271 0.1435 0.1242 -0.0450 0.0021  -0.0278 2656 UMS A "O5'"  
245 C  "C5'"  . UMS A 10 ? 0.1260 0.1198 0.1358 -0.0504 -0.0044 -0.0120 2656 UMS A "C5'"  
246 C  "C4'"  . UMS A 10 ? 0.0999 0.1437 0.1339 -0.0312 0.0044  -0.0173 2656 UMS A "C4'"  
247 O  "O4'"  . UMS A 10 ? 0.1031 0.1596 0.1284 -0.0409 0.0027  -0.0159 2656 UMS A "O4'"  
248 C  "C3'"  . UMS A 10 ? 0.1034 0.1412 0.1475 -0.0269 -0.0007 -0.0159 2656 UMS A "C3'"  
249 O  "O3'"  . UMS A 10 ? 0.1182 0.1336 0.1762 -0.0268 -0.0160 0.0010  2656 UMS A "O3'"  
250 C  "C2'"  . UMS A 10 ? 0.1291 0.1591 0.1388 -0.0374 -0.0074 -0.0055 2656 UMS A "C2'"  
251 SE "SE2'" . UMS A 10 ? 0.1825 0.2020 0.1553 -0.0724 -0.0122 0.0247  2656 UMS A "SE2'" 
252 C  "C1'"  . UMS A 10 ? 0.1064 0.1583 0.1252 -0.0339 -0.0041 -0.0267 2656 UMS A "C1'"  
254 N  N1     . UMS A 10 ? 0.0955 0.1764 0.1333 -0.0277 -0.0084 -0.0460 2656 UMS A N1     
255 C  C2     . UMS A 10 ? 0.0804 0.2023 0.1447 -0.0287 0.0133  -0.0594 2656 UMS A C2     
256 O  O2     . UMS A 10 ? 0.1168 0.2101 0.1369 -0.0352 0.0019  -0.0473 2656 UMS A O2     
257 N  N3     . UMS A 10 ? 0.0852 0.1839 0.1332 -0.0124 -0.0024 -0.0329 2656 UMS A N3     
258 C  C4     . UMS A 10 ? 0.0801 0.1982 0.1419 -0.0229 -0.0064 -0.0370 2656 UMS A C4     
259 O  O4     . UMS A 10 ? 0.1079 0.1883 0.1688 -0.0197 -0.0177 -0.0582 2656 UMS A O4     
260 C  C5     . UMS A 10 ? 0.0830 0.1834 0.1234 -0.0230 -0.0028 -0.0448 2656 UMS A C5     
261 C  C6     . UMS A 10 ? 0.0948 0.1831 0.1192 -0.0292 -0.0147 -0.0394 2656 UMS A C6     
262 P  P      . A   A 11 ? 0.1133 0.1341 0.1704 -0.0150 -0.0066 -0.0188 2657 A   A P      
263 O  OP1    . A   A 11 ? 0.1316 0.1428 0.2194 -0.0034 -0.0234 -0.0199 2657 A   A OP1    
264 O  OP2    . A   A 11 ? 0.0949 0.1611 0.1746 -0.0192 0.0051  -0.0396 2657 A   A OP2    
265 O  "O5'"  . A   A 11 ? 0.1140 0.1307 0.1426 -0.0232 -0.0056 -0.0057 2657 A   A "O5'"  
266 C  "C5'"  . A   A 11 ? 0.1184 0.1405 0.1377 -0.0127 -0.0150 0.0159  2657 A   A "C5'"  
267 C  "C4'"  . A   A 11 ? 0.1035 0.1314 0.1487 -0.0083 -0.0137 0.0240  2657 A   A "C4'"  
268 O  "O4'"  . A   A 11 ? 0.0992 0.1495 0.1392 -0.0100 -0.0037 0.0139  2657 A   A "O4'"  
269 C  "C3'"  . A   A 11 ? 0.0933 0.1365 0.1613 -0.0014 -0.0156 0.0198  2657 A   A "C3'"  
270 O  "O3'"  . A   A 11 ? 0.0900 0.1377 0.2023 -0.0037 -0.0199 0.0446  2657 A   A "O3'"  
271 C  "C2'"  . A   A 11 ? 0.1252 0.1489 0.1307 -0.0119 -0.0255 0.0160  2657 A   A "C2'"  
272 O  "O2'"  . A   A 11 ? 0.1670 0.2017 0.1220 -0.0006 -0.0559 0.0023  2657 A   A "O2'"  
273 C  "C1'"  . A   A 11 ? 0.1086 0.1410 0.1208 -0.0195 -0.0115 0.0182  2657 A   A "C1'"  
274 N  N9     . A   A 11 ? 0.0903 0.1305 0.1117 -0.0083 -0.0057 -0.0004 2657 A   A N9     
275 C  C8     . A   A 11 ? 0.0988 0.1255 0.1115 -0.0167 -0.0017 -0.0022 2657 A   A C8     
276 N  N7     . A   A 11 ? 0.0978 0.1181 0.1039 -0.0134 -0.0013 -0.0018 2657 A   A N7     
277 C  C5     . A   A 11 ? 0.0943 0.1353 0.1012 -0.0113 0.0017  -0.0143 2657 A   A C5     
278 C  C6     . A   A 11 ? 0.1073 0.1342 0.1164 -0.0075 -0.0065 -0.0129 2657 A   A C6     
279 N  N6     . A   A 11 ? 0.1234 0.1297 0.1108 0.0020  -0.0154 0.0067  2657 A   A N6     
280 N  N1     . A   A 11 ? 0.1082 0.1313 0.1233 -0.0059 -0.0149 -0.0120 2657 A   A N1     
281 C  C2     . A   A 11 ? 0.1023 0.1317 0.1259 -0.0069 -0.0154 -0.0054 2657 A   A C2     
282 N  N3     . A   A 11 ? 0.1021 0.1512 0.1093 -0.0099 -0.0118 -0.0193 2657 A   A N3     
283 C  C4     . A   A 11 ? 0.1000 0.1358 0.1006 -0.0101 -0.0056 -0.0112 2657 A   A C4     
284 P  P      . C   A 12 ? 0.0898 0.1527 0.2233 0.0051  -0.0030 0.0333  2658 C   A P      
285 O  OP1    . C   A 12 ? 0.0833 0.1741 0.2764 0.0060  -0.0157 0.0606  2658 C   A OP1    
286 O  OP2    . C   A 12 ? 0.1205 0.2003 0.2192 0.0218  -0.0004 -0.0046 2658 C   A OP2    
287 O  "O5'"  . C   A 12 ? 0.0918 0.1406 0.1513 0.0018  -0.0086 0.0288  2658 C   A "O5'"  
288 C  "C5'"  . C   A 12 ? 0.0882 0.1527 0.1331 -0.0110 -0.0212 0.0300  2658 C   A "C5'"  
289 C  "C4'"  . C   A 12 ? 0.0786 0.1545 0.1028 -0.0109 -0.0183 0.0224  2658 C   A "C4'"  
290 O  "O4'"  . C   A 12 ? 0.0742 0.1441 0.1083 -0.0108 -0.0280 0.0262  2658 C   A "O4'"  
291 C  "C3'"  . C   A 12 ? 0.0662 0.1646 0.0988 0.0029  -0.0221 0.0159  2658 C   A "C3'"  
292 O  "O3'"  . C   A 12 ? 0.0701 0.1777 0.0983 -0.0079 -0.0224 0.0224  2658 C   A "O3'"  
293 C  "C2'"  . C   A 12 ? 0.0743 0.1444 0.1166 -0.0164 -0.0301 0.0200  2658 C   A "C2'"  
294 O  "O2'"  . C   A 12 ? 0.0894 0.1479 0.1430 -0.0229 -0.0478 0.0222  2658 C   A "O2'"  
295 C  "C1'"  . C   A 12 ? 0.0755 0.1615 0.1030 -0.0121 -0.0342 0.0167  2658 C   A "C1'"  
296 N  N1     . C   A 12 ? 0.0644 0.1395 0.1075 -0.0119 -0.0240 0.0071  2658 C   A N1     
297 C  C2     . C   A 12 ? 0.0729 0.1446 0.1104 -0.0115 -0.0255 0.0019  2658 C   A C2     
298 O  O2     . C   A 12 ? 0.0889 0.1519 0.1109 -0.0024 -0.0402 0.0030  2658 C   A O2     
299 N  N3     . C   A 12 ? 0.0706 0.1527 0.1184 -0.0210 -0.0264 0.0150  2658 C   A N3     
300 C  C4     . C   A 12 ? 0.0711 0.1599 0.1147 -0.0304 -0.0128 0.0103  2658 C   A C4     
301 N  N4     . C   A 12 ? 0.0879 0.1726 0.1235 -0.0469 -0.0218 0.0047  2658 C   A N4     
302 C  C5     . C   A 12 ? 0.0790 0.1619 0.1057 -0.0182 -0.0097 0.0066  2658 C   A C5     
303 C  C6     . C   A 12 ? 0.0720 0.1483 0.1092 -0.0230 -0.0075 0.0141  2658 C   A C6     
304 P  P      . G   A 13 ? 0.0789 0.2088 0.1008 -0.0103 -0.0288 0.0267  2659 G   A P      
305 O  OP1    . G   A 13 ? 0.0717 0.2554 0.1095 -0.0037 -0.0263 0.0194  2659 G   A OP1    
306 O  OP2    . G   A 13 ? 0.0958 0.1792 0.1152 0.0017  -0.0196 0.0062  2659 G   A OP2    
307 O  "O5'"  . G   A 13 ? 0.1064 0.1957 0.0994 -0.0374 -0.0300 0.0232  2659 G   A "O5'"  
308 C  "C5'"  . G   A 13 ? 0.1164 0.1826 0.1093 -0.0582 -0.0404 0.0182  2659 G   A "C5'"  
309 C  "C4'"  . G   A 13 ? 0.0984 0.1734 0.0920 -0.0438 -0.0302 0.0153  2659 G   A "C4'"  
310 O  "O4'"  . G   A 13 ? 0.1062 0.1588 0.0828 -0.0310 -0.0283 0.0108  2659 G   A "O4'"  
311 C  "C3'"  . G   A 13 ? 0.0856 0.1840 0.1066 -0.0431 -0.0282 0.0217  2659 G   A "C3'"  
312 O  "O3'"  . G   A 13 ? 0.0896 0.2193 0.1089 -0.0394 -0.0202 0.0230  2659 G   A "O3'"  
313 C  "C2'"  . G   A 13 ? 0.0871 0.1602 0.1085 -0.0454 -0.0282 0.0235  2659 G   A "C2'"  
314 O  "O2'"  . G   A 13 ? 0.1042 0.1668 0.0963 -0.0456 -0.0337 0.0221  2659 G   A "O2'"  
315 C  "C1'"  . G   A 13 ? 0.0965 0.1611 0.0967 -0.0334 -0.0279 0.0087  2659 G   A "C1'"  
316 N  N9     . G   A 13 ? 0.0969 0.1586 0.1031 -0.0286 -0.0283 0.0025  2659 G   A N9     
317 C  C8     . G   A 13 ? 0.1072 0.1617 0.0973 -0.0314 -0.0192 0.0016  2659 G   A C8     
318 N  N7     . G   A 13 ? 0.1073 0.1616 0.1019 -0.0356 -0.0180 0.0116  2659 G   A N7     
319 C  C5     . G   A 13 ? 0.0967 0.1639 0.0982 -0.0325 -0.0154 0.0048  2659 G   A C5     
320 C  C6     . G   A 13 ? 0.0925 0.1606 0.0941 -0.0260 -0.0119 -0.0006 2659 G   A C6     
321 O  O6     . G   A 13 ? 0.1370 0.1414 0.1371 -0.0430 -0.0341 0.0002  2659 G   A O6     
322 N  N1     . G   A 13 ? 0.0914 0.1453 0.1022 -0.0287 -0.0177 -0.0081 2659 G   A N1     
323 C  C2     . G   A 13 ? 0.0772 0.1529 0.0819 -0.0335 -0.0100 -0.0030 2659 G   A C2     
324 N  N2     . G   A 13 ? 0.0918 0.1690 0.0871 -0.0322 -0.0201 -0.0117 2659 G   A N2     
325 N  N3     . G   A 13 ? 0.0904 0.1352 0.0886 -0.0382 -0.0213 0.0107  2659 G   A N3     
326 C  C4     . G   A 13 ? 0.0860 0.1446 0.0967 -0.0389 -0.0143 0.0002  2659 G   A C4     
327 P  P      . A   A 14 ? 0.0908 0.2466 0.1198 -0.0280 -0.0212 0.0307  2660 A   A P      
328 O  OP1    . A   A 14 ? 0.0973 0.2859 0.1441 -0.0427 -0.0132 0.0227  2660 A   A OP1    
329 O  OP2    . A   A 14 ? 0.0851 0.2685 0.1315 -0.0162 -0.0199 0.0291  2660 A   A OP2    
330 O  "O5'"  . A   A 14 ? 0.0978 0.2174 0.1242 -0.0087 -0.0229 0.0184  2660 A   A "O5'"  
331 C  "C5'"  . A   A 14 ? 0.1215 0.2207 0.1350 -0.0005 -0.0265 0.0097  2660 A   A "C5'"  
332 C  "C4'"  . A   A 14 ? 0.1170 0.2227 0.1319 0.0079  -0.0178 0.0148  2660 A   A "C4'"  
333 O  "O4'"  . A   A 14 ? 0.1032 0.2485 0.1407 0.0152  -0.0138 0.0199  2660 A   A "O4'"  
334 C  "C3'"  . A   A 14 ? 0.1149 0.2042 0.1220 0.0166  -0.0095 0.0075  2660 A   A "C3'"  
335 O  "O3'"  . A   A 14 ? 0.1127 0.1789 0.1330 0.0062  -0.0048 -0.0071 2660 A   A "O3'"  
336 C  "C2'"  . A   A 14 ? 0.0993 0.2489 0.1275 0.0243  -0.0012 0.0039  2660 A   A "C2'"  
337 O  "O2'"  . A   A 14 ? 0.1192 0.2798 0.1344 0.0154  -0.0063 0.0061  2660 A   A "O2'"  
338 C  "C1'"  . A   A 14 ? 0.0965 0.2568 0.1412 0.0227  -0.0084 0.0223  2660 A   A "C1'"  
339 N  N9     . A   A 14 ? 0.0951 0.2785 0.1393 0.0032  0.0092  0.0452  2660 A   A N9     
340 C  C8     . A   A 14 ? 0.0964 0.2724 0.1674 -0.0060 0.0110  0.0420  2660 A   A C8     
341 N  N7     . A   A 14 ? 0.1010 0.2804 0.1907 -0.0075 0.0097  0.0439  2660 A   A N7     
342 C  C5     . A   A 14 ? 0.0905 0.2939 0.1864 0.0089  0.0124  0.0648  2660 A   A C5     
343 C  C6     . A   A 14 ? 0.0951 0.3200 0.2056 0.0117  0.0208  0.0636  2660 A   A C6     
344 N  N6     . A   A 14 ? 0.1218 0.3047 0.2269 -0.0102 0.0184  0.0606  2660 A   A N6     
345 N  N1     . A   A 14 ? 0.1072 0.3225 0.2159 0.0157  0.0056  0.0824  2660 A   A N1     
346 C  C2     . A   A 14 ? 0.1286 0.3344 0.2108 0.0114  -0.0082 0.0787  2660 A   A C2     
347 N  N3     . A   A 14 ? 0.1271 0.3191 0.1772 0.0150  -0.0107 0.0829  2660 A   A N3     
348 C  C4     . A   A 14 ? 0.0980 0.2996 0.1633 0.0040  0.0138  0.0657  2660 A   A C4     
349 P  P      . G   A 15 ? 0.1261 0.1529 0.1269 -0.0008 -0.0085 0.0088  2661 G   A P      
350 O  OP1    . G   A 15 ? 0.1577 0.1600 0.1719 -0.0010 -0.0239 0.0025  2661 G   A OP1    
351 O  OP2    . G   A 15 ? 0.1273 0.1790 0.1196 -0.0077 -0.0067 0.0099  2661 G   A OP2    
352 O  "O5'"  . G   A 15 ? 0.1215 0.1352 0.1155 -0.0104 -0.0016 -0.0026 2661 G   A "O5'"  
353 C  "C5'"  . G   A 15 ? 0.1180 0.1333 0.1203 -0.0112 -0.0159 -0.0014 2661 G   A "C5'"  
354 C  "C4'"  . G   A 15 ? 0.1035 0.1296 0.1190 -0.0090 -0.0130 -0.0128 2661 G   A "C4'"  
355 O  "O4'"  . G   A 15 ? 0.0987 0.1409 0.1080 -0.0010 -0.0088 -0.0135 2661 G   A "O4'"  
356 C  "C3'"  . G   A 15 ? 0.0876 0.1336 0.1009 -0.0119 -0.0123 -0.0171 2661 G   A "C3'"  
357 O  "O3'"  . G   A 15 ? 0.1084 0.1360 0.0944 -0.0160 -0.0264 -0.0184 2661 G   A "O3'"  
358 C  "C2'"  . G   A 15 ? 0.1134 0.1374 0.0855 -0.0056 -0.0175 -0.0139 2661 G   A "C2'"  
359 O  "O2'"  . G   A 15 ? 0.1234 0.1434 0.0831 -0.0090 -0.0205 -0.0245 2661 G   A "O2'"  
360 C  "C1'"  . G   A 15 ? 0.1066 0.1352 0.0971 -0.0016 -0.0196 -0.0185 2661 G   A "C1'"  
361 N  N9     . G   A 15 ? 0.0861 0.1325 0.0874 -0.0074 -0.0116 -0.0161 2661 G   A N9     
362 C  C8     . G   A 15 ? 0.0916 0.1536 0.0849 -0.0102 -0.0084 -0.0094 2661 G   A C8     
363 N  N7     . G   A 15 ? 0.0871 0.1453 0.0868 -0.0054 -0.0192 0.0049  2661 G   A N7     
364 C  C5     . G   A 15 ? 0.0692 0.1396 0.0956 -0.0021 -0.0150 -0.0108 2661 G   A C5     
365 C  C6     . G   A 15 ? 0.0863 0.1514 0.0934 -0.0045 -0.0270 -0.0141 2661 G   A C6     
366 O  O6     . G   A 15 ? 0.1237 0.1755 0.0941 -0.0093 -0.0332 -0.0265 2661 G   A O6     
367 N  N1     . G   A 15 ? 0.0870 0.1354 0.0902 0.0025  -0.0251 -0.0178 2661 G   A N1     
368 C  C2     . G   A 15 ? 0.0824 0.1313 0.0933 -0.0048 -0.0204 -0.0145 2661 G   A C2     
369 N  N2     . G   A 15 ? 0.1016 0.1419 0.1048 -0.0158 -0.0204 -0.0026 2661 G   A N2     
370 N  N3     . G   A 15 ? 0.0782 0.1281 0.0810 -0.0091 -0.0151 -0.0118 2661 G   A N3     
371 C  C4     . G   A 15 ? 0.0736 0.1314 0.0740 -0.0051 -0.0138 -0.0110 2661 G   A C4     
372 P  P      . A   A 16 ? 0.1071 0.1378 0.1004 -0.0308 -0.0324 -0.0095 2662 A   A P      
373 O  OP1    . A   A 16 ? 0.1410 0.1599 0.1224 -0.0360 -0.0564 -0.0133 2662 A   A OP1    
374 O  OP2    . A   A 16 ? 0.1048 0.1431 0.0993 -0.0340 -0.0220 -0.0103 2662 A   A OP2    
375 O  "O5'"  . A   A 16 ? 0.1055 0.1334 0.0943 -0.0163 -0.0347 -0.0125 2662 A   A "O5'"  
376 C  "C5'"  . A   A 16 ? 0.1124 0.1342 0.1044 -0.0130 -0.0349 -0.0155 2662 A   A "C5'"  
377 C  "C4'"  . A   A 16 ? 0.1042 0.1375 0.0993 -0.0164 -0.0276 -0.0113 2662 A   A "C4'"  
378 O  "O4'"  . A   A 16 ? 0.0962 0.1339 0.0858 -0.0100 -0.0178 -0.0160 2662 A   A "O4'"  
379 C  "C3'"  . A   A 16 ? 0.0961 0.1423 0.1097 -0.0114 -0.0375 0.0110  2662 A   A "C3'"  
380 O  "O3'"  . A   A 16 ? 0.0948 0.1684 0.1212 -0.0185 -0.0437 0.0179  2662 A   A "O3'"  
381 C  "C2'"  . A   A 16 ? 0.1005 0.1443 0.0867 -0.0054 -0.0272 0.0020  2662 A   A "C2'"  
382 O  "O2'"  . A   A 16 ? 0.1235 0.1348 0.0939 -0.0088 -0.0395 0.0068  2662 A   A "O2'"  
383 C  "C1'"  . A   A 16 ? 0.0907 0.1411 0.0817 0.0024  -0.0231 -0.0016 2662 A   A "C1'"  
384 N  N9     . A   A 16 ? 0.0810 0.1388 0.0878 -0.0058 -0.0223 -0.0172 2662 A   A N9     
385 C  C8     . A   A 16 ? 0.0727 0.1491 0.0995 -0.0025 -0.0237 -0.0149 2662 A   A C8     
386 N  N7     . A   A 16 ? 0.0677 0.1570 0.1026 -0.0075 -0.0285 -0.0020 2662 A   A N7     
387 C  C5     . A   A 16 ? 0.0669 0.1636 0.0826 -0.0093 -0.0137 -0.0034 2662 A   A C5     
388 C  C6     . A   A 16 ? 0.0875 0.1771 0.0880 -0.0249 -0.0161 0.0006  2662 A   A C6     
389 N  N6     . A   A 16 ? 0.1173 0.1875 0.1040 -0.0306 -0.0276 0.0008  2662 A   A N6     
390 N  N1     . A   A 16 ? 0.1005 0.1593 0.1006 -0.0257 -0.0302 -0.0137 2662 A   A N1     
391 C  C2     . A   A 16 ? 0.0891 0.1612 0.0978 -0.0139 -0.0242 -0.0217 2662 A   A C2     
392 N  N3     . A   A 16 ? 0.0850 0.1530 0.0975 -0.0244 -0.0272 -0.0125 2662 A   A N3     
393 C  C4     . A   A 16 ? 0.0633 0.1489 0.0872 -0.0093 -0.0106 -0.0171 2662 A   A C4     
394 P  P      . G   A 17 ? 0.0893 0.1964 0.1436 -0.0188 -0.0445 0.0302  2663 G   A P      
395 O  OP1    . G   A 17 ? 0.1189 0.2334 0.1763 -0.0322 -0.0627 0.0251  2663 G   A OP1    
396 O  OP2    . G   A 17 ? 0.0987 0.2069 0.1565 -0.0335 -0.0264 0.0314  2663 G   A OP2    
397 O  "O5'"  . G   A 17 ? 0.0947 0.2171 0.1226 -0.0062 -0.0266 0.0453  2663 G   A "O5'"  
398 C  "C5'"  . G   A 17 ? 0.1142 0.2325 0.1097 -0.0061 -0.0328 0.0546  2663 G   A "C5'"  
399 C  "C4'"  . G   A 17 ? 0.0835 0.2523 0.1100 0.0066  -0.0155 0.0511  2663 G   A "C4'"  
400 O  "O4'"  . G   A 17 ? 0.0797 0.2658 0.0975 0.0132  -0.0168 0.0519  2663 G   A "O4'"  
401 C  "C3'"  . G   A 17 ? 0.0816 0.2430 0.1184 0.0115  -0.0075 0.0574  2663 G   A "C3'"  
402 O  "O3'"  . G   A 17 ? 0.0819 0.2511 0.1197 0.0178  0.0030  0.0612  2663 G   A "O3'"  
403 C  "C2'"  . G   A 17 ? 0.0902 0.2424 0.1028 -0.0074 -0.0054 0.0550  2663 G   A "C2'"  
404 O  "O2'"  . G   A 17 ? 0.1103 0.2230 0.1076 -0.0095 -0.0167 0.0487  2663 G   A "O2'"  
405 C  "C1'"  . G   A 17 ? 0.0807 0.2506 0.1034 -0.0102 -0.0099 0.0491  2663 G   A "C1'"  
406 N  N9     . G   A 17 ? 0.0742 0.2291 0.1040 -0.0140 -0.0162 0.0429  2663 G   A N9     
407 C  C8     . G   A 17 ? 0.0785 0.2255 0.1178 -0.0153 -0.0241 0.0258  2663 G   A C8     
408 N  N7     . G   A 17 ? 0.0839 0.2304 0.1074 -0.0063 -0.0317 0.0201  2663 G   A N7     
409 C  C5     . G   A 17 ? 0.0643 0.2134 0.1023 -0.0105 -0.0194 0.0176  2663 G   A C5     
410 C  C6     . G   A 17 ? 0.0654 0.1745 0.1028 -0.0106 -0.0205 0.0080  2663 G   A C6     
411 O  O6     . G   A 17 ? 0.0862 0.1879 0.1081 -0.0136 -0.0316 0.0023  2663 G   A O6     
412 N  N1     . G   A 17 ? 0.0704 0.1618 0.1105 -0.0134 -0.0251 0.0043  2663 G   A N1     
413 C  C2     . G   A 17 ? 0.0780 0.1643 0.1087 -0.0149 -0.0276 0.0148  2663 G   A C2     
414 N  N2     . G   A 17 ? 0.1035 0.1744 0.1093 -0.0177 -0.0338 0.0074  2663 G   A N2     
415 N  N3     . G   A 17 ? 0.0732 0.1813 0.1171 -0.0115 -0.0259 0.0240  2663 G   A N3     
416 C  C4     . G   A 17 ? 0.0659 0.2138 0.1000 -0.0089 -0.0215 0.0382  2663 G   A C4     
417 P  P      . G   A 18 ? 0.0858 0.2369 0.1583 0.0164  0.0049  0.0660  2664 G   A P      
418 O  OP1    . G   A 18 ? 0.0979 0.2526 0.1783 0.0182  0.0124  0.0608  2664 G   A OP1    
419 O  OP2    . G   A 18 ? 0.0837 0.2685 0.1862 0.0107  -0.0106 0.0636  2664 G   A OP2    
420 O  "O5'"  . G   A 18 ? 0.1126 0.2057 0.1298 0.0063  0.0086  0.0433  2664 G   A "O5'"  
421 C  "C5'"  . G   A 18 ? 0.1198 0.1717 0.1336 0.0076  -0.0009 0.0347  2664 G   A "C5'"  
422 C  "C4'"  . G   A 18 ? 0.1089 0.1520 0.1239 -0.0134 0.0123  0.0136  2664 G   A "C4'"  
423 O  "O4'"  . G   A 18 ? 0.1106 0.1529 0.1092 -0.0193 0.0123  0.0100  2664 G   A "O4'"  
424 C  "C3'"  . G   A 18 ? 0.1153 0.1359 0.1008 -0.0056 0.0063  0.0038  2664 G   A "C3'"  
425 O  "O3'"  . G   A 18 ? 0.1148 0.1374 0.1127 -0.0065 0.0003  0.0011  2664 G   A "O3'"  
426 C  "C2'"  . G   A 18 ? 0.1118 0.1451 0.1102 -0.0111 0.0029  -0.0101 2664 G   A "C2'"  
427 O  "O2'"  . G   A 18 ? 0.1187 0.1313 0.0989 -0.0081 -0.0056 -0.0037 2664 G   A "O2'"  
428 C  "C1'"  . G   A 18 ? 0.1186 0.1412 0.0928 -0.0169 0.0091  -0.0042 2664 G   A "C1'"  
429 N  N9     . G   A 18 ? 0.1032 0.1469 0.0983 -0.0187 0.0079  -0.0088 2664 G   A N9     
430 C  C8     . G   A 18 ? 0.1051 0.1717 0.1050 -0.0134 -0.0040 0.0012  2664 G   A C8     
431 N  N7     . G   A 18 ? 0.1064 0.1921 0.1065 -0.0284 -0.0043 -0.0063 2664 G   A N7     
432 C  C5     . G   A 18 ? 0.1148 0.1847 0.1058 -0.0500 -0.0009 -0.0233 2664 G   A C5     
433 C  C6     . G   A 18 ? 0.1083 0.2015 0.1107 -0.0511 0.0040  -0.0327 2664 G   A C6     
434 O  O6     . G   A 18 ? 0.1350 0.2187 0.1191 -0.0529 -0.0151 -0.0367 2664 G   A O6     
435 N  N1     . G   A 18 ? 0.1107 0.1750 0.1076 -0.0528 0.0046  -0.0229 2664 G   A N1     
436 C  C2     . G   A 18 ? 0.1013 0.1616 0.0935 -0.0368 0.0072  -0.0146 2664 G   A C2     
437 N  N2     . G   A 18 ? 0.1033 0.1484 0.1057 -0.0368 0.0003  -0.0014 2664 G   A N2     
438 N  N3     . G   A 18 ? 0.1111 0.1598 0.0885 -0.0361 0.0018  -0.0144 2664 G   A N3     
439 C  C4     . G   A 18 ? 0.1044 0.1597 0.0928 -0.0415 0.0075  -0.0148 2664 G   A C4     
440 P  P      . A   A 19 ? 0.1039 0.1311 0.1012 0.0071  -0.0069 0.0037  2665 A   A P      
441 O  OP1    . A   A 19 ? 0.1287 0.1461 0.1163 0.0151  -0.0134 -0.0019 2665 A   A OP1    
442 O  OP2    . A   A 19 ? 0.1131 0.1686 0.0994 0.0039  -0.0200 -0.0032 2665 A   A OP2    
443 O  "O5'"  . A   A 19 ? 0.1169 0.1231 0.0781 -0.0050 -0.0168 0.0056  2665 A   A "O5'"  
444 C  "C5'"  . A   A 19 ? 0.1261 0.1274 0.0804 -0.0055 -0.0172 -0.0073 2665 A   A "C5'"  
445 C  "C4'"  . A   A 19 ? 0.1084 0.1401 0.0959 -0.0081 -0.0115 -0.0110 2665 A   A "C4'"  
446 O  "O4'"  . A   A 19 ? 0.1106 0.1561 0.0985 -0.0176 -0.0162 -0.0078 2665 A   A "O4'"  
447 C  "C3'"  . A   A 19 ? 0.1112 0.1355 0.0983 0.0012  -0.0157 -0.0151 2665 A   A "C3'"  
448 O  "O3'"  . A   A 19 ? 0.1306 0.1275 0.0959 -0.0153 -0.0184 -0.0081 2665 A   A "O3'"  
449 C  "C2'"  . A   A 19 ? 0.1255 0.1332 0.1091 -0.0080 -0.0235 -0.0166 2665 A   A "C2'"  
450 O  "O2'"  . A   A 19 ? 0.1379 0.1479 0.1270 -0.0188 -0.0232 -0.0237 2665 A   A "O2'"  
451 C  "C1'"  . A   A 19 ? 0.1047 0.1562 0.1045 -0.0108 -0.0189 -0.0217 2665 A   A "C1'"  
452 N  N9     . A   A 19 ? 0.1026 0.1574 0.0895 -0.0037 -0.0218 -0.0246 2665 A   A N9     
453 C  C8     . A   A 19 ? 0.1019 0.1641 0.0986 -0.0068 -0.0209 -0.0207 2665 A   A C8     
454 N  N7     . A   A 19 ? 0.1016 0.1632 0.0992 -0.0070 -0.0165 -0.0364 2665 A   A N7     
455 C  C5     . A   A 19 ? 0.0954 0.1596 0.0924 -0.0103 -0.0097 -0.0281 2665 A   A C5     
456 C  C6     . A   A 19 ? 0.1016 0.1624 0.0928 -0.0059 -0.0143 -0.0202 2665 A   A C6     
457 N  N6     . A   A 19 ? 0.1087 0.1664 0.0976 -0.0042 -0.0167 -0.0085 2665 A   A N6     
458 N  N1     . A   A 19 ? 0.1035 0.1739 0.0964 -0.0180 -0.0137 -0.0220 2665 A   A N1     
459 C  C2     . A   A 19 ? 0.1052 0.1586 0.1062 -0.0318 -0.0190 -0.0190 2665 A   A C2     
460 N  N3     . A   A 19 ? 0.0987 0.1588 0.1000 -0.0254 -0.0198 -0.0248 2665 A   A N3     
461 C  C4     . A   A 19 ? 0.0982 0.1608 0.0929 -0.0144 -0.0148 -0.0254 2665 A   A C4     
462 P  P      . C   A 20 ? 0.1183 0.1227 0.0961 -0.0125 -0.0089 -0.0227 2666 C   A P      
463 O  OP1    . C   A 20 ? 0.1329 0.1450 0.1171 -0.0018 -0.0130 -0.0353 2666 C   A OP1    
464 O  OP2    . C   A 20 ? 0.1185 0.1295 0.1067 -0.0171 -0.0091 -0.0236 2666 C   A OP2    
465 O  "O5'"  . C   A 20 ? 0.1348 0.1311 0.1008 -0.0262 -0.0116 -0.0167 2666 C   A "O5'"  
466 C  "C5'"  . C   A 20 ? 0.1470 0.1399 0.1054 -0.0352 -0.0216 -0.0121 2666 C   A "C5'"  
467 C  "C4'"  . C   A 20 ? 0.1629 0.1520 0.1034 -0.0511 -0.0242 -0.0113 2666 C   A "C4'"  
468 O  "O4'"  . C   A 20 ? 0.1399 0.1606 0.1020 -0.0461 -0.0259 0.0005  2666 C   A "O4'"  
469 C  "C3'"  . C   A 20 ? 0.1865 0.1458 0.0945 -0.0492 -0.0232 -0.0265 2666 C   A "C3'"  
470 O  "O3'"  . C   A 20 ? 0.2185 0.1311 0.1069 -0.0461 -0.0215 -0.0199 2666 C   A "O3'"  
471 C  "C2'"  . C   A 20 ? 0.1819 0.1457 0.1053 -0.0712 -0.0371 -0.0072 2666 C   A "C2'"  
472 O  "O2'"  . C   A 20 ? 0.2132 0.1704 0.1396 -0.0717 -0.0774 0.0033  2666 C   A "O2'"  
473 C  "C1'"  . C   A 20 ? 0.1411 0.1573 0.0995 -0.0599 -0.0248 0.0041  2666 C   A "C1'"  
474 N  N1     . C   A 20 ? 0.1310 0.1514 0.0787 -0.0478 -0.0209 -0.0087 2666 C   A N1     
475 C  C2     . C   A 20 ? 0.1382 0.1665 0.0851 -0.0477 -0.0223 -0.0105 2666 C   A C2     
476 O  O2     . C   A 20 ? 0.1493 0.1740 0.1064 -0.0564 -0.0407 0.0016  2666 C   A O2     
477 N  N3     . C   A 20 ? 0.1404 0.1650 0.0889 -0.0447 -0.0189 -0.0068 2666 C   A N3     
478 C  C4     . C   A 20 ? 0.1451 0.1583 0.0854 -0.0412 -0.0140 -0.0180 2666 C   A C4     
479 N  N4     . C   A 20 ? 0.1611 0.1474 0.0935 -0.0424 -0.0172 -0.0071 2666 C   A N4     
480 C  C5     . C   A 20 ? 0.1345 0.1579 0.0979 -0.0416 -0.0145 -0.0233 2666 C   A C5     
481 C  C6     . C   A 20 ? 0.1160 0.1613 0.0974 -0.0395 -0.0134 -0.0230 2666 C   A C6     
482 P  P      . C   A 21 ? 0.2341 0.1475 0.1114 -0.0442 -0.0103 -0.0343 2667 C   A P      
483 O  OP1    . C   A 21 ? 0.2504 0.1644 0.1533 -0.0297 -0.0193 -0.0576 2667 C   A OP1    
484 O  OP2    . C   A 21 ? 0.2111 0.1558 0.1361 -0.0240 -0.0027 -0.0258 2667 C   A OP2    
485 O  "O5'"  . C   A 21 ? 0.2411 0.1555 0.0940 -0.0608 -0.0211 -0.0189 2667 C   A "O5'"  
486 C  "C5'"  . C   A 21 ? 0.2400 0.1856 0.0935 -0.0706 -0.0326 -0.0205 2667 C   A "C5'"  
487 C  "C4'"  . C   A 21 ? 0.2282 0.1985 0.1065 -0.0785 -0.0380 -0.0019 2667 C   A "C4'"  
488 O  "O4'"  . C   A 21 ? 0.2191 0.1894 0.1083 -0.0816 -0.0389 0.0108  2667 C   A "O4'"  
489 C  "C3'"  . C   A 21 ? 0.2203 0.2003 0.0854 -0.0728 -0.0284 0.0034  2667 C   A "C3'"  
490 O  "O3'"  . C   A 21 ? 0.2224 0.2054 0.0914 -0.0750 -0.0325 -0.0109 2667 C   A "O3'"  
491 C  "C2'"  . C   A 21 ? 0.2122 0.2116 0.1022 -0.0726 -0.0281 0.0038  2667 C   A "C2'"  
492 O  "O2'"  . C   A 21 ? 0.2122 0.2271 0.1152 -0.0774 -0.0308 0.0066  2667 C   A "O2'"  
493 C  "C1'"  . C   A 21 ? 0.2129 0.1983 0.1080 -0.0731 -0.0358 0.0195  2667 C   A "C1'"  
494 N  N1     . C   A 21 ? 0.1987 0.1873 0.0985 -0.0584 -0.0198 0.0054  2667 C   A N1     
495 C  C2     . C   A 21 ? 0.1928 0.2051 0.1213 -0.0562 -0.0119 0.0146  2667 C   A C2     
496 O  O2     . C   A 21 ? 0.2038 0.2271 0.1585 -0.0511 -0.0237 0.0294  2667 C   A O2     
497 N  N3     . C   A 21 ? 0.1809 0.1987 0.1230 -0.0526 -0.0006 -0.0168 2667 C   A N3     
498 C  C4     . C   A 21 ? 0.1650 0.1857 0.1013 -0.0458 0.0084  -0.0404 2667 C   A C4     
499 N  N4     . C   A 21 ? 0.1624 0.2034 0.1107 -0.0396 0.0031  -0.0476 2667 C   A N4     
500 C  C5     . C   A 21 ? 0.1699 0.1636 0.0974 -0.0543 0.0041  -0.0301 2667 C   A C5     
501 C  C6     . C   A 21 ? 0.1820 0.1544 0.0830 -0.0557 -0.0065 -0.0135 2667 C   A C6     
502 P  P      A G   A 22 ? 0.2240 0.2110 0.0979 -0.0588 -0.0458 -0.0281 2668 G   A P      
503 P  P      B G   A 22 ? 0.2228 0.1854 0.1116 -0.0633 -0.0420 -0.0274 2668 G   A P      
504 O  OP1    A G   A 22 ? 0.2302 0.2172 0.1000 -0.0593 -0.0463 -0.0309 2668 G   A OP1    
505 O  OP1    B G   A 22 ? 0.2282 0.1989 0.1086 -0.0610 -0.0417 -0.0338 2668 G   A OP1    
506 O  OP2    A G   A 22 ? 0.2282 0.2383 0.1269 -0.0457 -0.0540 -0.0318 2668 G   A OP2    
507 O  OP2    B G   A 22 ? 0.2271 0.1870 0.1394 -0.0490 -0.0514 -0.0323 2668 G   A OP2    
508 O  "O5'"  A G   A 22 ? 0.2008 0.1965 0.0739 -0.0577 -0.0442 -0.0314 2668 G   A "O5'"  
509 O  "O5'"  B G   A 22 ? 0.2045 0.1796 0.1227 -0.0696 -0.0454 -0.0271 2668 G   A "O5'"  
510 C  "C5'"  A G   A 22 ? 0.1768 0.1864 0.0662 -0.0643 -0.0440 -0.0163 2668 G   A "C5'"  
511 C  "C5'"  B G   A 22 ? 0.1851 0.1956 0.1133 -0.0703 -0.0454 -0.0082 2668 G   A "C5'"  
512 C  "C4'"  A G   A 22 ? 0.1426 0.1755 0.0651 -0.0585 -0.0410 -0.0106 2668 G   A "C4'"  
513 C  "C4'"  B G   A 22 ? 0.1558 0.2026 0.1102 -0.0688 -0.0396 -0.0029 2668 G   A "C4'"  
514 O  "O4'"  A G   A 22 ? 0.1320 0.1618 0.0776 -0.0510 -0.0496 -0.0039 2668 G   A "O4'"  
515 O  "O4'"  B G   A 22 ? 0.1355 0.1627 0.1061 -0.0727 -0.0410 0.0167  2668 G   A "O4'"  
516 C  "C3'"  A G   A 22 ? 0.1393 0.1942 0.0536 -0.0570 -0.0358 -0.0064 2668 G   A "C3'"  
517 C  "C3'"  B G   A 22 ? 0.1493 0.2309 0.1044 -0.0583 -0.0323 -0.0038 2668 G   A "C3'"  
518 O  "O3'"  A G   A 22 ? 0.1360 0.2199 0.0794 -0.0549 -0.0326 -0.0045 2668 G   A "O3'"  
519 O  "O3'"  B G   A 22 ? 0.1459 0.2934 0.1078 -0.0385 -0.0312 -0.0142 2668 G   A "O3'"  
520 C  "C2'"  A G   A 22 ? 0.1546 0.1795 0.0770 -0.0609 -0.0547 -0.0001 2668 G   A "C2'"  
521 C  "C2'"  B G   A 22 ? 0.1492 0.1994 0.1077 -0.0614 -0.0407 0.0093  2668 G   A "C2'"  
522 O  "O2'"  A G   A 22 ? 0.1878 0.1960 0.0827 -0.0633 -0.0700 0.0105  2668 G   A "O2'"  
523 O  "O2'"  B G   A 22 ? 0.1797 0.1997 0.1067 -0.0667 -0.0571 0.0360  2668 G   A "O2'"  
524 C  "C1'"  A G   A 22 ? 0.1415 0.1534 0.0828 -0.0466 -0.0587 0.0002  2668 G   A "C1'"  
525 C  "C1'"  B G   A 22 ? 0.1257 0.1677 0.1012 -0.0520 -0.0373 0.0049  2668 G   A "C1'"  
526 N  N9     A G   A 22 ? 0.1229 0.1370 0.0764 -0.0242 -0.0475 -0.0221 2668 G   A N9     
527 N  N9     B G   A 22 ? 0.0999 0.1449 0.0956 -0.0203 -0.0317 -0.0186 2668 G   A N9     
528 C  C8     A G   A 22 ? 0.1255 0.1409 0.0873 -0.0191 -0.0507 -0.0177 2668 G   A C8     
529 C  C8     B G   A 22 ? 0.0865 0.1429 0.1056 -0.0079 -0.0306 -0.0208 2668 G   A C8     
530 N  N7     A G   A 22 ? 0.1280 0.1321 0.0940 -0.0205 -0.0486 -0.0179 2668 G   A N7     
531 N  N7     B G   A 22 ? 0.0853 0.1359 0.1044 -0.0029 -0.0251 -0.0283 2668 G   A N7     
532 C  C5     A G   A 22 ? 0.0987 0.1344 0.0770 -0.0111 -0.0274 -0.0292 2668 G   A C5     
533 C  C5     B G   A 22 ? 0.0746 0.1350 0.0973 0.0060  -0.0187 -0.0302 2668 G   A C5     
534 C  C6     A G   A 22 ? 0.0750 0.1212 0.0762 -0.0118 -0.0102 -0.0209 2668 G   A C6     
535 C  C6     B G   A 22 ? 0.0803 0.1314 0.0971 0.0111  -0.0195 -0.0234 2668 G   A C6     
536 O  O6     A G   A 22 ? 0.0753 0.1092 0.0702 -0.0044 -0.0189 -0.0106 2668 G   A O6     
537 O  O6     B G   A 22 ? 0.0890 0.1385 0.1125 0.0068  -0.0279 -0.0130 2668 G   A O6     
538 N  N1     A G   A 22 ? 0.0776 0.1136 0.0831 -0.0156 -0.0134 -0.0170 2668 G   A N1     
539 N  N1     B G   A 22 ? 0.0844 0.1229 0.0954 0.0000  -0.0203 -0.0148 2668 G   A N1     
540 C  C2     A G   A 22 ? 0.0685 0.1277 0.0758 -0.0034 -0.0167 -0.0139 2668 G   A C2     
541 C  C2     B G   A 22 ? 0.0816 0.1288 0.0782 0.0008  -0.0197 -0.0096 2668 G   A C2     
542 N  N2     A G   A 22 ? 0.0651 0.1366 0.0838 0.0022  -0.0162 -0.0243 2668 G   A N2     
543 N  N2     B G   A 22 ? 0.0947 0.1380 0.0864 -0.0052 -0.0243 -0.0169 2668 G   A N2     
544 N  N3     A G   A 22 ? 0.0762 0.1251 0.0835 -0.0051 -0.0303 -0.0132 2668 G   A N3     
545 N  N3     B G   A 22 ? 0.0796 0.1267 0.0744 -0.0009 -0.0228 -0.0123 2668 G   A N3     
546 C  C4     A G   A 22 ? 0.0983 0.1397 0.0756 -0.0119 -0.0348 -0.0244 2668 G   A C4     
547 C  C4     B G   A 22 ? 0.0832 0.1406 0.0876 -0.0042 -0.0247 -0.0211 2668 G   A C4     
548 P  P      A G   A 23 ? 0.1446 0.2594 0.0826 -0.0553 -0.0198 -0.0339 2669 G   A P      
549 P  P      B G   A 23 ? 0.1551 0.3363 0.1322 -0.0233 -0.0415 -0.0228 2669 G   A P      
550 O  OP1    A G   A 23 ? 0.1571 0.2998 0.0656 -0.0504 -0.0128 -0.0427 2669 G   A OP1    
551 O  OP1    B G   A 23 ? 0.1658 0.3444 0.1413 -0.0388 -0.0438 -0.0209 2669 G   A OP1    
552 O  OP2    A G   A 23 ? 0.1530 0.2708 0.1088 -0.0564 -0.0129 -0.0366 2669 G   A OP2    
553 O  OP2    B G   A 23 ? 0.1633 0.3416 0.1325 -0.0208 -0.0414 -0.0155 2669 G   A OP2    
554 O  "O5'"  A G   A 23 ? 0.1295 0.2576 0.0679 -0.0478 -0.0192 -0.0210 2669 G   A "O5'"  
555 O  "O5'"  B G   A 23 ? 0.1498 0.3207 0.1175 -0.0168 -0.0417 -0.0059 2669 G   A "O5'"  
556 C  "C5'"  A G   A 23 ? 0.1239 0.2808 0.0799 -0.0315 -0.0258 -0.0101 2669 G   A "C5'"  
557 C  "C5'"  B G   A 23 ? 0.1343 0.3066 0.1083 -0.0149 -0.0385 -0.0035 2669 G   A "C5'"  
558 C  "C4'"  . G   A 23 ? 0.1031 0.2693 0.0860 -0.0131 -0.0235 0.0014  2669 G   A "C4'"  
559 O  "O4'"  . G   A 23 ? 0.0911 0.2184 0.1010 -0.0078 -0.0324 0.0121  2669 G   A "O4'"  
560 C  "C3'"  . G   A 23 ? 0.1000 0.2821 0.0888 -0.0237 -0.0055 -0.0202 2669 G   A "C3'"  
561 O  "O3'"  . G   A 23 ? 0.1178 0.3593 0.1012 -0.0406 0.0028  -0.0375 2669 G   A "O3'"  
562 C  "C2'"  . G   A 23 ? 0.1038 0.2184 0.0898 -0.0143 -0.0121 -0.0196 2669 G   A "C2'"  
563 O  "O2'"  . G   A 23 ? 0.1136 0.2049 0.0958 -0.0203 -0.0089 -0.0051 2669 G   A "O2'"  
564 C  "C1'"  . G   A 23 ? 0.0862 0.1948 0.0930 -0.0013 -0.0240 -0.0021 2669 G   A "C1'"  
565 N  N9     . G   A 23 ? 0.0974 0.1647 0.1009 0.0123  -0.0335 -0.0185 2669 G   A N9     
566 C  C8     . G   A 23 ? 0.1185 0.1733 0.1036 0.0107  -0.0378 -0.0200 2669 G   A C8     
567 N  N7     . G   A 23 ? 0.1161 0.1646 0.1095 0.0149  -0.0418 -0.0284 2669 G   A N7     
568 C  C5     . G   A 23 ? 0.1110 0.1502 0.0852 0.0221  -0.0333 -0.0293 2669 G   A C5     
569 C  C6     . G   A 23 ? 0.1075 0.1513 0.1042 0.0278  -0.0335 -0.0459 2669 G   A C6     
570 O  O6     . G   A 23 ? 0.1105 0.1496 0.1248 0.0202  -0.0445 -0.0330 2669 G   A O6     
571 N  N1     . G   A 23 ? 0.0877 0.1507 0.1076 0.0200  -0.0229 -0.0417 2669 G   A N1     
572 C  C2     . G   A 23 ? 0.0980 0.1446 0.0923 0.0234  -0.0235 -0.0404 2669 G   A C2     
573 N  N2     . G   A 23 ? 0.0968 0.1533 0.0925 0.0252  -0.0247 -0.0345 2669 G   A N2     
574 N  N3     . G   A 23 ? 0.0974 0.1575 0.0855 0.0169  -0.0223 -0.0203 2669 G   A N3     
575 C  C4     . G   A 23 ? 0.1000 0.1514 0.0857 0.0148  -0.0250 -0.0234 2669 G   A C4     
576 P  P      . A   A 24 ? 0.1341 0.4399 0.1467 -0.0396 0.0248  -0.1113 2670 A   A P      
577 O  OP1    . A   A 24 ? 0.1583 0.4849 0.1538 -0.0671 0.0242  -0.0913 2670 A   A OP1    
578 O  OP2    . A   A 24 ? 0.1512 0.4429 0.1996 -0.0293 0.0166  -0.1409 2670 A   A OP2    
579 O  "O5'"  . A   A 24 ? 0.1239 0.3597 0.1923 -0.0131 0.0106  -0.0942 2670 A   A "O5'"  
580 C  "C5'"  . A   A 24 ? 0.1238 0.3027 0.2106 -0.0132 -0.0002 -0.0640 2670 A   A "C5'"  
581 C  "C4'"  . A   A 24 ? 0.1086 0.2467 0.2134 0.0150  0.0075  -0.0540 2670 A   A "C4'"  
582 O  "O4'"  . A   A 24 ? 0.1075 0.1897 0.2055 0.0359  0.0020  -0.0505 2670 A   A "O4'"  
583 C  "C3'"  . A   A 24 ? 0.1052 0.2563 0.2510 0.0184  0.0132  -0.0609 2670 A   A "C3'"  
584 O  "O3'"  . A   A 24 ? 0.1122 0.3343 0.2833 0.0228  0.0328  -0.0851 2670 A   A "O3'"  
585 C  "C2'"  . A   A 24 ? 0.1158 0.1873 0.2472 0.0148  -0.0041 -0.0523 2670 A   A "C2'"  
586 O  "O2'"  . A   A 24 ? 0.1174 0.1739 0.2527 0.0107  -0.0127 -0.0509 2670 A   A "O2'"  
587 C  "C1'"  . A   A 24 ? 0.1052 0.1812 0.2180 0.0312  -0.0005 -0.0556 2670 A   A "C1'"  
588 N  N9     . A   A 24 ? 0.1050 0.1752 0.1943 0.0231  -0.0031 -0.0561 2670 A   A N9     
589 C  C8     . A   A 24 ? 0.1081 0.1812 0.2042 0.0169  -0.0089 -0.0550 2670 A   A C8     
590 N  N7     . A   A 24 ? 0.1170 0.1665 0.1905 0.0209  -0.0162 -0.0514 2670 A   A N7     
591 C  C5     . A   A 24 ? 0.0994 0.1709 0.1768 0.0284  -0.0012 -0.0603 2670 A   A C5     
592 C  C6     . A   A 24 ? 0.1113 0.1646 0.1912 0.0264  -0.0175 -0.0523 2670 A   A C6     
593 N  N6     . A   A 24 ? 0.1120 0.1459 0.2151 0.0127  -0.0291 -0.0359 2670 A   A N6     
594 N  N1     . A   A 24 ? 0.1101 0.1646 0.1732 0.0256  -0.0099 -0.0549 2670 A   A N1     
595 C  C2     . A   A 24 ? 0.1153 0.1770 0.1451 0.0173  -0.0015 -0.0667 2670 A   A C2     
596 N  N3     . A   A 24 ? 0.1131 0.1834 0.1588 0.0090  -0.0065 -0.0557 2670 A   A N3     
597 C  C4     . A   A 24 ? 0.1014 0.1835 0.1685 0.0251  -0.0018 -0.0563 2670 A   A C4     
598 P  P      . G   A 25 ? 0.1359 0.4060 0.3193 0.0406  0.0449  -0.0995 2671 G   A P      
599 O  OP1    . G   A 25 ? 0.1568 0.4451 0.3079 0.0206  0.0429  -0.0956 2671 G   A OP1    
600 O  OP2    . G   A 25 ? 0.1717 0.4080 0.3195 0.0418  0.0307  -0.1090 2671 G   A OP2    
601 O  "O5'"  . G   A 25 ? 0.1591 0.3651 0.3573 0.0210  0.0363  -0.0395 2671 G   A "O5'"  
602 C  "C5'"  . G   A 25 ? 0.1625 0.2768 0.3713 0.0291  0.0349  0.0371  2671 G   A "C5'"  
603 C  "C4'"  . G   A 25 ? 0.1432 0.2007 0.3728 0.0411  0.0563  0.0845  2671 G   A "C4'"  
604 O  "O4'"  . G   A 25 ? 0.1399 0.1694 0.4081 0.0408  0.0727  0.0798  2671 G   A "O4'"  
605 C  "C3'"  . G   A 25 ? 0.1321 0.1877 0.3173 0.0482  0.0770  0.0946  2671 G   A "C3'"  
606 O  "O3'"  . G   A 25 ? 0.1263 0.2339 0.2694 0.0547  0.0576  0.1026  2671 G   A "O3'"  
607 C  "C2'"  . G   A 25 ? 0.1650 0.1734 0.3319 0.0444  0.0919  0.0635  2671 G   A "C2'"  
608 O  "O2'"  . G   A 25 ? 0.1971 0.1613 0.3143 0.0333  0.1026  0.0340  2671 G   A "O2'"  
609 C  "C1'"  . G   A 25 ? 0.1574 0.1747 0.3787 0.0411  0.0975  0.0496  2671 G   A "C1'"  
610 N  N9     . G   A 25 ? 0.1689 0.1818 0.3733 0.0246  0.1344  0.0160  2671 G   A N9     
611 C  C8     . G   A 25 ? 0.1748 0.2068 0.3984 0.0255  0.1315  0.0066  2671 G   A C8     
612 N  N7     . G   A 25 ? 0.1813 0.2098 0.4003 0.0379  0.1332  -0.0079 2671 G   A N7     
613 C  C5     . G   A 25 ? 0.1884 0.2027 0.3853 0.0274  0.1451  -0.0170 2671 G   A C5     
614 C  C6     . G   A 25 ? 0.2212 0.1910 0.3866 0.0277  0.1354  -0.0351 2671 G   A C6     
615 O  O6     . G   A 25 ? 0.2074 0.2134 0.4082 0.0358  0.1349  -0.0493 2671 G   A O6     
616 N  N1     . G   A 25 ? 0.2368 0.1729 0.3301 0.0212  0.1567  -0.0331 2671 G   A N1     
617 C  C2     . G   A 25 ? 0.2400 0.1502 0.3250 0.0132  0.1620  -0.0372 2671 G   A C2     
618 N  N2     . G   A 25 ? 0.2730 0.1395 0.3235 0.0131  0.1485  -0.0373 2671 G   A N2     
619 N  N3     . G   A 25 ? 0.2128 0.1623 0.3441 0.0198  0.1619  -0.0379 2671 G   A N3     
620 C  C4     . G   A 25 ? 0.1863 0.1679 0.3698 0.0236  0.1501  -0.0146 2671 G   A C4     
621 P  P      . U   A 26 ? 0.1208 0.2959 0.2139 0.0518  0.0451  0.1025  2672 U   A P      
622 O  OP1    . U   A 26 ? 0.1273 0.3258 0.2374 0.0488  0.0346  0.0904  2672 U   A OP1    
623 O  OP2    . U   A 26 ? 0.1537 0.3436 0.2008 0.0346  0.0307  0.1087  2672 U   A OP2    
624 O  "O5'"  . U   A 26 ? 0.1691 0.2297 0.1714 0.0738  0.0353  0.0702  2672 U   A "O5'"  
625 C  "C5'"  . U   A 26 ? 0.2253 0.1949 0.1648 0.0808  0.0175  0.0386  2672 U   A "C5'"  
626 C  "C4'"  . U   A 26 ? 0.2772 0.1867 0.1432 0.0750  0.0124  0.0081  2672 U   A "C4'"  
627 O  "O4'"  . U   A 26 ? 0.2891 0.1635 0.1469 0.0618  0.0327  0.0105  2672 U   A "O4'"  
628 C  "C3'"  . U   A 26 ? 0.2882 0.1835 0.1330 0.0989  -0.0074 -0.0199 2672 U   A "C3'"  
629 O  "O3'"  . U   A 26 ? 0.2827 0.2192 0.1632 0.1215  -0.0528 -0.0572 2672 U   A "O3'"  
630 C  "C2'"  . U   A 26 ? 0.3193 0.1620 0.1332 0.0792  0.0037  -0.0049 2672 U   A "C2'"  
631 O  "O2'"  . U   A 26 ? 0.3770 0.1675 0.1420 0.0638  -0.0272 -0.0102 2672 U   A "O2'"  
632 C  "C1'"  . U   A 26 ? 0.2894 0.1532 0.1509 0.0639  0.0437  0.0006  2672 U   A "C1'"  
633 N  N1     . U   A 26 ? 0.2480 0.1481 0.1762 0.0512  0.0904  0.0193  2672 U   A N1     
634 C  C2     . U   A 26 ? 0.2476 0.1451 0.2016 0.0504  0.1038  0.0126  2672 U   A C2     
635 O  O2     . U   A 26 ? 0.2784 0.1412 0.2139 0.0417  0.0942  0.0212  2672 U   A O2     
636 N  N3     . U   A 26 ? 0.2287 0.1539 0.2259 0.0511  0.1052  0.0215  2672 U   A N3     
637 C  C4     . U   A 26 ? 0.2148 0.1654 0.2364 0.0432  0.1004  0.0462  2672 U   A C4     
638 O  O4     . U   A 26 ? 0.2050 0.2011 0.2756 0.0323  0.0946  0.0420  2672 U   A O4     
639 C  C5     . U   A 26 ? 0.2122 0.1668 0.2147 0.0391  0.1054  0.0489  2672 U   A C5     
640 C  C6     . U   A 26 ? 0.2241 0.1648 0.2064 0.0500  0.0935  0.0396  2672 U   A C6     
641 P  P      . G   A 27 ? 0.2350 0.3010 0.1995 0.1417  -0.0739 -0.0989 2673 G   A P      
642 O  OP1    . G   A 27 ? 0.2467 0.3221 0.2458 0.1260  -0.0939 -0.0918 2673 G   A OP1    
643 O  OP2    . G   A 27 ? 0.2362 0.3534 0.1799 0.1277  -0.0605 -0.0836 2673 G   A OP2    
644 O  "O5'"  . G   A 27 ? 0.2255 0.2851 0.1800 0.1480  -0.0907 -0.0755 2673 G   A "O5'"  
645 C  "C5'"  . G   A 27 ? 0.2490 0.2511 0.1766 0.1309  -0.1067 -0.0800 2673 G   A "C5'"  
646 C  "C4'"  . G   A 27 ? 0.2428 0.2440 0.1780 0.1156  -0.1032 -0.0905 2673 G   A "C4'"  
647 O  "O4'"  . G   A 27 ? 0.2535 0.2380 0.1414 0.1100  -0.0934 -0.0802 2673 G   A "O4'"  
648 C  "C3'"  . G   A 27 ? 0.2293 0.2403 0.1786 0.1125  -0.0932 -0.1048 2673 G   A "C3'"  
649 O  "O3'"  . G   A 27 ? 0.2265 0.2653 0.2079 0.1022  -0.0952 -0.1244 2673 G   A "O3'"  
650 C  "C2'"  . G   A 27 ? 0.2471 0.2360 0.1848 0.1030  -0.1040 -0.0736 2673 G   A "C2'"  
651 O  "O2'"  . G   A 27 ? 0.2645 0.2433 0.2381 0.0913  -0.1276 -0.0609 2673 G   A "O2'"  
652 C  "C1'"  . G   A 27 ? 0.2460 0.2247 0.1284 0.1043  -0.0822 -0.0661 2673 G   A "C1'"  
653 N  N9     . G   A 27 ? 0.2097 0.2224 0.1163 0.0913  -0.0477 -0.0459 2673 G   A N9     
654 C  C8     . G   A 27 ? 0.1831 0.2204 0.1148 0.0921  -0.0327 -0.0412 2673 G   A C8     
655 N  N7     . G   A 27 ? 0.1700 0.2339 0.1145 0.0800  -0.0144 -0.0488 2673 G   A N7     
656 C  C5     . G   A 27 ? 0.1682 0.2351 0.0980 0.0884  -0.0114 -0.0321 2673 G   A C5     
657 C  C6     . G   A 27 ? 0.1691 0.2422 0.1056 0.0742  -0.0105 -0.0083 2673 G   A C6     
658 O  O6     . G   A 27 ? 0.1577 0.2492 0.1189 0.0567  -0.0119 0.0118  2673 G   A O6     
659 N  N1     . G   A 27 ? 0.1634 0.2275 0.1080 0.0910  -0.0065 -0.0250 2673 G   A N1     
660 C  C2     . G   A 27 ? 0.1861 0.2146 0.1100 0.0976  -0.0258 -0.0302 2673 G   A C2     
661 N  N2     . G   A 27 ? 0.2162 0.1995 0.1146 0.0848  -0.0378 -0.0346 2673 G   A N2     
662 N  N3     . G   A 27 ? 0.2001 0.2088 0.1016 0.0969  -0.0336 -0.0405 2673 G   A N3     
663 C  C4     . G   A 27 ? 0.1976 0.2103 0.1041 0.0955  -0.0339 -0.0381 2673 G   A C4     
# 
